data_3X43
#
_entry.id   3X43
#
_cell.length_a   72.480
_cell.length_b   154.130
_cell.length_c   118.520
_cell.angle_alpha   90.00
_cell.angle_beta   90.48
_cell.angle_gamma   90.00
#
_symmetry.space_group_name_H-M   'P 1 21 1'
#
loop_
_entity.id
_entity.type
_entity.pdbx_description
1 polymer 'O-ureido-L-serine synthase'
2 non-polymer "PYRIDOXAL-5'-PHOSPHATE"
3 water water
#
_entity_poly.entity_id   1
_entity_poly.type   'polypeptide(L)'
_entity_poly.pdbx_seq_one_letter_code
;MPLFNSILDTIGRTPIVRLQRMAPEHTSVYVKVESFNPGGSVKDRLALSVVLDAEAKGLLKPGDTIVECTSGNVGIALAM
VAAARGYRFVAVMGDTYSVERRKLIRAYGGKLVLFPGHLGSKGGNLIADELAEKYGWFRARQFDNPANPSYHRETTASEI
LADFAGKRLDHFVTGFGTTGTLTGVGQMLRVARPEVRVVALEPSNAAMLARGEWSPHQIQGLAPNFVPGVLDRSVIDDLV
TMDEVTARDTSRRLAAEEGIFAGISAGATVATALSIAEHAPEGTVLLAMLPDTGERYLSTFLFDGVDEGSDDAWLASLDT
GSGLLEHHHHHH
;
_entity_poly.pdbx_strand_id   A,B,C,D,E,F,G,H
#
# COMPACT_ATOMS: atom_id res chain seq x y z
N PRO A 2 -17.47 22.37 4.66
CA PRO A 2 -17.61 20.93 4.42
C PRO A 2 -16.26 20.22 4.24
N LEU A 3 -16.29 18.89 4.23
CA LEU A 3 -15.10 18.07 4.07
C LEU A 3 -14.32 18.47 2.83
N PHE A 4 -13.01 18.27 2.88
CA PHE A 4 -12.16 18.57 1.73
C PHE A 4 -11.55 17.25 1.32
N ASN A 5 -11.38 17.06 0.02
CA ASN A 5 -10.82 15.83 -0.48
C ASN A 5 -9.32 15.78 -0.36
N SER A 6 -8.66 16.88 -0.69
CA SER A 6 -7.21 16.94 -0.63
C SER A 6 -6.79 18.23 0.07
N ILE A 7 -5.60 18.24 0.64
CA ILE A 7 -5.09 19.43 1.30
C ILE A 7 -4.99 20.55 0.27
N LEU A 8 -4.80 20.19 -0.99
CA LEU A 8 -4.67 21.19 -2.05
C LEU A 8 -5.94 22.00 -2.28
N ASP A 9 -7.09 21.45 -1.89
CA ASP A 9 -8.39 22.13 -2.04
C ASP A 9 -8.58 23.25 -1.01
N THR A 10 -7.57 23.48 -0.18
CA THR A 10 -7.61 24.52 0.85
C THR A 10 -6.81 25.75 0.45
N ILE A 11 -6.17 25.68 -0.70
CA ILE A 11 -5.36 26.78 -1.19
C ILE A 11 -6.22 27.97 -1.60
N GLY A 12 -5.77 29.17 -1.25
CA GLY A 12 -6.50 30.36 -1.61
C GLY A 12 -7.62 30.71 -0.63
N ARG A 13 -8.51 31.60 -1.06
CA ARG A 13 -9.61 32.04 -0.22
C ARG A 13 -9.08 32.51 1.14
N THR A 14 -7.96 33.21 1.12
CA THR A 14 -7.34 33.70 2.34
C THR A 14 -8.06 34.95 2.89
N PRO A 15 -8.01 35.16 4.21
CA PRO A 15 -8.66 36.31 4.85
C PRO A 15 -8.02 37.67 4.69
N ILE A 16 -8.87 38.69 4.70
CA ILE A 16 -8.42 40.07 4.61
C ILE A 16 -8.88 40.64 5.95
N VAL A 17 -7.94 41.16 6.73
CA VAL A 17 -8.24 41.72 8.04
C VAL A 17 -7.86 43.19 8.13
N ARG A 18 -8.60 43.92 8.95
CA ARG A 18 -8.40 45.36 9.17
C ARG A 18 -7.44 45.58 10.32
N LEU A 19 -6.45 46.45 10.11
CA LEU A 19 -5.50 46.74 11.18
C LEU A 19 -6.26 47.58 12.21
N GLN A 20 -6.14 47.17 13.47
CA GLN A 20 -6.82 47.83 14.58
C GLN A 20 -6.19 49.12 15.11
N ARG A 21 -4.87 49.15 15.24
CA ARG A 21 -4.22 50.34 15.78
C ARG A 21 -3.06 50.96 14.99
N MET A 22 -2.45 50.21 14.10
CA MET A 22 -1.31 50.70 13.34
C MET A 22 -1.56 51.79 12.29
N ALA A 23 -2.81 51.95 11.85
CA ALA A 23 -3.08 52.94 10.83
C ALA A 23 -3.71 54.23 11.28
N PRO A 24 -3.42 55.33 10.57
CA PRO A 24 -3.96 56.66 10.90
C PRO A 24 -5.48 56.53 11.06
N GLU A 25 -6.00 57.07 12.15
CA GLU A 25 -7.43 56.99 12.45
C GLU A 25 -8.37 57.43 11.34
N HIS A 26 -7.95 58.42 10.55
CA HIS A 26 -8.81 58.91 9.46
C HIS A 26 -8.77 57.97 8.26
N THR A 27 -7.99 56.91 8.36
CA THR A 27 -7.84 55.95 7.29
C THR A 27 -8.07 54.50 7.71
N SER A 28 -8.28 53.63 6.72
CA SER A 28 -8.50 52.22 6.96
C SER A 28 -7.51 51.40 6.14
N VAL A 29 -6.73 50.58 6.83
CA VAL A 29 -5.75 49.74 6.16
C VAL A 29 -6.15 48.28 6.37
N TYR A 30 -6.32 47.58 5.26
CA TYR A 30 -6.68 46.17 5.31
C TYR A 30 -5.47 45.39 4.87
N VAL A 31 -5.42 44.13 5.26
CA VAL A 31 -4.28 43.29 4.94
C VAL A 31 -4.73 41.88 4.50
N LYS A 32 -4.14 41.38 3.41
CA LYS A 32 -4.47 40.05 2.90
C LYS A 32 -3.40 39.09 3.36
N VAL A 33 -3.78 38.21 4.30
CA VAL A 33 -2.87 37.25 4.88
C VAL A 33 -2.75 35.93 4.10
N GLU A 34 -1.75 35.85 3.23
CA GLU A 34 -1.50 34.67 2.42
C GLU A 34 -0.81 33.52 3.16
N SER A 35 -0.47 33.74 4.43
CA SER A 35 0.16 32.67 5.20
C SER A 35 -0.89 31.62 5.59
N PHE A 36 -2.16 31.93 5.36
CA PHE A 36 -3.23 31.00 5.66
C PHE A 36 -3.19 29.84 4.67
N ASN A 37 -2.53 30.03 3.53
CA ASN A 37 -2.41 28.94 2.56
C ASN A 37 -1.69 27.80 3.30
N PRO A 38 -1.96 26.54 2.92
CA PRO A 38 -1.32 25.40 3.59
C PRO A 38 0.20 25.44 3.58
N GLY A 39 0.76 26.02 2.52
CA GLY A 39 2.20 26.10 2.38
C GLY A 39 2.83 27.31 3.07
N GLY A 40 2.01 28.10 3.74
CA GLY A 40 2.56 29.25 4.44
C GLY A 40 2.78 30.54 3.66
N SER A 41 2.55 30.52 2.34
CA SER A 41 2.74 31.73 1.55
C SER A 41 1.83 31.79 0.32
N VAL A 42 1.92 32.88 -0.42
CA VAL A 42 1.13 33.09 -1.63
C VAL A 42 1.59 32.14 -2.74
N LYS A 43 2.80 31.60 -2.63
CA LYS A 43 3.31 30.70 -3.68
C LYS A 43 2.47 29.44 -3.89
N ASP A 44 1.63 29.08 -2.93
CA ASP A 44 0.79 27.91 -3.08
C ASP A 44 -0.12 28.11 -4.29
N ARG A 45 -0.44 29.37 -4.60
CA ARG A 45 -1.31 29.66 -5.73
C ARG A 45 -0.66 29.29 -7.06
N LEU A 46 0.56 29.75 -7.29
CA LEU A 46 1.21 29.43 -8.56
C LEU A 46 1.65 27.97 -8.65
N ALA A 47 2.04 27.38 -7.52
CA ALA A 47 2.45 25.98 -7.53
C ALA A 47 1.27 25.10 -7.93
N LEU A 48 0.10 25.36 -7.35
CA LEU A 48 -1.08 24.57 -7.71
C LEU A 48 -1.46 24.81 -9.16
N SER A 49 -1.55 26.07 -9.54
CA SER A 49 -1.92 26.45 -10.89
C SER A 49 -0.96 25.89 -11.95
N VAL A 50 0.34 26.06 -11.74
CA VAL A 50 1.30 25.56 -12.72
C VAL A 50 1.14 24.06 -12.95
N VAL A 51 1.07 23.28 -11.87
CA VAL A 51 0.93 21.83 -11.94
C VAL A 51 -0.37 21.39 -12.60
N LEU A 52 -1.48 22.05 -12.27
CA LEU A 52 -2.77 21.69 -12.85
C LEU A 52 -2.83 22.02 -14.34
N ASP A 53 -2.19 23.11 -14.72
CA ASP A 53 -2.15 23.49 -16.12
C ASP A 53 -1.35 22.44 -16.89
N ALA A 54 -0.16 22.12 -16.39
CA ALA A 54 0.70 21.12 -17.01
C ALA A 54 0.00 19.77 -17.14
N GLU A 55 -0.78 19.40 -16.13
CA GLU A 55 -1.49 18.13 -16.18
C GLU A 55 -2.52 18.16 -17.31
N ALA A 56 -3.27 19.25 -17.38
CA ALA A 56 -4.28 19.38 -18.42
C ALA A 56 -3.61 19.34 -19.78
N LYS A 57 -2.44 19.97 -19.88
CA LYS A 57 -1.68 20.02 -21.13
C LYS A 57 -1.02 18.67 -21.46
N GLY A 58 -1.01 17.77 -20.50
CA GLY A 58 -0.41 16.46 -20.72
C GLY A 58 1.10 16.50 -20.59
N LEU A 59 1.62 17.56 -19.99
CA LEU A 59 3.06 17.71 -19.81
C LEU A 59 3.52 17.10 -18.50
N LEU A 60 2.60 16.95 -17.56
CA LEU A 60 2.92 16.39 -16.26
C LEU A 60 2.08 15.15 -15.99
N LYS A 61 2.73 14.09 -15.52
CA LYS A 61 2.05 12.85 -15.22
C LYS A 61 2.56 12.39 -13.87
N PRO A 62 1.67 11.94 -12.98
CA PRO A 62 2.11 11.49 -11.67
C PRO A 62 3.32 10.56 -11.77
N GLY A 63 4.35 10.85 -10.98
CA GLY A 63 5.55 10.05 -11.03
C GLY A 63 6.68 10.85 -11.64
N ASP A 64 6.31 11.85 -12.46
CA ASP A 64 7.28 12.72 -13.11
C ASP A 64 8.06 13.54 -12.09
N THR A 65 9.13 14.19 -12.53
CA THR A 65 9.93 15.01 -11.63
C THR A 65 9.83 16.48 -11.99
N ILE A 66 9.58 17.31 -10.99
CA ILE A 66 9.45 18.75 -11.19
C ILE A 66 10.71 19.41 -10.65
N VAL A 67 11.25 20.37 -11.40
CA VAL A 67 12.44 21.08 -10.98
C VAL A 67 12.20 22.55 -11.18
N GLU A 68 12.71 23.37 -10.26
CA GLU A 68 12.52 24.81 -10.35
C GLU A 68 13.53 25.55 -9.51
N CYS A 69 13.96 26.71 -10.01
CA CYS A 69 14.90 27.56 -9.31
C CYS A 69 14.06 28.28 -8.25
N THR A 70 14.54 28.33 -7.01
CA THR A 70 13.76 28.97 -5.96
C THR A 70 14.56 29.78 -4.95
N SER A 71 13.85 30.73 -4.32
CA SER A 71 14.43 31.59 -3.30
C SER A 71 13.97 31.04 -1.95
N GLY A 72 13.03 30.10 -2.01
CA GLY A 72 12.52 29.50 -0.80
C GLY A 72 11.06 29.10 -0.90
N ASN A 73 10.18 30.09 -0.95
CA ASN A 73 8.74 29.82 -1.00
C ASN A 73 8.24 28.96 -2.17
N VAL A 74 8.67 29.28 -3.39
CA VAL A 74 8.26 28.50 -4.54
C VAL A 74 8.66 27.04 -4.33
N GLY A 75 9.85 26.84 -3.78
CA GLY A 75 10.32 25.49 -3.53
C GLY A 75 9.42 24.74 -2.56
N ILE A 76 9.05 25.41 -1.48
CA ILE A 76 8.20 24.81 -0.48
C ILE A 76 6.85 24.45 -1.12
N ALA A 77 6.25 25.43 -1.79
CA ALA A 77 4.95 25.23 -2.43
C ALA A 77 4.98 24.06 -3.39
N LEU A 78 5.93 24.11 -4.33
CA LEU A 78 6.08 23.06 -5.32
C LEU A 78 6.29 21.73 -4.62
N ALA A 79 7.18 21.71 -3.63
CA ALA A 79 7.45 20.50 -2.88
C ALA A 79 6.19 19.96 -2.22
N MET A 80 5.38 20.87 -1.67
CA MET A 80 4.15 20.46 -1.01
C MET A 80 3.18 19.85 -2.02
N VAL A 81 3.02 20.50 -3.16
CA VAL A 81 2.10 20.03 -4.19
C VAL A 81 2.59 18.71 -4.78
N ALA A 82 3.91 18.55 -4.88
CA ALA A 82 4.47 17.32 -5.42
C ALA A 82 4.11 16.17 -4.48
N ALA A 83 4.30 16.40 -3.19
CA ALA A 83 3.99 15.42 -2.17
C ALA A 83 2.51 15.05 -2.21
N ALA A 84 1.66 16.05 -2.46
CA ALA A 84 0.22 15.85 -2.49
C ALA A 84 -0.32 15.17 -3.74
N ARG A 85 0.35 15.38 -4.88
CA ARG A 85 -0.13 14.78 -6.12
C ARG A 85 0.69 13.60 -6.66
N GLY A 86 1.70 13.19 -5.92
CA GLY A 86 2.51 12.05 -6.33
C GLY A 86 3.61 12.38 -7.33
N TYR A 87 4.26 13.51 -7.16
CA TYR A 87 5.34 13.92 -8.04
C TYR A 87 6.61 14.01 -7.23
N ARG A 88 7.73 13.99 -7.93
CA ARG A 88 9.03 14.13 -7.29
C ARG A 88 9.39 15.60 -7.50
N PHE A 89 10.10 16.20 -6.55
CA PHE A 89 10.45 17.60 -6.70
C PHE A 89 11.93 17.86 -6.41
N VAL A 90 12.56 18.64 -7.29
CA VAL A 90 13.97 19.00 -7.14
C VAL A 90 14.11 20.52 -7.17
N ALA A 91 14.59 21.08 -6.07
CA ALA A 91 14.76 22.52 -5.96
C ALA A 91 16.20 22.95 -6.22
N VAL A 92 16.35 24.06 -6.93
CA VAL A 92 17.66 24.62 -7.25
C VAL A 92 17.72 25.93 -6.46
N MET A 93 18.51 25.94 -5.39
CA MET A 93 18.60 27.14 -4.55
C MET A 93 20.04 27.54 -4.18
N GLY A 94 20.23 28.84 -3.97
CA GLY A 94 21.56 29.34 -3.60
C GLY A 94 21.82 29.19 -2.12
N ASP A 95 23.05 28.82 -1.76
CA ASP A 95 23.41 28.64 -0.36
C ASP A 95 23.13 29.87 0.49
N THR A 96 23.05 31.03 -0.15
CA THR A 96 22.79 32.29 0.54
C THR A 96 21.57 32.22 1.44
N TYR A 97 20.57 31.44 1.04
CA TYR A 97 19.33 31.34 1.82
C TYR A 97 19.43 30.38 3.01
N SER A 98 18.69 30.72 4.06
CA SER A 98 18.65 29.96 5.32
C SER A 98 18.44 28.45 5.22
N VAL A 99 19.15 27.72 6.06
CA VAL A 99 19.06 26.26 6.08
C VAL A 99 17.67 25.83 6.55
N GLU A 100 16.92 26.79 7.10
CA GLU A 100 15.57 26.53 7.57
C GLU A 100 14.63 26.53 6.37
N ARG A 101 15.12 27.04 5.26
CA ARG A 101 14.32 27.05 4.03
C ARG A 101 14.65 25.75 3.34
N ARG A 102 15.75 25.13 3.77
CA ARG A 102 16.21 23.87 3.23
C ARG A 102 15.44 22.73 3.88
N LYS A 103 15.34 22.78 5.21
CA LYS A 103 14.62 21.75 5.95
C LYS A 103 13.17 21.72 5.50
N LEU A 104 12.59 22.90 5.28
CA LEU A 104 11.21 23.02 4.84
C LEU A 104 10.94 22.31 3.51
N ILE A 105 11.88 22.41 2.57
CA ILE A 105 11.72 21.76 1.26
C ILE A 105 11.92 20.27 1.42
N ARG A 106 12.82 19.89 2.33
CA ARG A 106 13.11 18.50 2.58
C ARG A 106 11.99 17.84 3.37
N ALA A 107 11.36 18.60 4.26
CA ALA A 107 10.25 18.08 5.07
C ALA A 107 9.17 17.49 4.17
N TYR A 108 8.96 18.12 3.02
CA TYR A 108 7.96 17.67 2.07
C TYR A 108 8.52 16.59 1.16
N GLY A 109 9.73 16.13 1.45
CA GLY A 109 10.36 15.08 0.65
C GLY A 109 11.06 15.59 -0.60
N GLY A 110 11.20 16.90 -0.72
CA GLY A 110 11.85 17.46 -1.88
C GLY A 110 13.35 17.25 -1.89
N LYS A 111 13.95 17.31 -3.08
CA LYS A 111 15.38 17.16 -3.24
C LYS A 111 15.97 18.55 -3.39
N LEU A 112 17.19 18.75 -2.87
CA LEU A 112 17.85 20.05 -2.92
C LEU A 112 19.19 20.08 -3.66
N VAL A 113 19.30 21.02 -4.61
CA VAL A 113 20.52 21.21 -5.38
C VAL A 113 20.95 22.68 -5.21
N LEU A 114 22.12 22.89 -4.62
CA LEU A 114 22.62 24.23 -4.36
C LEU A 114 23.65 24.81 -5.33
N PHE A 115 23.63 26.14 -5.46
CA PHE A 115 24.56 26.88 -6.32
C PHE A 115 24.96 28.20 -5.63
N PRO A 116 26.09 28.81 -6.04
CA PRO A 116 26.59 30.08 -5.47
C PRO A 116 25.56 31.21 -5.45
N GLY A 117 25.20 31.64 -4.24
CA GLY A 117 24.20 32.69 -4.08
C GLY A 117 24.26 33.93 -4.95
N HIS A 118 25.45 34.38 -5.31
CA HIS A 118 25.62 35.59 -6.12
C HIS A 118 25.06 35.49 -7.55
N LEU A 119 24.99 34.29 -8.10
CA LEU A 119 24.47 34.09 -9.45
C LEU A 119 23.02 34.58 -9.54
N GLY A 120 22.32 34.54 -8.41
CA GLY A 120 20.95 34.99 -8.36
C GLY A 120 19.99 34.09 -9.14
N SER A 121 18.75 34.55 -9.25
CA SER A 121 17.72 33.81 -9.96
C SER A 121 18.14 33.50 -11.39
N LYS A 122 18.96 34.37 -11.96
CA LYS A 122 19.45 34.19 -13.34
C LYS A 122 20.32 32.94 -13.47
N GLY A 123 21.15 32.68 -12.47
CA GLY A 123 22.03 31.53 -12.50
C GLY A 123 21.35 30.21 -12.20
N GLY A 124 20.43 30.23 -11.23
CA GLY A 124 19.70 29.03 -10.86
C GLY A 124 18.80 28.57 -12.00
N ASN A 125 18.11 29.51 -12.60
CA ASN A 125 17.22 29.23 -13.72
C ASN A 125 18.01 28.50 -14.81
N LEU A 126 19.25 28.92 -15.00
CA LEU A 126 20.12 28.32 -16.01
C LEU A 126 20.46 26.90 -15.60
N ILE A 127 20.63 26.68 -14.30
CA ILE A 127 20.95 25.35 -13.79
C ILE A 127 19.72 24.45 -13.86
N ALA A 128 18.58 24.95 -13.39
CA ALA A 128 17.35 24.19 -13.43
C ALA A 128 17.15 23.68 -14.84
N ASP A 129 17.40 24.54 -15.81
CA ASP A 129 17.23 24.22 -17.22
C ASP A 129 18.12 23.09 -17.71
N GLU A 130 19.39 23.09 -17.30
CA GLU A 130 20.33 22.04 -17.70
C GLU A 130 19.82 20.69 -17.22
N LEU A 131 19.48 20.63 -15.94
CA LEU A 131 18.96 19.40 -15.33
C LEU A 131 17.70 18.94 -16.04
N ALA A 132 16.88 19.89 -16.47
CA ALA A 132 15.64 19.56 -17.15
C ALA A 132 15.93 18.78 -18.45
N GLU A 133 16.86 19.28 -19.24
CA GLU A 133 17.22 18.62 -20.50
C GLU A 133 17.90 17.29 -20.21
N LYS A 134 18.86 17.33 -19.31
CA LYS A 134 19.62 16.14 -18.94
C LYS A 134 18.76 14.96 -18.49
N TYR A 135 17.69 15.23 -17.75
CA TYR A 135 16.83 14.17 -17.25
C TYR A 135 15.36 14.17 -17.67
N GLY A 136 14.98 15.10 -18.54
CA GLY A 136 13.60 15.15 -19.00
C GLY A 136 12.62 15.64 -17.95
N TRP A 137 13.15 16.29 -16.93
CA TRP A 137 12.35 16.82 -15.85
C TRP A 137 11.47 17.99 -16.28
N PHE A 138 10.34 18.16 -15.61
CA PHE A 138 9.43 19.25 -15.95
C PHE A 138 9.88 20.58 -15.37
N ARG A 139 9.86 21.62 -16.19
CA ARG A 139 10.25 22.96 -15.73
C ARG A 139 9.00 23.81 -15.43
N ALA A 140 8.88 24.30 -14.20
CA ALA A 140 7.72 25.11 -13.81
C ALA A 140 7.77 26.51 -14.42
N ARG A 141 8.96 27.12 -14.44
CA ARG A 141 9.16 28.44 -15.03
C ARG A 141 8.17 29.49 -14.51
N GLN A 142 8.31 29.82 -13.24
CA GLN A 142 7.42 30.76 -12.57
C GLN A 142 7.43 32.19 -13.11
N PHE A 143 8.50 32.58 -13.78
CA PHE A 143 8.58 33.94 -14.29
C PHE A 143 8.01 34.11 -15.67
N ASP A 144 7.77 32.99 -16.36
CA ASP A 144 7.21 33.04 -17.71
C ASP A 144 5.93 32.23 -17.88
N ASN A 145 5.64 31.35 -16.93
CA ASN A 145 4.44 30.53 -17.02
C ASN A 145 3.19 31.40 -16.87
N PRO A 146 2.38 31.51 -17.93
CA PRO A 146 1.18 32.34 -17.80
C PRO A 146 0.22 31.85 -16.70
N ALA A 147 0.36 30.59 -16.29
CA ALA A 147 -0.50 30.03 -15.27
C ALA A 147 -0.34 30.75 -13.94
N ASN A 148 0.80 31.41 -13.76
CA ASN A 148 1.09 32.14 -12.53
C ASN A 148 0.15 33.34 -12.38
N PRO A 149 0.25 34.32 -13.29
CA PRO A 149 -0.66 35.47 -13.17
C PRO A 149 -2.13 35.08 -13.38
N SER A 150 -2.35 34.06 -14.19
CA SER A 150 -3.72 33.62 -14.47
C SER A 150 -4.47 33.17 -13.20
N TYR A 151 -3.78 32.46 -12.32
CA TYR A 151 -4.44 32.00 -11.11
C TYR A 151 -4.78 33.16 -10.16
N HIS A 152 -4.02 34.26 -10.23
CA HIS A 152 -4.30 35.43 -9.40
C HIS A 152 -5.51 36.18 -9.93
N ARG A 153 -5.73 36.13 -11.23
CA ARG A 153 -6.90 36.79 -11.81
C ARG A 153 -8.16 36.07 -11.34
N GLU A 154 -8.06 34.75 -11.32
CA GLU A 154 -9.17 33.89 -10.96
C GLU A 154 -9.45 33.74 -9.49
N THR A 155 -8.42 33.80 -8.67
CA THR A 155 -8.64 33.64 -7.24
C THR A 155 -8.35 34.91 -6.42
N THR A 156 -7.08 35.24 -6.21
CA THR A 156 -6.70 36.43 -5.42
C THR A 156 -7.61 37.62 -5.74
N ALA A 157 -7.69 37.97 -7.02
CA ALA A 157 -8.50 39.09 -7.47
C ALA A 157 -9.96 38.93 -7.11
N SER A 158 -10.50 37.74 -7.34
CA SER A 158 -11.90 37.46 -7.05
C SER A 158 -12.16 37.59 -5.56
N GLU A 159 -11.21 37.15 -4.75
CA GLU A 159 -11.39 37.25 -3.31
C GLU A 159 -11.39 38.73 -2.93
N ILE A 160 -10.49 39.49 -3.51
CA ILE A 160 -10.41 40.91 -3.19
C ILE A 160 -11.66 41.64 -3.67
N LEU A 161 -12.06 41.41 -4.92
CA LEU A 161 -13.24 42.06 -5.46
C LEU A 161 -14.50 41.70 -4.68
N ALA A 162 -14.67 40.43 -4.36
CA ALA A 162 -15.83 39.98 -3.61
C ALA A 162 -15.84 40.60 -2.20
N ASP A 163 -14.69 40.62 -1.54
CA ASP A 163 -14.66 41.17 -0.20
C ASP A 163 -15.02 42.66 -0.12
N PHE A 164 -14.70 43.41 -1.17
CA PHE A 164 -14.95 44.84 -1.19
C PHE A 164 -16.16 45.31 -2.03
N ALA A 165 -16.92 44.35 -2.56
CA ALA A 165 -18.09 44.69 -3.36
C ALA A 165 -19.00 45.63 -2.59
N GLY A 166 -19.30 46.79 -3.18
CA GLY A 166 -20.17 47.76 -2.54
C GLY A 166 -19.51 48.53 -1.43
N LYS A 167 -18.19 48.45 -1.34
CA LYS A 167 -17.47 49.14 -0.29
C LYS A 167 -16.35 50.00 -0.84
N ARG A 168 -15.85 50.89 -0.02
CA ARG A 168 -14.77 51.76 -0.48
C ARG A 168 -13.42 51.07 -0.42
N LEU A 169 -12.67 51.20 -1.51
CA LEU A 169 -11.32 50.67 -1.62
C LEU A 169 -10.59 51.71 -2.49
N ASP A 170 -9.47 52.24 -2.01
CA ASP A 170 -8.76 53.27 -2.76
C ASP A 170 -7.37 52.93 -3.23
N HIS A 171 -6.68 52.08 -2.47
CA HIS A 171 -5.32 51.67 -2.83
C HIS A 171 -5.08 50.18 -2.65
N PHE A 172 -4.21 49.62 -3.48
CA PHE A 172 -3.83 48.22 -3.41
C PHE A 172 -2.31 48.19 -3.49
N VAL A 173 -1.66 47.77 -2.40
CA VAL A 173 -0.19 47.75 -2.36
C VAL A 173 0.44 46.37 -2.38
N THR A 174 1.42 46.19 -3.25
CA THR A 174 2.09 44.91 -3.35
C THR A 174 3.49 45.01 -3.95
N GLY A 175 4.38 44.17 -3.46
CA GLY A 175 5.72 44.16 -4.00
C GLY A 175 5.65 43.15 -5.13
N PHE A 176 6.79 42.71 -5.66
CA PHE A 176 6.74 41.72 -6.72
C PHE A 176 8.02 40.95 -6.83
N GLY A 177 7.87 39.68 -7.20
CA GLY A 177 8.99 38.77 -7.38
C GLY A 177 8.82 38.21 -8.77
N THR A 178 7.78 37.39 -8.94
CA THR A 178 7.48 36.81 -10.24
C THR A 178 6.59 37.83 -10.97
N THR A 179 5.92 38.66 -10.19
CA THR A 179 5.00 39.71 -10.64
C THR A 179 3.60 39.14 -10.96
N GLY A 180 3.38 37.88 -10.57
CA GLY A 180 2.11 37.24 -10.82
C GLY A 180 0.95 37.91 -10.10
N THR A 181 1.15 38.24 -8.84
CA THR A 181 0.11 38.89 -8.04
C THR A 181 -0.23 40.26 -8.60
N LEU A 182 0.81 41.08 -8.78
CA LEU A 182 0.68 42.43 -9.33
C LEU A 182 -0.03 42.42 -10.68
N THR A 183 0.43 41.56 -11.57
CA THR A 183 -0.14 41.45 -12.91
C THR A 183 -1.56 40.92 -12.90
N GLY A 184 -1.77 39.78 -12.21
CA GLY A 184 -3.10 39.19 -12.13
C GLY A 184 -4.14 40.05 -11.44
N VAL A 185 -3.82 40.51 -10.23
CA VAL A 185 -4.75 41.35 -9.47
C VAL A 185 -4.88 42.70 -10.16
N GLY A 186 -3.76 43.21 -10.64
CA GLY A 186 -3.76 44.50 -11.30
C GLY A 186 -4.62 44.57 -12.55
N GLN A 187 -4.53 43.56 -13.40
CA GLN A 187 -5.31 43.57 -14.63
C GLN A 187 -6.80 43.44 -14.35
N MET A 188 -7.16 42.73 -13.28
CA MET A 188 -8.58 42.57 -12.95
C MET A 188 -9.07 43.80 -12.21
N LEU A 189 -8.18 44.48 -11.52
CA LEU A 189 -8.57 45.70 -10.81
C LEU A 189 -8.88 46.73 -11.91
N ARG A 190 -8.08 46.74 -12.97
CA ARG A 190 -8.29 47.67 -14.06
C ARG A 190 -9.69 47.52 -14.63
N VAL A 191 -10.05 46.28 -14.95
CA VAL A 191 -11.37 46.01 -15.51
C VAL A 191 -12.55 46.33 -14.58
N ALA A 192 -12.53 45.82 -13.35
CA ALA A 192 -13.63 46.03 -12.43
C ALA A 192 -13.62 47.34 -11.64
N ARG A 193 -12.43 47.78 -11.22
CA ARG A 193 -12.30 49.00 -10.44
C ARG A 193 -11.07 49.81 -10.88
N PRO A 194 -11.15 50.44 -12.07
CA PRO A 194 -10.06 51.25 -12.62
C PRO A 194 -9.56 52.38 -11.72
N GLU A 195 -10.45 52.90 -10.86
CA GLU A 195 -10.10 53.99 -9.95
C GLU A 195 -9.03 53.56 -8.95
N VAL A 196 -9.22 52.39 -8.34
CA VAL A 196 -8.26 51.88 -7.37
C VAL A 196 -6.86 52.05 -7.94
N ARG A 197 -5.92 52.49 -7.12
CA ARG A 197 -4.56 52.68 -7.58
C ARG A 197 -3.63 51.50 -7.26
N VAL A 198 -3.03 50.93 -8.28
CA VAL A 198 -2.13 49.81 -8.08
C VAL A 198 -0.77 50.36 -7.67
N VAL A 199 -0.42 50.13 -6.41
CA VAL A 199 0.86 50.58 -5.90
C VAL A 199 1.84 49.41 -5.91
N ALA A 200 2.94 49.56 -6.65
CA ALA A 200 3.95 48.52 -6.76
C ALA A 200 5.29 49.00 -6.17
N LEU A 201 5.76 48.30 -5.15
CA LEU A 201 7.00 48.67 -4.50
C LEU A 201 8.15 47.75 -4.85
N GLU A 202 9.35 48.28 -4.74
CA GLU A 202 10.58 47.54 -4.99
C GLU A 202 11.59 47.97 -3.93
N PRO A 203 12.55 47.10 -3.61
CA PRO A 203 13.54 47.49 -2.59
C PRO A 203 14.40 48.67 -3.09
N SER A 204 14.62 49.65 -2.22
CA SER A 204 15.43 50.81 -2.56
C SER A 204 16.68 50.46 -3.37
N ASN A 205 17.39 49.43 -2.94
CA ASN A 205 18.62 49.01 -3.60
C ASN A 205 18.44 48.08 -4.80
N ALA A 206 17.19 47.85 -5.20
CA ALA A 206 16.93 46.95 -6.32
C ALA A 206 15.81 47.44 -7.23
N ALA A 207 15.84 48.73 -7.58
CA ALA A 207 14.81 49.30 -8.44
C ALA A 207 15.00 48.85 -9.89
N MET A 208 14.73 47.58 -10.13
CA MET A 208 14.86 47.00 -11.46
C MET A 208 13.93 47.67 -12.47
N LEU A 209 12.81 48.19 -12.00
CA LEU A 209 11.82 48.83 -12.85
C LEU A 209 12.01 50.35 -12.93
N ALA A 210 12.22 50.96 -11.77
CA ALA A 210 12.41 52.39 -11.66
C ALA A 210 13.71 52.89 -12.27
N ARG A 211 14.80 52.17 -12.05
CA ARG A 211 16.10 52.58 -12.57
C ARG A 211 16.90 51.46 -13.23
N GLY A 212 16.26 50.32 -13.45
CA GLY A 212 16.94 49.21 -14.09
C GLY A 212 18.16 48.70 -13.34
N GLU A 213 18.25 49.04 -12.05
CA GLU A 213 19.38 48.59 -11.24
C GLU A 213 18.97 47.47 -10.31
N TRP A 214 19.94 46.62 -9.97
CA TRP A 214 19.71 45.51 -9.06
C TRP A 214 20.93 45.29 -8.18
N SER A 215 20.70 44.70 -7.00
CA SER A 215 21.77 44.41 -6.05
C SER A 215 21.21 43.55 -4.93
N PRO A 216 21.91 42.47 -4.55
CA PRO A 216 21.41 41.60 -3.48
C PRO A 216 20.84 42.41 -2.32
N HIS A 217 19.58 42.15 -1.99
CA HIS A 217 18.90 42.85 -0.91
C HIS A 217 18.41 41.82 0.09
N GLN A 218 17.67 42.27 1.09
CA GLN A 218 17.17 41.36 2.11
C GLN A 218 15.65 41.23 2.22
N ILE A 219 14.92 41.87 1.31
CA ILE A 219 13.48 41.76 1.33
C ILE A 219 13.13 40.52 0.52
N GLN A 220 13.30 39.36 1.14
CA GLN A 220 13.06 38.06 0.52
C GLN A 220 11.75 37.96 -0.27
N GLY A 221 11.84 37.31 -1.42
CA GLY A 221 10.68 37.15 -2.27
C GLY A 221 10.60 38.23 -3.33
N LEU A 222 11.11 39.43 -3.01
CA LEU A 222 11.07 40.55 -3.93
C LEU A 222 12.26 40.72 -4.89
N ALA A 223 12.01 41.52 -5.93
CA ALA A 223 12.97 41.91 -6.98
C ALA A 223 14.12 41.00 -7.42
N PRO A 224 13.88 40.16 -8.45
CA PRO A 224 14.92 39.26 -8.97
C PRO A 224 15.84 40.06 -9.92
N ASN A 225 17.00 39.51 -10.25
CA ASN A 225 17.94 40.22 -11.14
C ASN A 225 17.57 40.21 -12.62
N PHE A 226 16.32 40.55 -12.93
CA PHE A 226 15.83 40.60 -14.31
C PHE A 226 14.34 40.94 -14.29
N VAL A 227 13.78 41.27 -15.44
CA VAL A 227 12.36 41.62 -15.51
C VAL A 227 11.53 40.43 -15.98
N PRO A 228 10.73 39.84 -15.08
CA PRO A 228 9.88 38.68 -15.42
C PRO A 228 9.04 38.90 -16.67
N GLY A 229 9.02 37.89 -17.54
CA GLY A 229 8.26 37.99 -18.78
C GLY A 229 6.76 38.02 -18.54
N VAL A 230 6.32 37.49 -17.41
CA VAL A 230 4.90 37.47 -17.09
C VAL A 230 4.40 38.89 -16.79
N LEU A 231 5.31 39.76 -16.37
CA LEU A 231 4.95 41.13 -16.02
C LEU A 231 4.22 41.95 -17.06
N ASP A 232 3.35 42.82 -16.57
CA ASP A 232 2.60 43.76 -17.37
C ASP A 232 2.68 45.07 -16.60
N ARG A 233 3.70 45.86 -16.89
CA ARG A 233 3.96 47.14 -16.24
C ARG A 233 2.81 48.13 -16.32
N SER A 234 2.05 48.06 -17.41
CA SER A 234 0.93 48.98 -17.62
C SER A 234 -0.05 48.95 -16.44
N VAL A 235 0.06 47.92 -15.60
CA VAL A 235 -0.85 47.80 -14.47
C VAL A 235 -0.49 48.74 -13.33
N ILE A 236 0.78 49.10 -13.23
CA ILE A 236 1.22 49.98 -12.15
C ILE A 236 0.83 51.44 -12.33
N ASP A 237 0.23 52.01 -11.29
CA ASP A 237 -0.15 53.41 -11.32
C ASP A 237 0.94 54.21 -10.59
N ASP A 238 1.34 53.72 -9.42
CA ASP A 238 2.39 54.38 -8.65
C ASP A 238 3.52 53.39 -8.35
N LEU A 239 4.72 53.71 -8.82
CA LEU A 239 5.89 52.87 -8.60
C LEU A 239 6.67 53.55 -7.48
N VAL A 240 6.85 52.84 -6.38
CA VAL A 240 7.56 53.41 -5.24
C VAL A 240 8.69 52.52 -4.75
N THR A 241 9.46 53.01 -3.78
CA THR A 241 10.57 52.26 -3.22
C THR A 241 10.40 52.09 -1.73
N MET A 242 11.03 51.05 -1.19
CA MET A 242 10.96 50.77 0.24
C MET A 242 12.31 50.28 0.73
N ASP A 243 12.72 50.80 1.89
CA ASP A 243 13.99 50.41 2.48
C ASP A 243 13.80 49.14 3.31
N GLU A 244 14.70 48.18 3.15
CA GLU A 244 14.60 46.92 3.87
C GLU A 244 14.53 47.03 5.38
N VAL A 245 15.12 48.07 5.94
CA VAL A 245 15.09 48.24 7.40
C VAL A 245 13.70 48.72 7.84
N THR A 246 13.05 49.54 7.03
CA THR A 246 11.73 50.02 7.39
C THR A 246 10.78 48.83 7.26
N ALA A 247 11.04 48.01 6.25
CA ALA A 247 10.23 46.83 6.01
C ALA A 247 10.37 45.90 7.21
N ARG A 248 11.61 45.52 7.50
CA ARG A 248 11.92 44.64 8.61
C ARG A 248 11.27 45.09 9.90
N ASP A 249 11.35 46.39 10.18
CA ASP A 249 10.76 46.93 11.39
C ASP A 249 9.24 46.99 11.38
N THR A 250 8.65 47.17 10.20
CA THR A 250 7.20 47.25 10.12
C THR A 250 6.59 45.86 10.32
N SER A 251 7.31 44.83 9.89
CA SER A 251 6.86 43.46 10.05
C SER A 251 6.84 43.11 11.54
N ARG A 252 7.79 43.69 12.29
CA ARG A 252 7.87 43.47 13.73
C ARG A 252 6.69 44.14 14.41
N ARG A 253 6.39 45.38 13.98
CA ARG A 253 5.29 46.15 14.52
C ARG A 253 3.94 45.43 14.32
N LEU A 254 3.75 44.87 13.13
CA LEU A 254 2.53 44.14 12.79
C LEU A 254 2.32 43.03 13.79
N ALA A 255 3.35 42.21 13.96
CA ALA A 255 3.27 41.09 14.87
C ALA A 255 2.97 41.57 16.29
N ALA A 256 3.78 42.48 16.80
CA ALA A 256 3.62 42.98 18.16
C ALA A 256 2.42 43.90 18.42
N GLU A 257 1.91 44.57 17.39
CA GLU A 257 0.80 45.49 17.60
C GLU A 257 -0.56 45.04 17.06
N GLU A 258 -0.58 44.01 16.22
CA GLU A 258 -1.83 43.54 15.66
C GLU A 258 -2.03 42.04 15.78
N GLY A 259 -0.97 41.32 16.11
CA GLY A 259 -1.07 39.87 16.24
C GLY A 259 -0.92 39.14 14.92
N ILE A 260 -0.48 39.85 13.89
CA ILE A 260 -0.29 39.27 12.57
C ILE A 260 1.19 39.08 12.28
N PHE A 261 1.65 37.83 12.36
CA PHE A 261 3.06 37.50 12.14
C PHE A 261 3.34 37.10 10.68
N ALA A 262 3.87 38.04 9.90
CA ALA A 262 4.18 37.79 8.51
C ALA A 262 5.65 38.12 8.20
N GLY A 263 6.07 37.85 6.96
CA GLY A 263 7.44 38.08 6.54
C GLY A 263 7.89 39.52 6.34
N ILE A 264 9.05 39.69 5.71
CA ILE A 264 9.62 41.03 5.47
C ILE A 264 8.97 41.78 4.30
N SER A 265 8.70 41.09 3.20
CA SER A 265 8.07 41.75 2.07
C SER A 265 6.70 42.27 2.52
N ALA A 266 6.09 41.59 3.49
CA ALA A 266 4.80 42.01 4.03
C ALA A 266 5.00 43.26 4.85
N GLY A 267 6.17 43.38 5.49
CA GLY A 267 6.45 44.55 6.28
C GLY A 267 6.58 45.73 5.33
N ALA A 268 7.17 45.45 4.18
CA ALA A 268 7.36 46.46 3.15
C ALA A 268 6.04 47.01 2.60
N THR A 269 5.12 46.12 2.24
CA THR A 269 3.86 46.56 1.68
C THR A 269 3.01 47.30 2.71
N VAL A 270 3.10 46.89 3.96
CA VAL A 270 2.33 47.54 5.01
C VAL A 270 2.93 48.92 5.29
N ALA A 271 4.26 49.02 5.27
CA ALA A 271 4.93 50.29 5.50
C ALA A 271 4.48 51.25 4.39
N THR A 272 4.58 50.80 3.14
CA THR A 272 4.17 51.61 2.00
C THR A 272 2.73 52.07 2.15
N ALA A 273 1.86 51.19 2.64
CA ALA A 273 0.46 51.54 2.81
C ALA A 273 0.29 52.62 3.89
N LEU A 274 1.02 52.47 5.00
CA LEU A 274 0.93 53.44 6.08
C LEU A 274 1.40 54.82 5.58
N SER A 275 2.56 54.84 4.94
CA SER A 275 3.11 56.08 4.41
C SER A 275 2.05 56.82 3.60
N ILE A 276 1.45 56.12 2.64
CA ILE A 276 0.41 56.72 1.80
C ILE A 276 -0.76 57.19 2.66
N ALA A 277 -1.17 56.33 3.58
CA ALA A 277 -2.30 56.62 4.46
C ALA A 277 -2.10 57.86 5.35
N GLU A 278 -0.85 58.13 5.71
CA GLU A 278 -0.54 59.27 6.56
C GLU A 278 -1.00 60.59 5.94
N HIS A 279 -0.66 60.79 4.67
CA HIS A 279 -1.02 62.01 3.95
C HIS A 279 -2.21 61.85 3.01
N ALA A 280 -3.02 60.81 3.23
CA ALA A 280 -4.17 60.56 2.37
C ALA A 280 -5.44 61.18 2.93
N PRO A 281 -6.39 61.53 2.05
CA PRO A 281 -7.65 62.14 2.48
C PRO A 281 -8.45 61.24 3.42
N GLU A 282 -9.29 61.87 4.23
CA GLU A 282 -10.12 61.15 5.18
C GLU A 282 -10.95 60.06 4.51
N GLY A 283 -10.95 58.87 5.11
CA GLY A 283 -11.73 57.77 4.58
C GLY A 283 -11.03 56.92 3.54
N THR A 284 -9.74 57.16 3.31
CA THR A 284 -9.01 56.38 2.33
C THR A 284 -8.85 54.94 2.82
N VAL A 285 -9.14 54.00 1.92
CA VAL A 285 -9.06 52.58 2.25
C VAL A 285 -7.93 51.92 1.43
N LEU A 286 -7.00 51.31 2.15
CA LEU A 286 -5.87 50.65 1.49
C LEU A 286 -5.85 49.15 1.83
N LEU A 287 -5.22 48.38 0.95
CA LEU A 287 -5.09 46.94 1.11
C LEU A 287 -3.67 46.50 0.80
N ALA A 288 -3.02 45.85 1.75
CA ALA A 288 -1.65 45.42 1.51
C ALA A 288 -1.56 43.90 1.46
N MET A 289 -0.76 43.37 0.53
CA MET A 289 -0.59 41.94 0.43
C MET A 289 0.44 41.49 1.44
N LEU A 290 0.16 40.38 2.13
CA LEU A 290 1.07 39.80 3.12
C LEU A 290 1.50 38.44 2.55
N PRO A 291 2.57 38.44 1.76
CA PRO A 291 3.09 37.22 1.13
C PRO A 291 3.26 35.95 1.95
N ASP A 292 3.81 36.04 3.14
CA ASP A 292 4.00 34.81 3.89
C ASP A 292 4.05 34.94 5.40
N THR A 293 4.25 33.80 6.06
CA THR A 293 4.35 33.74 7.51
C THR A 293 5.75 34.17 7.92
N GLY A 294 5.84 34.90 9.03
CA GLY A 294 7.14 35.34 9.52
C GLY A 294 7.83 34.24 10.31
N GLU A 295 7.16 33.10 10.44
CA GLU A 295 7.71 31.98 11.17
C GLU A 295 8.95 31.43 10.47
N ARG A 296 9.09 31.70 9.18
CA ARG A 296 10.27 31.19 8.50
C ARG A 296 11.35 32.26 8.35
N TYR A 297 11.32 33.25 9.24
CA TYR A 297 12.31 34.31 9.20
C TYR A 297 13.12 34.43 10.51
N LEU A 298 12.96 33.45 11.39
CA LEU A 298 13.65 33.43 12.68
C LEU A 298 15.16 33.62 12.57
N SER A 299 15.81 32.78 11.77
CA SER A 299 17.26 32.88 11.59
C SER A 299 17.56 33.82 10.42
N THR A 300 16.96 35.01 10.49
CA THR A 300 17.10 36.03 9.46
C THR A 300 17.26 37.36 10.16
N PHE A 301 17.65 38.40 9.41
CA PHE A 301 17.83 39.70 10.03
C PHE A 301 16.53 40.28 10.57
N LEU A 302 15.45 39.52 10.45
CA LEU A 302 14.15 39.94 10.97
C LEU A 302 14.32 39.91 12.48
N PHE A 303 15.18 39.01 12.93
CA PHE A 303 15.47 38.85 14.36
C PHE A 303 16.92 39.25 14.60
N ASP A 304 17.33 40.32 13.94
CA ASP A 304 18.68 40.87 14.03
C ASP A 304 19.24 40.87 15.44
N GLY A 305 18.80 41.84 16.25
CA GLY A 305 19.29 41.94 17.61
C GLY A 305 18.21 41.79 18.65
N VAL A 306 17.13 41.10 18.31
CA VAL A 306 16.04 40.91 19.25
C VAL A 306 16.54 40.14 20.47
N ASP A 307 16.28 40.69 21.65
CA ASP A 307 16.71 40.09 22.91
C ASP A 307 16.39 38.60 23.04
N GLU A 308 17.41 37.77 22.86
CA GLU A 308 17.25 36.33 22.96
C GLU A 308 17.35 35.94 24.44
N GLY A 309 17.59 36.93 25.28
CA GLY A 309 17.71 36.69 26.71
C GLY A 309 16.59 37.37 27.48
N SER A 310 16.50 37.06 28.78
CA SER A 310 15.47 37.63 29.63
C SER A 310 15.70 39.11 29.88
N ASP A 311 14.61 39.85 30.08
CA ASP A 311 14.70 41.29 30.33
C ASP A 311 14.48 41.56 31.81
N ASP A 312 15.30 40.91 32.65
CA ASP A 312 15.21 41.08 34.09
C ASP A 312 15.12 42.57 34.43
N ALA A 313 15.78 43.38 33.61
CA ALA A 313 15.78 44.83 33.81
C ALA A 313 14.35 45.32 33.91
N TRP A 314 13.53 44.93 32.95
CA TRP A 314 12.13 45.33 32.93
C TRP A 314 11.46 44.90 34.24
N LEU A 315 11.85 43.72 34.72
CA LEU A 315 11.30 43.18 35.96
C LEU A 315 11.70 44.01 37.18
N ALA A 316 12.77 44.78 37.05
CA ALA A 316 13.26 45.61 38.15
C ALA A 316 12.16 46.52 38.69
N SER A 317 11.24 46.93 37.83
CA SER A 317 10.14 47.81 38.24
C SER A 317 8.95 46.99 38.76
N PRO B 2 -19.33 34.64 11.04
CA PRO B 2 -20.57 34.02 10.53
C PRO B 2 -21.89 34.60 11.05
N LEU B 3 -21.87 35.28 12.19
CA LEU B 3 -23.10 35.92 12.68
C LEU B 3 -23.26 37.05 11.66
N PHE B 4 -24.48 37.33 11.21
CA PHE B 4 -24.68 38.40 10.23
C PHE B 4 -25.41 39.58 10.85
N ASN B 5 -25.01 40.78 10.44
CA ASN B 5 -25.62 42.00 10.96
C ASN B 5 -26.96 42.22 10.27
N SER B 6 -26.93 42.33 8.95
CA SER B 6 -28.14 42.57 8.18
C SER B 6 -28.41 41.40 7.24
N ILE B 7 -29.68 41.16 6.95
CA ILE B 7 -30.08 40.10 6.04
C ILE B 7 -29.50 40.43 4.67
N LEU B 8 -29.20 41.70 4.44
CA LEU B 8 -28.62 42.10 3.16
C LEU B 8 -27.19 41.61 3.03
N ASP B 9 -26.62 41.15 4.14
CA ASP B 9 -25.25 40.64 4.14
C ASP B 9 -25.23 39.24 3.52
N THR B 10 -26.39 38.63 3.37
CA THR B 10 -26.49 37.30 2.80
C THR B 10 -26.65 37.31 1.30
N ILE B 11 -26.49 38.48 0.69
CA ILE B 11 -26.64 38.60 -0.76
C ILE B 11 -25.40 38.14 -1.54
N GLY B 12 -25.62 37.35 -2.59
CA GLY B 12 -24.50 36.86 -3.37
C GLY B 12 -23.88 35.58 -2.80
N ARG B 13 -22.73 35.19 -3.34
CA ARG B 13 -22.04 33.97 -2.92
C ARG B 13 -22.97 32.77 -3.07
N THR B 14 -23.68 32.73 -4.19
CA THR B 14 -24.61 31.65 -4.45
C THR B 14 -23.88 30.38 -4.90
N PRO B 15 -24.48 29.22 -4.64
CA PRO B 15 -23.84 27.97 -5.03
C PRO B 15 -23.97 27.56 -6.50
N ILE B 16 -22.92 26.93 -6.99
CA ILE B 16 -22.90 26.40 -8.34
C ILE B 16 -22.93 24.88 -8.15
N VAL B 17 -23.98 24.23 -8.65
CA VAL B 17 -24.11 22.79 -8.50
C VAL B 17 -24.13 22.06 -9.83
N ARG B 18 -23.68 20.81 -9.81
CA ARG B 18 -23.62 19.97 -11.00
C ARG B 18 -24.92 19.22 -11.25
N LEU B 19 -25.37 19.20 -12.50
CA LEU B 19 -26.59 18.45 -12.82
C LEU B 19 -26.19 16.98 -12.73
N GLN B 20 -27.01 16.19 -12.07
CA GLN B 20 -26.70 14.76 -11.89
C GLN B 20 -27.05 13.87 -13.09
N ARG B 21 -28.21 14.08 -13.71
CA ARG B 21 -28.60 13.22 -14.82
C ARG B 21 -29.01 13.87 -16.13
N MET B 22 -29.44 15.13 -16.09
CA MET B 22 -29.88 15.80 -17.31
C MET B 22 -28.82 16.02 -18.40
N ALA B 23 -27.54 15.94 -18.06
CA ALA B 23 -26.53 16.18 -19.08
C ALA B 23 -25.95 14.93 -19.73
N PRO B 24 -25.51 15.04 -20.99
CA PRO B 24 -24.93 13.88 -21.68
C PRO B 24 -23.72 13.40 -20.88
N GLU B 25 -23.66 12.10 -20.62
CA GLU B 25 -22.59 11.48 -19.85
C GLU B 25 -21.17 11.94 -20.13
N HIS B 26 -20.85 12.21 -21.40
CA HIS B 26 -19.50 12.64 -21.77
C HIS B 26 -19.33 14.14 -21.54
N THR B 27 -20.31 14.73 -20.88
CA THR B 27 -20.35 16.16 -20.62
C THR B 27 -20.60 16.49 -19.14
N SER B 28 -20.29 17.72 -18.76
CA SER B 28 -20.51 18.20 -17.39
C SER B 28 -21.22 19.54 -17.47
N VAL B 29 -22.40 19.63 -16.86
CA VAL B 29 -23.14 20.86 -16.88
C VAL B 29 -23.41 21.35 -15.45
N TYR B 30 -22.80 22.47 -15.10
CA TYR B 30 -22.98 23.04 -13.76
C TYR B 30 -24.00 24.16 -13.83
N VAL B 31 -24.60 24.45 -12.68
CA VAL B 31 -25.63 25.46 -12.65
C VAL B 31 -25.50 26.40 -11.45
N LYS B 32 -25.72 27.71 -11.67
CA LYS B 32 -25.65 28.71 -10.59
C LYS B 32 -27.04 29.10 -10.11
N VAL B 33 -27.37 28.73 -8.87
CA VAL B 33 -28.69 29.00 -8.31
C VAL B 33 -28.83 30.36 -7.61
N GLU B 34 -29.37 31.34 -8.32
CA GLU B 34 -29.54 32.67 -7.75
C GLU B 34 -30.75 32.80 -6.84
N SER B 35 -31.48 31.71 -6.66
CA SER B 35 -32.64 31.71 -5.79
C SER B 35 -32.19 31.64 -4.34
N PHE B 36 -30.90 31.39 -4.15
CA PHE B 36 -30.37 31.32 -2.80
C PHE B 36 -30.28 32.71 -2.17
N ASN B 37 -30.34 33.76 -2.99
CA ASN B 37 -30.30 35.12 -2.48
C ASN B 37 -31.56 35.30 -1.62
N PRO B 38 -31.50 36.15 -0.58
CA PRO B 38 -32.70 36.32 0.25
C PRO B 38 -33.92 36.80 -0.52
N GLY B 39 -33.68 37.46 -1.65
CA GLY B 39 -34.78 37.96 -2.47
C GLY B 39 -35.32 36.92 -3.44
N GLY B 40 -34.72 35.74 -3.45
CA GLY B 40 -35.18 34.67 -4.32
C GLY B 40 -34.84 34.85 -5.78
N SER B 41 -33.94 35.79 -6.06
CA SER B 41 -33.54 36.04 -7.42
C SER B 41 -32.24 36.81 -7.53
N VAL B 42 -31.66 36.80 -8.72
CA VAL B 42 -30.41 37.49 -8.98
C VAL B 42 -30.55 39.00 -8.83
N LYS B 43 -31.79 39.49 -8.79
CA LYS B 43 -32.03 40.92 -8.66
C LYS B 43 -31.57 41.48 -7.33
N ASP B 44 -31.34 40.60 -6.36
CA ASP B 44 -30.89 41.08 -5.07
C ASP B 44 -29.56 41.77 -5.25
N ARG B 45 -28.83 41.36 -6.28
CA ARG B 45 -27.52 41.94 -6.53
C ARG B 45 -27.58 43.40 -6.97
N LEU B 46 -28.30 43.69 -8.06
CA LEU B 46 -28.37 45.07 -8.51
C LEU B 46 -29.13 45.98 -7.53
N ALA B 47 -30.17 45.46 -6.90
CA ALA B 47 -30.94 46.26 -5.96
C ALA B 47 -30.07 46.75 -4.81
N LEU B 48 -29.19 45.88 -4.31
CA LEU B 48 -28.28 46.22 -3.22
C LEU B 48 -27.19 47.14 -3.72
N SER B 49 -26.67 46.84 -4.91
CA SER B 49 -25.60 47.62 -5.52
C SER B 49 -26.06 49.03 -5.90
N VAL B 50 -27.27 49.12 -6.46
CA VAL B 50 -27.83 50.39 -6.88
C VAL B 50 -27.97 51.33 -5.68
N VAL B 51 -28.52 50.81 -4.58
CA VAL B 51 -28.74 51.57 -3.36
C VAL B 51 -27.46 51.95 -2.61
N LEU B 52 -26.50 51.04 -2.54
CA LEU B 52 -25.25 51.35 -1.85
C LEU B 52 -24.47 52.40 -2.64
N ASP B 53 -24.58 52.34 -3.96
CA ASP B 53 -23.90 53.27 -4.84
C ASP B 53 -24.52 54.64 -4.66
N ALA B 54 -25.84 54.66 -4.51
CA ALA B 54 -26.58 55.90 -4.32
C ALA B 54 -26.20 56.56 -3.00
N GLU B 55 -26.18 55.78 -1.93
CA GLU B 55 -25.85 56.33 -0.62
C GLU B 55 -24.48 56.98 -0.64
N ALA B 56 -23.47 56.24 -1.11
CA ALA B 56 -22.12 56.75 -1.18
C ALA B 56 -22.04 57.98 -2.09
N LYS B 57 -23.03 58.12 -2.97
CA LYS B 57 -23.07 59.24 -3.90
C LYS B 57 -23.90 60.40 -3.32
N GLY B 58 -24.46 60.19 -2.14
CA GLY B 58 -25.25 61.21 -1.50
C GLY B 58 -26.62 61.40 -2.13
N LEU B 59 -26.99 60.50 -3.04
CA LEU B 59 -28.28 60.57 -3.72
C LEU B 59 -29.40 59.96 -2.88
N LEU B 60 -29.03 59.23 -1.84
CA LEU B 60 -30.01 58.60 -0.98
C LEU B 60 -29.69 58.89 0.48
N LYS B 61 -30.73 59.19 1.26
CA LYS B 61 -30.58 59.50 2.68
C LYS B 61 -31.57 58.66 3.49
N PRO B 62 -31.30 58.49 4.79
CA PRO B 62 -32.21 57.70 5.62
C PRO B 62 -33.66 58.17 5.55
N GLY B 63 -34.57 57.24 5.27
CA GLY B 63 -35.98 57.58 5.19
C GLY B 63 -36.46 57.97 3.80
N ASP B 64 -35.53 58.14 2.86
CA ASP B 64 -35.88 58.51 1.49
C ASP B 64 -36.82 57.51 0.82
N THR B 65 -37.30 57.87 -0.37
CA THR B 65 -38.21 57.02 -1.12
C THR B 65 -37.64 56.64 -2.47
N ILE B 66 -37.88 55.39 -2.87
CA ILE B 66 -37.41 54.88 -4.15
C ILE B 66 -38.60 54.43 -4.98
N VAL B 67 -38.51 54.65 -6.29
CA VAL B 67 -39.56 54.26 -7.22
C VAL B 67 -38.95 53.66 -8.48
N GLU B 68 -39.60 52.61 -9.00
CA GLU B 68 -39.14 51.96 -10.20
C GLU B 68 -40.28 51.18 -10.84
N CYS B 69 -40.12 50.86 -12.11
CA CYS B 69 -41.14 50.10 -12.83
C CYS B 69 -40.89 48.62 -12.63
N THR B 70 -41.60 48.03 -11.67
CA THR B 70 -41.45 46.61 -11.36
C THR B 70 -42.11 45.64 -12.33
N SER B 71 -41.29 45.00 -13.15
CA SER B 71 -41.79 44.02 -14.10
C SER B 71 -41.98 42.73 -13.32
N GLY B 72 -41.26 42.61 -12.21
CA GLY B 72 -41.37 41.43 -11.39
C GLY B 72 -40.34 41.32 -10.27
N ASN B 73 -39.18 40.76 -10.60
CA ASN B 73 -38.13 40.58 -9.61
C ASN B 73 -37.46 41.84 -9.07
N VAL B 74 -37.11 42.77 -9.96
CA VAL B 74 -36.48 44.01 -9.52
C VAL B 74 -37.31 44.71 -8.46
N GLY B 75 -38.62 44.70 -8.63
CA GLY B 75 -39.50 45.32 -7.65
C GLY B 75 -39.40 44.64 -6.30
N ILE B 76 -39.41 43.31 -6.32
CA ILE B 76 -39.33 42.53 -5.08
C ILE B 76 -37.99 42.74 -4.35
N ALA B 77 -36.90 42.83 -5.11
CA ALA B 77 -35.58 43.05 -4.53
C ALA B 77 -35.44 44.45 -3.94
N LEU B 78 -35.95 45.44 -4.65
CA LEU B 78 -35.87 46.82 -4.18
C LEU B 78 -36.75 46.94 -2.95
N ALA B 79 -37.92 46.33 -3.00
CA ALA B 79 -38.83 46.37 -1.86
C ALA B 79 -38.15 45.75 -0.64
N MET B 80 -37.44 44.64 -0.85
CA MET B 80 -36.75 43.98 0.24
C MET B 80 -35.60 44.85 0.78
N VAL B 81 -34.80 45.39 -0.12
CA VAL B 81 -33.66 46.23 0.25
C VAL B 81 -34.13 47.54 0.89
N ALA B 82 -35.22 48.10 0.37
CA ALA B 82 -35.76 49.34 0.91
C ALA B 82 -36.23 49.04 2.33
N ALA B 83 -36.96 47.95 2.49
CA ALA B 83 -37.46 47.55 3.80
C ALA B 83 -36.34 47.32 4.82
N ALA B 84 -35.29 46.64 4.39
CA ALA B 84 -34.17 46.32 5.27
C ALA B 84 -33.29 47.51 5.64
N ARG B 85 -33.18 48.50 4.74
CA ARG B 85 -32.34 49.66 5.04
C ARG B 85 -33.09 50.88 5.54
N GLY B 86 -34.41 50.79 5.63
CA GLY B 86 -35.20 51.91 6.12
C GLY B 86 -35.69 52.92 5.10
N TYR B 87 -36.02 52.45 3.90
CA TYR B 87 -36.52 53.33 2.86
C TYR B 87 -37.97 52.98 2.52
N ARG B 88 -38.62 53.90 1.82
CA ARG B 88 -40.00 53.69 1.40
C ARG B 88 -39.86 53.21 -0.05
N PHE B 89 -40.71 52.30 -0.47
CA PHE B 89 -40.63 51.81 -1.83
C PHE B 89 -41.93 51.84 -2.59
N VAL B 90 -41.88 52.40 -3.79
CA VAL B 90 -43.05 52.51 -4.66
C VAL B 90 -42.72 51.94 -6.03
N ALA B 91 -43.51 50.96 -6.46
CA ALA B 91 -43.30 50.33 -7.75
C ALA B 91 -44.53 50.50 -8.64
N VAL B 92 -44.30 50.55 -9.95
CA VAL B 92 -45.39 50.70 -10.89
C VAL B 92 -45.50 49.50 -11.80
N MET B 93 -46.57 48.71 -11.62
CA MET B 93 -46.80 47.53 -12.43
C MET B 93 -48.17 47.56 -13.10
N GLY B 94 -48.29 46.88 -14.24
CA GLY B 94 -49.54 46.84 -14.96
C GLY B 94 -50.75 46.44 -14.15
N ASP B 95 -51.92 46.87 -14.61
CA ASP B 95 -53.18 46.58 -13.95
C ASP B 95 -53.43 45.06 -14.00
N THR B 96 -52.97 44.43 -15.07
CA THR B 96 -53.12 43.01 -15.25
C THR B 96 -51.78 42.31 -15.02
N TYR B 97 -51.50 42.00 -13.76
CA TYR B 97 -50.27 41.32 -13.38
C TYR B 97 -50.58 40.46 -12.15
N SER B 98 -50.33 39.17 -12.27
CA SER B 98 -50.57 38.21 -11.19
C SER B 98 -50.67 38.88 -9.81
N VAL B 99 -51.80 38.66 -9.14
CA VAL B 99 -52.00 39.26 -7.83
C VAL B 99 -50.94 38.79 -6.83
N GLU B 100 -50.17 37.78 -7.21
CA GLU B 100 -49.12 37.25 -6.35
C GLU B 100 -47.91 38.17 -6.39
N ARG B 101 -47.55 38.64 -7.58
CA ARG B 101 -46.42 39.55 -7.75
C ARG B 101 -46.79 40.87 -7.09
N ARG B 102 -48.05 40.98 -6.72
CA ARG B 102 -48.55 42.17 -6.06
C ARG B 102 -48.41 42.02 -4.55
N LYS B 103 -48.94 40.92 -4.01
CA LYS B 103 -48.87 40.65 -2.57
C LYS B 103 -47.41 40.60 -2.10
N LEU B 104 -46.53 40.11 -2.96
CA LEU B 104 -45.12 40.00 -2.65
C LEU B 104 -44.53 41.38 -2.33
N ILE B 105 -44.84 42.35 -3.16
CA ILE B 105 -44.35 43.72 -2.98
C ILE B 105 -44.91 44.33 -1.70
N ARG B 106 -46.19 44.13 -1.46
CA ARG B 106 -46.84 44.67 -0.27
C ARG B 106 -46.36 43.94 0.98
N ALA B 107 -45.70 42.81 0.78
CA ALA B 107 -45.18 42.03 1.89
C ALA B 107 -44.01 42.77 2.50
N TYR B 108 -43.12 43.27 1.65
CA TYR B 108 -41.95 43.99 2.11
C TYR B 108 -42.29 45.44 2.47
N GLY B 109 -43.58 45.74 2.49
CA GLY B 109 -44.04 47.08 2.84
C GLY B 109 -44.01 48.13 1.73
N GLY B 110 -44.10 47.68 0.49
CA GLY B 110 -44.06 48.62 -0.61
C GLY B 110 -45.41 49.23 -0.92
N LYS B 111 -45.42 50.52 -1.23
CA LYS B 111 -46.65 51.22 -1.58
C LYS B 111 -46.79 51.05 -3.08
N LEU B 112 -47.78 50.27 -3.50
CA LEU B 112 -48.02 49.99 -4.92
C LEU B 112 -49.05 50.88 -5.60
N VAL B 113 -48.75 51.23 -6.85
CA VAL B 113 -49.63 52.06 -7.67
C VAL B 113 -49.70 51.46 -9.07
N LEU B 114 -50.87 50.91 -9.41
CA LEU B 114 -51.07 50.28 -10.71
C LEU B 114 -51.79 51.16 -11.71
N PHE B 115 -51.41 51.00 -12.98
CA PHE B 115 -51.98 51.75 -14.08
C PHE B 115 -52.56 50.75 -15.07
N PRO B 116 -53.46 51.20 -15.97
CA PRO B 116 -54.04 50.25 -16.94
C PRO B 116 -52.93 49.47 -17.65
N GLY B 117 -52.94 48.16 -17.45
CA GLY B 117 -51.92 47.31 -18.07
C GLY B 117 -51.72 47.54 -19.56
N HIS B 118 -52.78 47.93 -20.25
CA HIS B 118 -52.71 48.17 -21.69
C HIS B 118 -51.83 49.35 -22.09
N LEU B 119 -51.01 49.84 -21.15
CA LEU B 119 -50.14 50.97 -21.43
C LEU B 119 -48.75 50.58 -21.91
N GLY B 120 -48.61 49.30 -22.30
CA GLY B 120 -47.33 48.81 -22.82
C GLY B 120 -46.09 48.95 -21.96
N SER B 121 -46.24 48.84 -20.64
CA SER B 121 -45.12 48.94 -19.71
C SER B 121 -44.56 50.35 -19.52
N LYS B 122 -43.99 50.92 -20.58
CA LYS B 122 -43.41 52.26 -20.52
C LYS B 122 -44.34 53.28 -19.88
N GLY B 123 -45.61 52.92 -19.75
CA GLY B 123 -46.58 53.81 -19.13
C GLY B 123 -46.15 54.03 -17.69
N GLY B 124 -45.81 52.93 -17.02
CA GLY B 124 -45.35 53.02 -15.65
C GLY B 124 -43.93 53.57 -15.64
N ASN B 125 -43.12 53.12 -16.59
CA ASN B 125 -41.75 53.58 -16.71
C ASN B 125 -41.73 55.10 -16.79
N LEU B 126 -42.83 55.65 -17.33
CA LEU B 126 -42.97 57.10 -17.47
C LEU B 126 -43.44 57.70 -16.15
N ILE B 127 -44.55 57.17 -15.63
CA ILE B 127 -45.10 57.65 -14.37
C ILE B 127 -44.11 57.40 -13.24
N ALA B 128 -43.02 56.73 -13.56
CA ALA B 128 -41.98 56.44 -12.58
C ALA B 128 -41.11 57.67 -12.40
N ASP B 129 -40.57 58.19 -13.50
CA ASP B 129 -39.73 59.37 -13.46
C ASP B 129 -40.58 60.61 -13.18
N GLU B 130 -41.84 60.57 -13.61
CA GLU B 130 -42.75 61.68 -13.38
C GLU B 130 -42.97 61.84 -11.89
N LEU B 131 -43.47 60.79 -11.26
CA LEU B 131 -43.72 60.80 -9.83
C LEU B 131 -42.40 61.01 -9.09
N ALA B 132 -41.30 60.68 -9.77
CA ALA B 132 -39.97 60.82 -9.18
C ALA B 132 -39.60 62.28 -8.94
N GLU B 133 -39.48 63.03 -10.03
CA GLU B 133 -39.12 64.44 -9.94
C GLU B 133 -40.18 65.25 -9.21
N LYS B 134 -41.43 64.81 -9.29
CA LYS B 134 -42.53 65.51 -8.62
C LYS B 134 -42.36 65.55 -7.11
N TYR B 135 -41.71 64.53 -6.55
CA TYR B 135 -41.49 64.47 -5.10
C TYR B 135 -40.03 64.24 -4.76
N GLY B 136 -39.15 64.37 -5.74
CA GLY B 136 -37.73 64.17 -5.51
C GLY B 136 -37.41 62.76 -5.10
N TRP B 137 -38.16 61.82 -5.66
CA TRP B 137 -37.97 60.40 -5.37
C TRP B 137 -36.78 59.87 -6.15
N PHE B 138 -36.18 58.79 -5.67
CA PHE B 138 -35.02 58.18 -6.33
C PHE B 138 -35.41 57.10 -7.31
N ARG B 139 -34.75 57.10 -8.47
CA ARG B 139 -35.02 56.11 -9.52
C ARG B 139 -33.83 55.17 -9.72
N ALA B 140 -34.08 53.87 -9.60
CA ALA B 140 -33.05 52.86 -9.75
C ALA B 140 -32.41 52.87 -11.14
N ARG B 141 -33.24 52.88 -12.17
CA ARG B 141 -32.76 52.88 -13.55
C ARG B 141 -32.01 51.59 -13.80
N GLN B 142 -32.64 50.48 -13.42
CA GLN B 142 -32.05 49.15 -13.57
C GLN B 142 -31.42 48.91 -14.93
N PHE B 143 -31.87 49.63 -15.95
CA PHE B 143 -31.36 49.45 -17.31
C PHE B 143 -30.18 50.32 -17.69
N ASP B 144 -29.90 51.36 -16.92
CA ASP B 144 -28.80 52.25 -17.25
C ASP B 144 -27.82 52.55 -16.11
N ASN B 145 -28.17 52.12 -14.90
CA ASN B 145 -27.32 52.35 -13.74
C ASN B 145 -26.10 51.41 -13.81
N PRO B 146 -24.90 51.96 -14.02
CA PRO B 146 -23.68 51.13 -14.11
C PRO B 146 -23.35 50.31 -12.87
N ALA B 147 -23.99 50.60 -11.75
CA ALA B 147 -23.72 49.83 -10.54
C ALA B 147 -24.23 48.40 -10.77
N ASN B 148 -25.14 48.26 -11.73
CA ASN B 148 -25.70 46.96 -12.03
C ASN B 148 -24.62 46.01 -12.57
N PRO B 149 -24.07 46.29 -13.76
CA PRO B 149 -23.03 45.36 -14.22
C PRO B 149 -21.82 45.35 -13.29
N SER B 150 -21.67 46.42 -12.51
CA SER B 150 -20.55 46.54 -11.58
C SER B 150 -20.57 45.49 -10.48
N TYR B 151 -21.72 45.32 -9.83
CA TYR B 151 -21.84 44.33 -8.78
C TYR B 151 -21.57 42.91 -9.32
N HIS B 152 -21.95 42.66 -10.57
CA HIS B 152 -21.75 41.35 -11.17
C HIS B 152 -20.27 41.10 -11.45
N ARG B 153 -19.54 42.16 -11.77
CA ARG B 153 -18.11 42.06 -12.05
C ARG B 153 -17.37 41.63 -10.78
N GLU B 154 -17.77 42.23 -9.68
CA GLU B 154 -17.12 42.00 -8.39
C GLU B 154 -17.63 40.82 -7.57
N THR B 155 -18.88 40.42 -7.74
CA THR B 155 -19.39 39.30 -6.98
C THR B 155 -19.63 38.05 -7.84
N THR B 156 -20.68 38.09 -8.66
CA THR B 156 -21.04 37.00 -9.54
C THR B 156 -19.85 36.40 -10.28
N ALA B 157 -19.10 37.23 -11.00
CA ALA B 157 -17.95 36.78 -11.77
C ALA B 157 -16.86 36.19 -10.88
N SER B 158 -16.65 36.80 -9.72
CA SER B 158 -15.64 36.32 -8.79
C SER B 158 -16.05 34.96 -8.25
N GLU B 159 -17.35 34.79 -8.02
CA GLU B 159 -17.83 33.52 -7.51
C GLU B 159 -17.64 32.42 -8.55
N ILE B 160 -17.93 32.74 -9.82
CA ILE B 160 -17.77 31.77 -10.90
C ILE B 160 -16.29 31.47 -11.13
N LEU B 161 -15.49 32.53 -11.17
CA LEU B 161 -14.06 32.38 -11.39
C LEU B 161 -13.39 31.59 -10.28
N ALA B 162 -13.74 31.89 -9.03
CA ALA B 162 -13.14 31.21 -7.91
C ALA B 162 -13.48 29.72 -7.90
N ASP B 163 -14.74 29.40 -8.21
CA ASP B 163 -15.19 28.00 -8.21
C ASP B 163 -14.54 27.13 -9.28
N PHE B 164 -14.23 27.73 -10.43
CA PHE B 164 -13.64 26.97 -11.51
C PHE B 164 -12.13 27.14 -11.68
N ALA B 165 -11.49 27.81 -10.73
CA ALA B 165 -10.05 28.02 -10.82
C ALA B 165 -9.28 26.69 -10.88
N GLY B 166 -8.47 26.52 -11.91
CA GLY B 166 -7.68 25.31 -12.06
C GLY B 166 -8.49 24.16 -12.62
N LYS B 167 -9.77 24.42 -12.88
CA LYS B 167 -10.65 23.41 -13.42
C LYS B 167 -11.08 23.81 -14.81
N ARG B 168 -11.70 22.87 -15.50
CA ARG B 168 -12.15 23.12 -16.85
C ARG B 168 -13.52 23.77 -16.92
N LEU B 169 -13.65 24.72 -17.82
CA LEU B 169 -14.89 25.44 -18.06
C LEU B 169 -14.82 25.83 -19.53
N ASP B 170 -15.85 25.48 -20.30
CA ASP B 170 -15.85 25.78 -21.72
C ASP B 170 -16.96 26.72 -22.19
N HIS B 171 -18.10 26.70 -21.51
CA HIS B 171 -19.25 27.54 -21.90
C HIS B 171 -19.97 28.18 -20.72
N PHE B 172 -20.31 29.46 -20.87
CA PHE B 172 -21.05 30.17 -19.83
C PHE B 172 -22.31 30.67 -20.52
N VAL B 173 -23.46 30.13 -20.12
CA VAL B 173 -24.73 30.49 -20.74
C VAL B 173 -25.66 31.37 -19.91
N THR B 174 -26.16 32.43 -20.54
CA THR B 174 -27.06 33.32 -19.84
C THR B 174 -27.99 34.07 -20.78
N GLY B 175 -29.13 34.47 -20.25
CA GLY B 175 -30.06 35.24 -21.03
C GLY B 175 -29.85 36.65 -20.51
N PHE B 176 -30.60 37.63 -21.01
CA PHE B 176 -30.43 38.98 -20.50
C PHE B 176 -31.75 39.72 -20.41
N GLY B 177 -31.84 40.56 -19.39
CA GLY B 177 -33.03 41.37 -19.18
C GLY B 177 -32.46 42.78 -19.13
N THR B 178 -31.78 43.10 -18.04
CA THR B 178 -31.15 44.39 -17.91
C THR B 178 -29.76 44.26 -18.52
N THR B 179 -29.34 43.00 -18.72
CA THR B 179 -28.03 42.65 -19.29
C THR B 179 -26.87 42.83 -18.32
N GLY B 180 -27.17 43.19 -17.08
CA GLY B 180 -26.11 43.37 -16.10
C GLY B 180 -25.28 42.11 -15.86
N THR B 181 -25.94 40.97 -15.79
CA THR B 181 -25.24 39.70 -15.56
C THR B 181 -24.28 39.38 -16.69
N LEU B 182 -24.81 39.37 -17.91
CA LEU B 182 -24.02 39.04 -19.09
C LEU B 182 -22.88 40.01 -19.28
N THR B 183 -23.14 41.30 -19.05
CA THR B 183 -22.11 42.32 -19.20
C THR B 183 -21.01 42.18 -18.17
N GLY B 184 -21.43 42.15 -16.91
CA GLY B 184 -20.47 42.03 -15.82
C GLY B 184 -19.64 40.74 -15.83
N VAL B 185 -20.31 39.60 -15.90
CA VAL B 185 -19.59 38.33 -15.91
C VAL B 185 -18.76 38.22 -17.20
N GLY B 186 -19.36 38.63 -18.31
CA GLY B 186 -18.69 38.57 -19.60
C GLY B 186 -17.40 39.36 -19.69
N GLN B 187 -17.39 40.56 -19.15
CA GLN B 187 -16.21 41.37 -19.20
C GLN B 187 -15.12 40.72 -18.35
N MET B 188 -15.52 40.16 -17.22
CA MET B 188 -14.53 39.53 -16.34
C MET B 188 -14.00 38.24 -16.99
N LEU B 189 -14.90 37.44 -17.55
CA LEU B 189 -14.52 36.20 -18.20
C LEU B 189 -13.59 36.41 -19.38
N ARG B 190 -13.98 37.27 -20.33
CA ARG B 190 -13.17 37.54 -21.52
C ARG B 190 -11.71 37.83 -21.19
N VAL B 191 -11.46 38.54 -20.09
CA VAL B 191 -10.09 38.84 -19.68
C VAL B 191 -9.44 37.70 -18.92
N ALA B 192 -10.14 37.14 -17.95
CA ALA B 192 -9.58 36.05 -17.14
C ALA B 192 -9.57 34.67 -17.80
N ARG B 193 -10.61 34.35 -18.55
CA ARG B 193 -10.73 33.06 -19.22
C ARG B 193 -11.16 33.29 -20.66
N PRO B 194 -10.23 33.78 -21.50
CA PRO B 194 -10.53 34.06 -22.90
C PRO B 194 -11.11 32.88 -23.67
N GLU B 195 -10.77 31.67 -23.24
CA GLU B 195 -11.22 30.43 -23.88
C GLU B 195 -12.69 30.07 -23.62
N VAL B 196 -13.23 30.55 -22.49
CA VAL B 196 -14.62 30.29 -22.15
C VAL B 196 -15.51 31.06 -23.12
N ARG B 197 -16.43 30.35 -23.79
CA ARG B 197 -17.34 31.00 -24.73
C ARG B 197 -18.54 31.57 -23.97
N VAL B 198 -18.76 32.87 -24.12
CA VAL B 198 -19.88 33.55 -23.47
C VAL B 198 -21.08 33.38 -24.40
N VAL B 199 -22.07 32.62 -23.95
CA VAL B 199 -23.25 32.35 -24.75
C VAL B 199 -24.46 33.13 -24.26
N ALA B 200 -24.95 34.03 -25.09
CA ALA B 200 -26.11 34.83 -24.74
C ALA B 200 -27.32 34.38 -25.55
N LEU B 201 -28.40 34.06 -24.85
CA LEU B 201 -29.61 33.59 -25.51
C LEU B 201 -30.70 34.64 -25.49
N GLU B 202 -31.62 34.52 -26.45
CA GLU B 202 -32.76 35.41 -26.58
C GLU B 202 -33.99 34.59 -26.91
N PRO B 203 -35.16 35.03 -26.44
CA PRO B 203 -36.39 34.28 -26.75
C PRO B 203 -36.56 34.20 -28.27
N SER B 204 -36.96 33.04 -28.78
CA SER B 204 -37.14 32.83 -30.22
C SER B 204 -37.92 33.93 -30.95
N ASN B 205 -39.00 34.41 -30.34
CA ASN B 205 -39.81 35.45 -30.94
C ASN B 205 -39.21 36.84 -30.73
N ALA B 206 -38.51 37.03 -29.62
CA ALA B 206 -37.91 38.33 -29.32
C ALA B 206 -36.39 38.37 -29.52
N ALA B 207 -35.93 38.07 -30.74
CA ALA B 207 -34.50 38.09 -31.02
C ALA B 207 -34.05 39.52 -31.33
N MET B 208 -34.32 40.44 -30.41
CA MET B 208 -33.95 41.84 -30.54
C MET B 208 -32.52 42.04 -31.02
N LEU B 209 -31.56 41.55 -30.25
CA LEU B 209 -30.15 41.69 -30.59
C LEU B 209 -29.74 41.17 -31.97
N ALA B 210 -30.19 39.96 -32.30
CA ALA B 210 -29.81 39.34 -33.58
C ALA B 210 -30.74 39.56 -34.76
N ARG B 211 -31.88 40.22 -34.56
CA ARG B 211 -32.80 40.43 -35.68
C ARG B 211 -33.67 41.67 -35.52
N GLY B 212 -33.35 42.48 -34.53
CA GLY B 212 -34.10 43.71 -34.30
C GLY B 212 -35.59 43.49 -34.11
N GLU B 213 -36.01 42.24 -33.98
CA GLU B 213 -37.42 41.91 -33.81
C GLU B 213 -37.76 41.66 -32.33
N TRP B 214 -39.00 41.93 -31.96
CA TRP B 214 -39.46 41.74 -30.60
C TRP B 214 -40.97 41.49 -30.56
N SER B 215 -41.37 40.41 -29.88
CA SER B 215 -42.77 40.06 -29.75
C SER B 215 -42.97 39.53 -28.34
N PRO B 216 -44.05 39.95 -27.65
CA PRO B 216 -44.35 39.50 -26.29
C PRO B 216 -44.14 37.99 -26.09
N HIS B 217 -43.15 37.65 -25.28
CA HIS B 217 -42.82 36.26 -24.99
C HIS B 217 -43.18 35.91 -23.55
N GLN B 218 -42.98 34.66 -23.17
CA GLN B 218 -43.30 34.24 -21.81
C GLN B 218 -42.08 33.84 -20.99
N ILE B 219 -40.88 34.00 -21.55
CA ILE B 219 -39.67 33.68 -20.81
C ILE B 219 -39.39 34.89 -19.91
N GLN B 220 -40.21 35.03 -18.87
CA GLN B 220 -40.12 36.14 -17.93
C GLN B 220 -38.71 36.53 -17.52
N GLY B 221 -38.50 37.84 -17.38
CA GLY B 221 -37.21 38.38 -16.98
C GLY B 221 -36.26 38.57 -18.13
N LEU B 222 -36.65 38.14 -19.32
CA LEU B 222 -35.79 38.26 -20.49
C LEU B 222 -36.29 39.28 -21.51
N ALA B 223 -35.43 39.53 -22.50
CA ALA B 223 -35.67 40.44 -23.60
C ALA B 223 -36.79 41.46 -23.48
N PRO B 224 -36.49 42.66 -22.99
CA PRO B 224 -37.52 43.70 -22.85
C PRO B 224 -37.70 44.33 -24.23
N ASN B 225 -38.75 45.14 -24.42
CA ASN B 225 -39.01 45.75 -25.73
C ASN B 225 -37.94 46.72 -26.27
N PHE B 226 -36.75 46.71 -25.68
CA PHE B 226 -35.67 47.59 -26.12
C PHE B 226 -34.30 47.08 -25.67
N VAL B 227 -33.24 47.77 -26.07
CA VAL B 227 -31.89 47.34 -25.69
C VAL B 227 -31.29 48.24 -24.61
N PRO B 228 -30.99 47.68 -23.43
CA PRO B 228 -30.41 48.44 -22.32
C PRO B 228 -29.05 49.06 -22.64
N GLY B 229 -28.85 50.29 -22.17
CA GLY B 229 -27.60 50.99 -22.42
C GLY B 229 -26.44 50.46 -21.58
N VAL B 230 -26.76 49.61 -20.62
CA VAL B 230 -25.74 49.04 -19.77
C VAL B 230 -25.10 47.82 -20.45
N LEU B 231 -25.61 47.47 -21.63
CA LEU B 231 -25.11 46.33 -22.38
C LEU B 231 -23.84 46.56 -23.18
N ASP B 232 -22.94 45.58 -23.16
CA ASP B 232 -21.69 45.64 -23.90
C ASP B 232 -21.71 44.37 -24.73
N ARG B 233 -22.45 44.39 -25.83
CA ARG B 233 -22.57 43.21 -26.67
C ARG B 233 -21.26 42.68 -27.25
N SER B 234 -20.17 43.41 -27.08
CA SER B 234 -18.88 42.96 -27.61
C SER B 234 -18.39 41.74 -26.82
N VAL B 235 -18.99 41.58 -25.64
CA VAL B 235 -18.65 40.49 -24.74
C VAL B 235 -19.18 39.14 -25.22
N ILE B 236 -20.22 39.18 -26.05
CA ILE B 236 -20.87 37.97 -26.56
C ILE B 236 -20.08 37.21 -27.63
N ASP B 237 -19.81 35.94 -27.36
CA ASP B 237 -19.08 35.07 -28.29
C ASP B 237 -20.09 34.32 -29.15
N ASP B 238 -21.22 33.93 -28.54
CA ASP B 238 -22.27 33.21 -29.25
C ASP B 238 -23.67 33.72 -28.90
N LEU B 239 -24.40 34.19 -29.90
CA LEU B 239 -25.78 34.68 -29.72
C LEU B 239 -26.74 33.63 -30.24
N VAL B 240 -27.60 33.12 -29.38
CA VAL B 240 -28.55 32.09 -29.79
C VAL B 240 -30.00 32.41 -29.41
N THR B 241 -30.89 31.56 -29.87
CA THR B 241 -32.32 31.73 -29.61
C THR B 241 -32.83 30.53 -28.83
N MET B 242 -33.95 30.70 -28.16
CA MET B 242 -34.53 29.62 -27.38
C MET B 242 -36.03 29.77 -27.30
N ASP B 243 -36.71 28.67 -27.64
CA ASP B 243 -38.16 28.59 -27.65
C ASP B 243 -38.68 28.65 -26.22
N GLU B 244 -39.68 29.48 -25.98
CA GLU B 244 -40.23 29.60 -24.63
C GLU B 244 -40.81 28.28 -24.14
N VAL B 245 -41.32 27.46 -25.05
CA VAL B 245 -41.88 26.18 -24.63
C VAL B 245 -40.76 25.24 -24.22
N THR B 246 -39.71 25.17 -25.03
CA THR B 246 -38.58 24.30 -24.69
C THR B 246 -37.99 24.75 -23.35
N ALA B 247 -37.96 26.05 -23.12
CA ALA B 247 -37.42 26.60 -21.87
C ALA B 247 -38.32 26.25 -20.67
N ARG B 248 -39.63 26.35 -20.86
CA ARG B 248 -40.59 26.04 -19.80
C ARG B 248 -40.48 24.57 -19.45
N ASP B 249 -40.40 23.73 -20.49
CA ASP B 249 -40.30 22.29 -20.31
C ASP B 249 -38.99 21.92 -19.59
N THR B 250 -37.90 22.55 -19.98
CA THR B 250 -36.63 22.25 -19.34
C THR B 250 -36.62 22.67 -17.87
N SER B 251 -37.36 23.73 -17.54
CA SER B 251 -37.42 24.18 -16.16
C SER B 251 -38.12 23.10 -15.34
N ARG B 252 -39.13 22.49 -15.94
CA ARG B 252 -39.90 21.43 -15.29
C ARG B 252 -39.05 20.18 -15.08
N ARG B 253 -38.15 19.90 -16.03
CA ARG B 253 -37.27 18.74 -15.93
C ARG B 253 -36.24 18.91 -14.81
N LEU B 254 -35.67 20.12 -14.74
CA LEU B 254 -34.67 20.46 -13.75
C LEU B 254 -35.25 20.16 -12.36
N ALA B 255 -36.52 20.48 -12.19
CA ALA B 255 -37.20 20.28 -10.93
C ALA B 255 -37.46 18.82 -10.63
N ALA B 256 -38.11 18.12 -11.56
CA ALA B 256 -38.44 16.72 -11.33
C ALA B 256 -37.26 15.76 -11.46
N GLU B 257 -36.23 16.13 -12.20
CA GLU B 257 -35.07 15.25 -12.37
C GLU B 257 -33.84 15.62 -11.56
N GLU B 258 -33.76 16.84 -11.07
CA GLU B 258 -32.60 17.28 -10.29
C GLU B 258 -32.94 17.85 -8.92
N GLY B 259 -34.20 18.21 -8.71
CA GLY B 259 -34.60 18.77 -7.43
C GLY B 259 -34.30 20.25 -7.32
N ILE B 260 -33.99 20.88 -8.45
CA ILE B 260 -33.69 22.31 -8.47
C ILE B 260 -34.89 23.04 -9.08
N PHE B 261 -35.66 23.72 -8.23
CA PHE B 261 -36.86 24.42 -8.67
C PHE B 261 -36.61 25.88 -9.01
N ALA B 262 -36.47 26.15 -10.30
CA ALA B 262 -36.20 27.50 -10.78
C ALA B 262 -37.28 27.93 -11.76
N GLY B 263 -37.16 29.15 -12.28
CA GLY B 263 -38.14 29.69 -13.20
C GLY B 263 -37.92 29.43 -14.68
N ILE B 264 -38.62 30.16 -15.54
CA ILE B 264 -38.53 29.98 -16.99
C ILE B 264 -37.18 30.33 -17.62
N SER B 265 -36.62 31.49 -17.27
CA SER B 265 -35.34 31.89 -17.85
C SER B 265 -34.23 30.93 -17.45
N ALA B 266 -34.42 30.26 -16.32
CA ALA B 266 -33.46 29.30 -15.82
C ALA B 266 -33.59 28.04 -16.68
N GLY B 267 -34.82 27.77 -17.13
CA GLY B 267 -35.06 26.62 -17.98
C GLY B 267 -34.48 26.88 -19.35
N ALA B 268 -34.54 28.14 -19.77
CA ALA B 268 -34.00 28.52 -21.06
C ALA B 268 -32.48 28.32 -21.10
N THR B 269 -31.78 28.84 -20.09
CA THR B 269 -30.33 28.71 -20.04
C THR B 269 -29.90 27.24 -20.00
N VAL B 270 -30.59 26.44 -19.20
CA VAL B 270 -30.24 25.03 -19.11
C VAL B 270 -30.48 24.34 -20.46
N ALA B 271 -31.57 24.70 -21.12
CA ALA B 271 -31.90 24.13 -22.44
C ALA B 271 -30.78 24.41 -23.43
N THR B 272 -30.33 25.66 -23.48
CA THR B 272 -29.24 26.06 -24.37
C THR B 272 -27.99 25.25 -24.06
N ALA B 273 -27.71 25.08 -22.77
CA ALA B 273 -26.53 24.31 -22.35
C ALA B 273 -26.61 22.88 -22.84
N LEU B 274 -27.76 22.24 -22.61
CA LEU B 274 -27.93 20.86 -23.06
C LEU B 274 -27.76 20.77 -24.58
N SER B 275 -28.29 21.76 -25.28
CA SER B 275 -28.19 21.82 -26.73
C SER B 275 -26.72 21.76 -27.16
N ILE B 276 -25.92 22.68 -26.63
CA ILE B 276 -24.50 22.73 -26.94
C ILE B 276 -23.82 21.44 -26.51
N ALA B 277 -24.20 20.95 -25.34
CA ALA B 277 -23.60 19.72 -24.80
C ALA B 277 -23.83 18.49 -25.67
N GLU B 278 -25.04 18.39 -26.21
CA GLU B 278 -25.41 17.25 -27.04
C GLU B 278 -24.35 16.81 -28.04
N HIS B 279 -23.75 17.79 -28.73
CA HIS B 279 -22.74 17.49 -29.73
C HIS B 279 -21.33 17.93 -29.38
N ALA B 280 -21.16 18.46 -28.17
CA ALA B 280 -19.86 18.93 -27.72
C ALA B 280 -18.84 17.81 -27.51
N PRO B 281 -17.54 18.11 -27.71
CA PRO B 281 -16.50 17.10 -27.52
C PRO B 281 -16.55 16.48 -26.13
N GLU B 282 -15.93 15.32 -25.99
CA GLU B 282 -15.90 14.62 -24.71
C GLU B 282 -15.20 15.49 -23.67
N GLY B 283 -15.79 15.58 -22.48
CA GLY B 283 -15.19 16.36 -21.41
C GLY B 283 -15.54 17.84 -21.39
N THR B 284 -16.54 18.24 -22.16
CA THR B 284 -16.97 19.63 -22.20
C THR B 284 -17.68 20.02 -20.90
N VAL B 285 -17.34 21.19 -20.38
CA VAL B 285 -17.93 21.71 -19.14
C VAL B 285 -18.73 22.98 -19.44
N LEU B 286 -19.98 22.99 -19.04
CA LEU B 286 -20.83 24.16 -19.27
C LEU B 286 -21.38 24.73 -17.97
N LEU B 287 -21.63 26.03 -17.94
CA LEU B 287 -22.19 26.68 -16.76
C LEU B 287 -23.40 27.48 -17.20
N ALA B 288 -24.53 27.26 -16.53
CA ALA B 288 -25.75 27.96 -16.86
C ALA B 288 -26.25 28.74 -15.64
N MET B 289 -26.81 29.92 -15.87
CA MET B 289 -27.34 30.77 -14.80
C MET B 289 -28.81 30.48 -14.53
N LEU B 290 -29.15 30.28 -13.26
CA LEU B 290 -30.52 30.01 -12.82
C LEU B 290 -30.92 31.28 -12.05
N PRO B 291 -31.52 32.26 -12.75
CA PRO B 291 -31.91 33.52 -12.13
C PRO B 291 -32.85 33.60 -10.93
N ASP B 292 -33.81 32.68 -10.81
CA ASP B 292 -34.72 32.80 -9.69
C ASP B 292 -35.45 31.52 -9.32
N THR B 293 -36.21 31.59 -8.22
CA THR B 293 -36.97 30.44 -7.74
C THR B 293 -38.26 30.26 -8.54
N GLY B 294 -38.59 29.00 -8.82
CA GLY B 294 -39.80 28.71 -9.57
C GLY B 294 -41.04 28.91 -8.73
N GLU B 295 -40.87 29.16 -7.43
CA GLU B 295 -42.00 29.34 -6.54
C GLU B 295 -42.91 30.52 -6.84
N ARG B 296 -42.42 31.54 -7.53
CA ARG B 296 -43.30 32.67 -7.83
C ARG B 296 -43.92 32.54 -9.22
N TYR B 297 -43.91 31.33 -9.77
CA TYR B 297 -44.45 31.06 -11.10
C TYR B 297 -45.68 30.15 -11.10
N LEU B 298 -46.15 29.77 -9.92
CA LEU B 298 -47.30 28.88 -9.81
C LEU B 298 -48.52 29.31 -10.62
N SER B 299 -48.58 30.59 -10.99
CA SER B 299 -49.71 31.09 -11.76
C SER B 299 -49.32 31.60 -13.14
N THR B 300 -48.44 30.87 -13.81
CA THR B 300 -47.98 31.24 -15.13
C THR B 300 -47.94 30.02 -16.04
N PHE B 301 -47.48 30.20 -17.27
CA PHE B 301 -47.45 29.09 -18.20
C PHE B 301 -46.46 27.98 -17.85
N LEU B 302 -45.75 28.15 -16.74
CA LEU B 302 -44.80 27.13 -16.28
C LEU B 302 -45.60 26.01 -15.65
N PHE B 303 -46.82 26.33 -15.23
CA PHE B 303 -47.70 25.34 -14.61
C PHE B 303 -48.95 25.08 -15.44
N ASP B 304 -48.87 25.38 -16.73
CA ASP B 304 -49.98 25.15 -17.64
C ASP B 304 -49.90 23.71 -18.12
N GLY B 305 -50.98 22.97 -17.89
CA GLY B 305 -51.01 21.58 -18.30
C GLY B 305 -50.52 20.67 -17.19
N VAL B 306 -50.55 21.17 -15.95
CA VAL B 306 -50.12 20.39 -14.79
C VAL B 306 -51.33 19.95 -13.98
N ASP B 307 -51.45 18.65 -13.78
CA ASP B 307 -52.55 18.07 -13.02
C ASP B 307 -52.64 18.64 -11.61
N GLU B 308 -53.87 18.81 -11.12
CA GLU B 308 -54.08 19.34 -9.78
C GLU B 308 -54.80 18.33 -8.88
N GLY B 309 -55.40 17.32 -9.48
CA GLY B 309 -56.12 16.32 -8.72
C GLY B 309 -55.29 15.11 -8.35
N SER B 310 -55.93 14.13 -7.72
CA SER B 310 -55.26 12.90 -7.30
C SER B 310 -54.72 12.12 -8.51
N ASP B 311 -53.65 11.36 -8.27
CA ASP B 311 -53.01 10.56 -9.31
C ASP B 311 -53.62 9.16 -9.44
N ASP B 312 -54.94 9.11 -9.50
CA ASP B 312 -55.66 7.83 -9.61
C ASP B 312 -55.16 6.98 -10.77
N ALA B 313 -55.03 7.60 -11.94
CA ALA B 313 -54.57 6.88 -13.12
C ALA B 313 -53.29 6.14 -12.79
N TRP B 314 -52.32 6.88 -12.22
CA TRP B 314 -51.03 6.29 -11.87
C TRP B 314 -51.17 5.14 -10.88
N LEU B 315 -52.03 5.29 -9.88
CA LEU B 315 -52.23 4.22 -8.90
C LEU B 315 -52.77 2.98 -9.61
N ALA B 316 -53.69 3.22 -10.55
CA ALA B 316 -54.32 2.15 -11.32
C ALA B 316 -53.29 1.35 -12.11
N SER B 317 -52.34 2.05 -12.73
CA SER B 317 -51.30 1.40 -13.53
C SER B 317 -50.36 0.53 -12.69
N LEU B 318 -50.49 0.62 -11.37
CA LEU B 318 -49.64 -0.14 -10.47
C LEU B 318 -50.15 -1.55 -10.20
N ASP B 319 -51.47 -1.72 -10.20
CA ASP B 319 -52.07 -3.02 -9.95
C ASP B 319 -52.55 -3.73 -11.21
N THR B 320 -52.04 -3.31 -12.37
CA THR B 320 -52.42 -3.92 -13.65
C THR B 320 -51.29 -3.87 -14.67
N PRO C 2 -16.47 26.75 -3.07
CA PRO C 2 -16.15 25.71 -4.08
C PRO C 2 -17.40 25.12 -4.72
N LEU C 3 -17.22 24.37 -5.80
CA LEU C 3 -18.34 23.74 -6.49
C LEU C 3 -19.02 22.76 -5.53
N PHE C 4 -20.30 22.48 -5.79
CA PHE C 4 -21.06 21.53 -5.00
C PHE C 4 -21.40 20.43 -6.00
N ASN C 5 -21.43 19.18 -5.57
CA ASN C 5 -21.75 18.10 -6.49
C ASN C 5 -23.26 18.02 -6.73
N SER C 6 -24.04 18.08 -5.66
CA SER C 6 -25.49 17.98 -5.77
C SER C 6 -26.15 19.15 -5.04
N ILE C 7 -27.39 19.44 -5.40
CA ILE C 7 -28.11 20.53 -4.76
C ILE C 7 -28.36 20.18 -3.30
N LEU C 8 -28.34 18.90 -2.97
CA LEU C 8 -28.54 18.50 -1.59
C LEU C 8 -27.37 18.88 -0.68
N ASP C 9 -26.20 19.12 -1.26
CA ASP C 9 -25.02 19.50 -0.49
C ASP C 9 -25.12 20.96 -0.02
N THR C 10 -26.18 21.64 -0.42
CA THR C 10 -26.36 23.03 0.01
C THR C 10 -27.34 23.16 1.16
N ILE C 11 -27.88 22.03 1.61
CA ILE C 11 -28.83 22.06 2.71
C ILE C 11 -28.15 22.39 4.05
N GLY C 12 -28.78 23.23 4.85
CA GLY C 12 -28.19 23.59 6.12
C GLY C 12 -27.26 24.79 6.04
N ARG C 13 -26.51 25.02 7.11
CA ARG C 13 -25.58 26.16 7.19
C ARG C 13 -26.34 27.44 6.84
N THR C 14 -27.53 27.58 7.39
CA THR C 14 -28.34 28.75 7.16
C THR C 14 -27.83 29.92 8.01
N PRO C 15 -28.09 31.16 7.56
CA PRO C 15 -27.64 32.33 8.30
C PRO C 15 -28.48 32.79 9.47
N ILE C 16 -27.78 33.36 10.45
CA ILE C 16 -28.38 33.92 11.65
C ILE C 16 -28.10 35.44 11.49
N VAL C 17 -29.15 36.24 11.40
CA VAL C 17 -29.01 37.68 11.26
C VAL C 17 -29.66 38.43 12.43
N ARG C 18 -29.13 39.61 12.72
CA ARG C 18 -29.65 40.47 13.80
C ARG C 18 -30.79 41.38 13.34
N LEU C 19 -31.85 41.47 14.12
CA LEU C 19 -32.95 42.36 13.77
C LEU C 19 -32.42 43.79 13.99
N GLN C 20 -32.57 44.64 12.97
CA GLN C 20 -32.05 46.01 13.03
C GLN C 20 -32.90 47.07 13.72
N ARG C 21 -34.17 46.80 13.96
CA ARG C 21 -35.02 47.79 14.62
C ARG C 21 -36.24 47.26 15.35
N MET C 22 -36.57 45.98 15.13
CA MET C 22 -37.75 45.40 15.77
C MET C 22 -37.54 44.98 17.23
N ALA C 23 -36.37 45.24 17.80
CA ALA C 23 -36.15 44.83 19.18
C ALA C 23 -35.76 45.94 20.14
N PRO C 24 -36.14 45.80 21.43
CA PRO C 24 -35.82 46.79 22.46
C PRO C 24 -34.33 47.12 22.45
N GLU C 25 -34.01 48.41 22.34
CA GLU C 25 -32.63 48.88 22.29
C GLU C 25 -31.69 48.31 23.34
N HIS C 26 -32.24 47.79 24.43
CA HIS C 26 -31.41 47.23 25.50
C HIS C 26 -31.28 45.71 25.31
N THR C 27 -31.66 45.25 24.12
CA THR C 27 -31.62 43.83 23.83
C THR C 27 -31.15 43.55 22.41
N SER C 28 -30.70 42.32 22.17
CA SER C 28 -30.26 41.91 20.84
C SER C 28 -31.04 40.67 20.46
N VAL C 29 -31.80 40.76 19.37
CA VAL C 29 -32.61 39.63 18.92
C VAL C 29 -32.08 39.15 17.57
N TYR C 30 -31.66 37.89 17.55
CA TYR C 30 -31.11 37.26 16.36
C TYR C 30 -32.11 36.28 15.75
N VAL C 31 -32.01 36.11 14.44
CA VAL C 31 -32.95 35.24 13.76
C VAL C 31 -32.25 34.24 12.81
N LYS C 32 -32.63 32.96 12.91
CA LYS C 32 -32.08 31.92 12.03
C LYS C 32 -33.06 31.65 10.88
N VAL C 33 -32.69 32.15 9.70
CA VAL C 33 -33.47 32.08 8.47
C VAL C 33 -33.33 30.75 7.71
N GLU C 34 -34.15 29.76 8.07
CA GLU C 34 -34.09 28.45 7.44
C GLU C 34 -34.73 28.40 6.05
N SER C 35 -35.16 29.56 5.55
CA SER C 35 -35.74 29.63 4.22
C SER C 35 -34.61 29.61 3.19
N PHE C 36 -33.37 29.67 3.66
CA PHE C 36 -32.23 29.65 2.75
C PHE C 36 -31.93 28.24 2.24
N ASN C 37 -32.61 27.24 2.81
CA ASN C 37 -32.45 25.86 2.37
C ASN C 37 -33.07 25.81 0.98
N PRO C 38 -32.55 24.96 0.08
CA PRO C 38 -33.10 24.87 -1.28
C PRO C 38 -34.61 24.63 -1.31
N GLY C 39 -35.10 23.82 -0.38
CA GLY C 39 -36.50 23.51 -0.31
C GLY C 39 -37.34 24.62 0.31
N GLY C 40 -36.68 25.70 0.70
CA GLY C 40 -37.40 26.82 1.28
C GLY C 40 -37.85 26.71 2.72
N SER C 41 -37.48 25.64 3.41
CA SER C 41 -37.90 25.47 4.79
C SER C 41 -36.95 24.60 5.58
N VAL C 42 -37.19 24.55 6.88
CA VAL C 42 -36.39 23.75 7.81
C VAL C 42 -36.46 22.26 7.51
N LYS C 43 -37.57 21.84 6.90
CA LYS C 43 -37.80 20.42 6.57
C LYS C 43 -36.80 19.77 5.63
N ASP C 44 -36.01 20.60 4.95
CA ASP C 44 -34.98 20.07 4.06
C ASP C 44 -34.06 19.18 4.88
N ARG C 45 -33.81 19.58 6.13
CA ARG C 45 -32.92 18.84 7.00
C ARG C 45 -33.46 17.44 7.35
N LEU C 46 -34.69 17.38 7.85
CA LEU C 46 -35.26 16.09 8.20
C LEU C 46 -35.44 15.23 6.96
N ALA C 47 -35.75 15.85 5.83
CA ALA C 47 -35.93 15.09 4.58
C ALA C 47 -34.62 14.41 4.16
N LEU C 48 -33.53 15.18 4.21
CA LEU C 48 -32.22 14.67 3.83
C LEU C 48 -31.81 13.58 4.81
N SER C 49 -31.88 13.91 6.09
CA SER C 49 -31.51 12.96 7.14
C SER C 49 -32.20 11.60 7.03
N VAL C 50 -33.53 11.61 6.92
CA VAL C 50 -34.28 10.36 6.80
C VAL C 50 -33.84 9.52 5.59
N VAL C 51 -33.61 10.17 4.45
CA VAL C 51 -33.20 9.46 3.25
C VAL C 51 -31.78 8.93 3.33
N LEU C 52 -30.85 9.74 3.83
CA LEU C 52 -29.47 9.30 3.93
C LEU C 52 -29.40 8.18 4.96
N ASP C 53 -30.26 8.27 5.97
CA ASP C 53 -30.31 7.25 7.01
C ASP C 53 -30.89 5.94 6.48
N ALA C 54 -31.96 6.02 5.70
CA ALA C 54 -32.58 4.82 5.16
C ALA C 54 -31.62 4.10 4.23
N GLU C 55 -30.80 4.88 3.52
CA GLU C 55 -29.83 4.34 2.57
C GLU C 55 -28.73 3.58 3.27
N ALA C 56 -28.33 4.06 4.44
CA ALA C 56 -27.27 3.46 5.22
C ALA C 56 -27.73 2.16 5.88
N LYS C 57 -29.00 2.11 6.26
CA LYS C 57 -29.56 0.92 6.89
C LYS C 57 -30.02 -0.05 5.80
N GLY C 58 -29.83 0.34 4.54
CA GLY C 58 -30.24 -0.51 3.44
C GLY C 58 -31.74 -0.55 3.18
N LEU C 59 -32.48 0.41 3.74
CA LEU C 59 -33.93 0.46 3.57
C LEU C 59 -34.38 1.24 2.33
N LEU C 60 -33.41 1.79 1.60
CA LEU C 60 -33.70 2.56 0.40
C LEU C 60 -32.66 2.26 -0.66
N LYS C 61 -33.06 1.50 -1.66
CA LYS C 61 -32.17 1.15 -2.76
C LYS C 61 -32.57 2.06 -3.91
N PRO C 62 -31.74 2.12 -4.96
CA PRO C 62 -32.04 2.98 -6.11
C PRO C 62 -33.41 2.73 -6.74
N GLY C 63 -34.02 3.80 -7.24
CA GLY C 63 -35.33 3.69 -7.87
C GLY C 63 -36.48 3.37 -6.94
N ASP C 64 -36.21 3.27 -5.64
CA ASP C 64 -37.26 2.98 -4.68
C ASP C 64 -38.20 4.17 -4.60
N THR C 65 -39.33 4.00 -3.92
CA THR C 65 -40.26 5.10 -3.77
C THR C 65 -40.53 5.35 -2.28
N ILE C 66 -40.75 6.62 -1.96
CA ILE C 66 -40.99 7.05 -0.59
C ILE C 66 -42.41 7.60 -0.47
N VAL C 67 -43.11 7.21 0.60
CA VAL C 67 -44.47 7.69 0.84
C VAL C 67 -44.54 8.36 2.18
N GLU C 68 -45.33 9.42 2.26
CA GLU C 68 -45.49 10.14 3.51
C GLU C 68 -46.79 10.93 3.49
N CYS C 69 -47.50 10.86 4.61
CA CYS C 69 -48.74 11.61 4.75
C CYS C 69 -48.29 12.99 5.20
N THR C 70 -48.35 13.95 4.29
CA THR C 70 -47.93 15.30 4.63
C THR C 70 -48.97 16.30 4.16
N SER C 71 -48.80 17.55 4.56
CA SER C 71 -49.71 18.61 4.20
C SER C 71 -48.95 19.90 3.94
N GLY C 72 -47.74 19.97 4.46
CA GLY C 72 -46.94 21.17 4.29
C GLY C 72 -45.54 21.01 3.76
N ASN C 73 -44.61 21.62 4.49
CA ASN C 73 -43.20 21.62 4.09
C ASN C 73 -42.52 20.25 4.00
N VAL C 74 -42.99 19.27 4.76
CA VAL C 74 -42.37 17.94 4.72
C VAL C 74 -42.51 17.30 3.35
N GLY C 75 -43.67 17.48 2.72
CA GLY C 75 -43.89 16.90 1.41
C GLY C 75 -43.04 17.55 0.34
N ILE C 76 -42.87 18.86 0.45
CA ILE C 76 -42.06 19.60 -0.51
C ILE C 76 -40.60 19.15 -0.41
N ALA C 77 -40.10 19.07 0.82
CA ALA C 77 -38.72 18.66 1.09
C ALA C 77 -38.44 17.23 0.62
N LEU C 78 -39.30 16.30 1.00
CA LEU C 78 -39.13 14.90 0.62
C LEU C 78 -39.13 14.77 -0.91
N ALA C 79 -40.04 15.49 -1.56
CA ALA C 79 -40.15 15.47 -3.01
C ALA C 79 -38.86 16.00 -3.63
N MET C 80 -38.39 17.13 -3.14
CA MET C 80 -37.16 17.70 -3.67
C MET C 80 -36.00 16.73 -3.50
N VAL C 81 -35.87 16.16 -2.30
CA VAL C 81 -34.79 15.23 -2.02
C VAL C 81 -34.91 14.00 -2.91
N ALA C 82 -36.13 13.49 -3.06
CA ALA C 82 -36.38 12.32 -3.89
C ALA C 82 -35.98 12.62 -5.34
N ALA C 83 -36.38 13.79 -5.83
CA ALA C 83 -36.05 14.21 -7.18
C ALA C 83 -34.54 14.30 -7.38
N ALA C 84 -33.82 14.76 -6.36
CA ALA C 84 -32.38 14.88 -6.47
C ALA C 84 -31.64 13.55 -6.32
N ARG C 85 -32.22 12.61 -5.57
CA ARG C 85 -31.61 11.31 -5.36
C ARG C 85 -32.03 10.26 -6.36
N GLY C 86 -33.12 10.52 -7.10
CA GLY C 86 -33.58 9.57 -8.08
C GLY C 86 -34.59 8.57 -7.50
N TYR C 87 -35.31 9.00 -6.48
CA TYR C 87 -36.31 8.15 -5.86
C TYR C 87 -37.65 8.68 -6.30
N ARG C 88 -38.66 7.84 -6.17
CA ARG C 88 -40.01 8.24 -6.49
C ARG C 88 -40.60 8.66 -5.16
N PHE C 89 -41.39 9.72 -5.15
CA PHE C 89 -42.00 10.17 -3.91
C PHE C 89 -43.51 10.26 -4.07
N VAL C 90 -44.23 9.85 -3.03
CA VAL C 90 -45.70 9.89 -3.05
C VAL C 90 -46.25 10.64 -1.85
N ALA C 91 -46.91 11.77 -2.11
CA ALA C 91 -47.48 12.58 -1.05
C ALA C 91 -48.94 12.25 -0.80
N VAL C 92 -49.26 11.86 0.42
CA VAL C 92 -50.63 11.53 0.78
C VAL C 92 -51.20 12.73 1.55
N MET C 93 -52.15 13.44 0.95
CA MET C 93 -52.72 14.61 1.60
C MET C 93 -54.22 14.83 1.35
N GLY C 94 -54.87 15.46 2.32
CA GLY C 94 -56.28 15.74 2.22
C GLY C 94 -56.59 16.76 1.14
N ASP C 95 -57.79 16.68 0.61
CA ASP C 95 -58.25 17.56 -0.46
C ASP C 95 -58.58 18.98 0.02
N THR C 96 -58.65 19.16 1.33
CA THR C 96 -58.97 20.47 1.91
C THR C 96 -57.76 21.39 1.83
N TYR C 97 -56.58 20.79 1.79
CA TYR C 97 -55.34 21.55 1.71
C TYR C 97 -55.22 22.31 0.39
N SER C 98 -54.61 23.49 0.47
CA SER C 98 -54.42 24.38 -0.68
C SER C 98 -53.90 23.71 -1.95
N VAL C 99 -54.28 24.28 -3.09
CA VAL C 99 -53.86 23.77 -4.38
C VAL C 99 -52.39 24.12 -4.62
N GLU C 100 -51.98 25.30 -4.17
CA GLU C 100 -50.61 25.74 -4.34
C GLU C 100 -49.68 24.72 -3.73
N ARG C 101 -50.09 24.18 -2.58
CA ARG C 101 -49.31 23.17 -1.89
C ARG C 101 -49.16 21.95 -2.79
N ARG C 102 -50.22 21.66 -3.56
CA ARG C 102 -50.22 20.51 -4.48
C ARG C 102 -49.26 20.73 -5.63
N LYS C 103 -49.28 21.93 -6.19
CA LYS C 103 -48.43 22.29 -7.32
C LYS C 103 -46.96 22.20 -6.96
N LEU C 104 -46.64 22.52 -5.70
CA LEU C 104 -45.26 22.49 -5.24
C LEU C 104 -44.72 21.06 -5.28
N ILE C 105 -45.44 20.14 -4.67
CA ILE C 105 -45.01 18.74 -4.64
C ILE C 105 -44.91 18.16 -6.06
N ARG C 106 -45.82 18.57 -6.93
CA ARG C 106 -45.85 18.09 -8.30
C ARG C 106 -44.72 18.71 -9.13
N ALA C 107 -44.32 19.93 -8.76
CA ALA C 107 -43.23 20.60 -9.48
C ALA C 107 -41.98 19.74 -9.36
N TYR C 108 -41.80 19.12 -8.20
CA TYR C 108 -40.64 18.27 -7.94
C TYR C 108 -40.84 16.83 -8.40
N GLY C 109 -41.87 16.61 -9.23
CA GLY C 109 -42.14 15.27 -9.74
C GLY C 109 -42.84 14.33 -8.77
N GLY C 110 -43.34 14.88 -7.66
CA GLY C 110 -44.00 14.03 -6.69
C GLY C 110 -45.39 13.56 -7.12
N LYS C 111 -45.76 12.38 -6.66
CA LYS C 111 -47.06 11.81 -6.97
C LYS C 111 -48.02 12.24 -5.86
N LEU C 112 -49.23 12.63 -6.24
CA LEU C 112 -50.23 13.07 -5.27
C LEU C 112 -51.34 12.06 -5.04
N VAL C 113 -51.66 11.81 -3.78
CA VAL C 113 -52.74 10.91 -3.41
C VAL C 113 -53.65 11.68 -2.47
N LEU C 114 -54.78 12.16 -2.99
CA LEU C 114 -55.74 12.92 -2.21
C LEU C 114 -56.70 12.01 -1.43
N PHE C 115 -57.21 12.54 -0.32
CA PHE C 115 -58.15 11.82 0.52
C PHE C 115 -59.02 12.84 1.25
N PRO C 116 -60.28 12.47 1.57
CA PRO C 116 -61.19 13.39 2.26
C PRO C 116 -60.53 14.14 3.42
N GLY C 117 -60.43 15.46 3.27
CA GLY C 117 -59.82 16.28 4.30
C GLY C 117 -60.26 15.98 5.72
N HIS C 118 -61.56 16.03 5.97
CA HIS C 118 -62.10 15.77 7.30
C HIS C 118 -61.52 14.50 7.93
N LEU C 119 -61.10 13.56 7.09
CA LEU C 119 -60.53 12.31 7.58
C LEU C 119 -59.43 12.65 8.58
N GLY C 120 -58.76 13.78 8.34
CA GLY C 120 -57.71 14.23 9.23
C GLY C 120 -56.39 13.49 9.09
N SER C 121 -55.36 14.02 9.75
CA SER C 121 -54.04 13.43 9.71
C SER C 121 -54.10 11.91 9.93
N LYS C 122 -54.47 11.50 11.13
CA LYS C 122 -54.57 10.09 11.46
C LYS C 122 -55.23 9.28 10.36
N GLY C 123 -56.16 9.92 9.64
CA GLY C 123 -56.83 9.23 8.55
C GLY C 123 -55.83 8.97 7.43
N GLY C 124 -55.24 10.05 6.92
CA GLY C 124 -54.27 9.94 5.84
C GLY C 124 -53.06 9.10 6.19
N ASN C 125 -52.70 9.04 7.46
CA ASN C 125 -51.55 8.24 7.87
C ASN C 125 -51.88 6.78 7.65
N LEU C 126 -53.15 6.42 7.84
CA LEU C 126 -53.59 5.05 7.64
C LEU C 126 -53.40 4.75 6.14
N ILE C 127 -53.80 5.71 5.32
CA ILE C 127 -53.68 5.61 3.87
C ILE C 127 -52.23 5.36 3.47
N ALA C 128 -51.33 6.19 3.99
CA ALA C 128 -49.91 6.06 3.70
C ALA C 128 -49.38 4.72 4.17
N ASP C 129 -49.77 4.35 5.39
CA ASP C 129 -49.35 3.06 5.94
C ASP C 129 -49.81 1.96 5.01
N GLU C 130 -51.07 2.05 4.59
CA GLU C 130 -51.69 1.08 3.69
C GLU C 130 -50.90 0.91 2.39
N LEU C 131 -50.73 2.02 1.67
CA LEU C 131 -49.98 2.00 0.41
C LEU C 131 -48.60 1.40 0.62
N ALA C 132 -47.92 1.89 1.65
CA ALA C 132 -46.58 1.45 1.98
C ALA C 132 -46.47 -0.07 2.07
N GLU C 133 -47.43 -0.70 2.74
CA GLU C 133 -47.42 -2.17 2.88
C GLU C 133 -47.81 -2.84 1.58
N LYS C 134 -48.89 -2.35 0.98
CA LYS C 134 -49.40 -2.89 -0.27
C LYS C 134 -48.36 -2.97 -1.39
N TYR C 135 -47.52 -1.94 -1.50
CA TYR C 135 -46.51 -1.92 -2.56
C TYR C 135 -45.05 -2.00 -2.12
N GLY C 136 -44.82 -2.12 -0.82
CA GLY C 136 -43.45 -2.21 -0.32
C GLY C 136 -42.63 -0.94 -0.38
N TRP C 137 -43.31 0.20 -0.23
CA TRP C 137 -42.64 1.49 -0.27
C TRP C 137 -42.08 1.83 1.11
N PHE C 138 -41.18 2.82 1.14
CA PHE C 138 -40.54 3.28 2.37
C PHE C 138 -41.34 4.41 2.99
N ARG C 139 -41.58 4.33 4.29
CA ARG C 139 -42.32 5.36 5.02
C ARG C 139 -41.34 6.23 5.83
N ALA C 140 -41.39 7.54 5.63
CA ALA C 140 -40.50 8.46 6.35
C ALA C 140 -40.75 8.53 7.86
N ARG C 141 -42.01 8.64 8.27
CA ARG C 141 -42.37 8.71 9.68
C ARG C 141 -41.70 9.92 10.35
N GLN C 142 -42.02 11.10 9.85
CA GLN C 142 -41.44 12.34 10.34
C GLN C 142 -41.57 12.57 11.84
N PHE C 143 -42.53 11.90 12.47
CA PHE C 143 -42.74 12.09 13.90
C PHE C 143 -42.05 11.09 14.79
N ASP C 144 -41.55 10.01 14.22
CA ASP C 144 -40.90 9.00 15.02
C ASP C 144 -39.50 8.65 14.59
N ASN C 145 -39.10 9.10 13.40
CA ASN C 145 -37.75 8.82 12.90
C ASN C 145 -36.68 9.60 13.66
N PRO C 146 -35.84 8.90 14.43
CA PRO C 146 -34.78 9.56 15.21
C PRO C 146 -33.81 10.35 14.36
N ALA C 147 -33.73 10.00 13.08
CA ALA C 147 -32.83 10.70 12.17
C ALA C 147 -33.22 12.17 12.05
N ASN C 148 -34.47 12.48 12.37
CA ASN C 148 -34.96 13.87 12.29
C ASN C 148 -34.26 14.73 13.36
N PRO C 149 -34.45 14.41 14.64
CA PRO C 149 -33.76 15.25 15.65
C PRO C 149 -32.23 15.10 15.53
N SER C 150 -31.80 13.90 15.16
CA SER C 150 -30.38 13.60 15.02
C SER C 150 -29.67 14.59 14.10
N TYR C 151 -30.31 14.94 13.01
CA TYR C 151 -29.71 15.87 12.06
C TYR C 151 -29.64 17.29 12.59
N HIS C 152 -30.57 17.66 13.47
CA HIS C 152 -30.57 19.00 14.04
C HIS C 152 -29.44 19.09 15.07
N ARG C 153 -29.10 17.95 15.70
CA ARG C 153 -28.03 17.95 16.68
C ARG C 153 -26.69 18.16 15.99
N GLU C 154 -26.58 17.65 14.77
CA GLU C 154 -25.32 17.72 14.05
C GLU C 154 -25.14 18.92 13.15
N THR C 155 -26.24 19.49 12.70
CA THR C 155 -26.16 20.65 11.84
C THR C 155 -26.71 21.92 12.49
N THR C 156 -28.03 22.01 12.60
CA THR C 156 -28.68 23.18 13.19
C THR C 156 -28.00 23.66 14.48
N ALA C 157 -27.84 22.78 15.44
CA ALA C 157 -27.21 23.11 16.72
C ALA C 157 -25.79 23.62 16.53
N SER C 158 -25.05 22.90 15.68
CA SER C 158 -23.66 23.23 15.38
C SER C 158 -23.52 24.62 14.79
N GLU C 159 -24.46 25.00 13.93
CA GLU C 159 -24.38 26.32 13.31
C GLU C 159 -24.63 27.38 14.41
N ILE C 160 -25.61 27.12 15.26
CA ILE C 160 -25.94 28.05 16.34
C ILE C 160 -24.78 28.16 17.34
N LEU C 161 -24.22 27.03 17.76
CA LEU C 161 -23.12 27.03 18.69
C LEU C 161 -21.89 27.74 18.13
N ALA C 162 -21.55 27.46 16.88
CA ALA C 162 -20.38 28.07 16.26
C ALA C 162 -20.51 29.58 16.07
N ASP C 163 -21.71 30.05 15.72
CA ASP C 163 -21.94 31.48 15.50
C ASP C 163 -21.91 32.26 16.82
N PHE C 164 -22.30 31.60 17.91
CA PHE C 164 -22.34 32.27 19.20
C PHE C 164 -21.16 31.95 20.12
N ALA C 165 -20.24 31.10 19.66
CA ALA C 165 -19.08 30.73 20.47
C ALA C 165 -18.34 31.96 21.00
N GLY C 166 -18.13 32.00 22.31
CA GLY C 166 -17.43 33.12 22.92
C GLY C 166 -18.22 34.41 22.86
N LYS C 167 -19.53 34.28 22.64
CA LYS C 167 -20.41 35.44 22.56
C LYS C 167 -21.59 35.17 23.49
N ARG C 168 -22.31 36.23 23.86
CA ARG C 168 -23.46 36.07 24.76
C ARG C 168 -24.71 35.53 24.07
N LEU C 169 -25.41 34.64 24.76
CA LEU C 169 -26.65 34.04 24.27
C LEU C 169 -27.48 33.62 25.47
N ASP C 170 -28.67 34.20 25.62
CA ASP C 170 -29.51 33.88 26.78
C ASP C 170 -30.77 33.05 26.50
N HIS C 171 -31.44 33.34 25.39
CA HIS C 171 -32.67 32.61 25.04
C HIS C 171 -32.68 32.08 23.62
N PHE C 172 -33.20 30.87 23.44
CA PHE C 172 -33.31 30.25 22.13
C PHE C 172 -34.80 29.96 22.00
N VAL C 173 -35.48 30.64 21.09
CA VAL C 173 -36.91 30.46 20.95
C VAL C 173 -37.36 29.70 19.71
N THR C 174 -38.20 28.69 19.92
CA THR C 174 -38.73 27.88 18.83
C THR C 174 -40.08 27.27 19.15
N GLY C 175 -40.82 26.94 18.09
CA GLY C 175 -42.10 26.28 18.25
C GLY C 175 -41.83 24.83 17.89
N PHE C 176 -42.86 24.00 17.81
CA PHE C 176 -42.63 22.61 17.44
C PHE C 176 -43.74 21.97 16.62
N GLY C 177 -43.33 21.17 15.65
CA GLY C 177 -44.27 20.44 14.81
C GLY C 177 -43.93 19.01 15.14
N THR C 178 -42.90 18.48 14.48
CA THR C 178 -42.46 17.13 14.75
C THR C 178 -41.56 17.18 16.00
N THR C 179 -41.25 18.40 16.44
CA THR C 179 -40.38 18.68 17.60
C THR C 179 -38.91 18.33 17.37
N GLY C 180 -38.60 17.88 16.16
CA GLY C 180 -37.23 17.52 15.83
C GLY C 180 -36.25 18.65 16.09
N THR C 181 -36.63 19.88 15.78
CA THR C 181 -35.75 21.02 15.98
C THR C 181 -35.51 21.33 17.46
N LEU C 182 -36.60 21.37 18.22
CA LEU C 182 -36.52 21.68 19.64
C LEU C 182 -35.74 20.61 20.41
N THR C 183 -35.97 19.36 20.07
CA THR C 183 -35.32 18.24 20.72
C THR C 183 -33.83 18.17 20.42
N GLY C 184 -33.50 18.27 19.13
CA GLY C 184 -32.11 18.20 18.72
C GLY C 184 -31.25 19.36 19.18
N VAL C 185 -31.71 20.57 18.94
CA VAL C 185 -30.95 21.75 19.34
C VAL C 185 -30.93 21.86 20.85
N GLY C 186 -32.05 21.49 21.48
CA GLY C 186 -32.12 21.58 22.93
C GLY C 186 -31.17 20.63 23.63
N GLN C 187 -30.96 19.44 23.05
CA GLN C 187 -30.09 18.46 23.64
C GLN C 187 -28.62 18.88 23.56
N MET C 188 -28.26 19.62 22.51
CA MET C 188 -26.88 20.07 22.32
C MET C 188 -26.60 21.31 23.17
N LEU C 189 -27.59 22.20 23.28
CA LEU C 189 -27.44 23.41 24.08
C LEU C 189 -27.37 23.05 25.55
N ARG C 190 -28.13 22.03 25.94
CA ARG C 190 -28.15 21.58 27.33
C ARG C 190 -26.74 21.22 27.81
N VAL C 191 -25.93 20.69 26.91
CA VAL C 191 -24.57 20.30 27.26
C VAL C 191 -23.57 21.42 27.08
N ALA C 192 -23.71 22.18 25.99
CA ALA C 192 -22.78 23.26 25.66
C ALA C 192 -23.02 24.63 26.32
N ARG C 193 -24.28 25.04 26.43
CA ARG C 193 -24.63 26.32 27.03
C ARG C 193 -25.85 26.13 27.94
N PRO C 194 -25.64 25.50 29.11
CA PRO C 194 -26.73 25.27 30.06
C PRO C 194 -27.49 26.53 30.45
N GLU C 195 -26.80 27.67 30.41
CA GLU C 195 -27.41 28.94 30.77
C GLU C 195 -28.52 29.38 29.83
N VAL C 196 -28.45 28.97 28.57
CA VAL C 196 -29.47 29.37 27.62
C VAL C 196 -30.82 28.73 27.92
N ARG C 197 -31.86 29.54 27.91
CA ARG C 197 -33.20 29.06 28.18
C ARG C 197 -33.78 28.53 26.88
N VAL C 198 -34.23 27.29 26.88
CA VAL C 198 -34.84 26.71 25.70
C VAL C 198 -36.33 27.05 25.82
N VAL C 199 -36.79 27.99 25.01
CA VAL C 199 -38.19 28.41 25.04
C VAL C 199 -39.01 27.74 23.95
N ALA C 200 -39.90 26.84 24.37
CA ALA C 200 -40.76 26.12 23.44
C ALA C 200 -42.17 26.72 23.44
N LEU C 201 -42.56 27.33 22.31
CA LEU C 201 -43.88 27.94 22.21
C LEU C 201 -44.89 27.11 21.43
N GLU C 202 -46.16 27.23 21.80
CA GLU C 202 -47.23 26.53 21.10
C GLU C 202 -48.45 27.43 20.95
N PRO C 203 -49.31 27.13 19.97
CA PRO C 203 -50.51 27.93 19.74
C PRO C 203 -51.46 27.87 20.94
N SER C 204 -51.92 29.04 21.40
CA SER C 204 -52.82 29.13 22.55
C SER C 204 -54.00 28.17 22.50
N ASN C 205 -54.73 28.17 21.39
CA ASN C 205 -55.88 27.30 21.23
C ASN C 205 -55.43 25.86 20.98
N ALA C 206 -54.15 25.60 21.20
CA ALA C 206 -53.58 24.27 21.01
C ALA C 206 -52.39 24.08 21.95
N ALA C 207 -52.55 24.51 23.20
CA ALA C 207 -51.51 24.35 24.20
C ALA C 207 -51.46 22.89 24.61
N MET C 208 -51.32 22.03 23.60
CA MET C 208 -51.27 20.58 23.73
C MET C 208 -50.37 20.01 24.83
N LEU C 209 -49.33 20.73 25.21
CA LEU C 209 -48.41 20.24 26.24
C LEU C 209 -48.64 20.91 27.59
N ALA C 210 -48.84 22.22 27.59
CA ALA C 210 -49.05 22.97 28.83
C ALA C 210 -50.35 22.56 29.51
N ARG C 211 -51.40 22.36 28.71
CA ARG C 211 -52.71 21.99 29.25
C ARG C 211 -53.39 20.86 28.47
N GLY C 212 -52.60 20.11 27.70
CA GLY C 212 -53.14 19.00 26.92
C GLY C 212 -54.38 19.27 26.09
N GLU C 213 -54.45 20.44 25.46
CA GLU C 213 -55.61 20.79 24.64
C GLU C 213 -55.23 21.26 23.24
N TRP C 214 -55.78 20.60 22.22
CA TRP C 214 -55.50 20.97 20.84
C TRP C 214 -56.77 21.32 20.07
N SER C 215 -56.65 22.27 19.16
CA SER C 215 -57.77 22.70 18.35
C SER C 215 -57.24 23.49 17.16
N PRO C 216 -57.81 23.28 15.96
CA PRO C 216 -57.42 23.96 14.71
C PRO C 216 -56.92 25.39 14.87
N HIS C 217 -55.62 25.56 14.66
CA HIS C 217 -54.96 26.86 14.77
C HIS C 217 -54.47 27.26 13.39
N GLN C 218 -53.82 28.41 13.30
CA GLN C 218 -53.33 28.87 12.01
C GLN C 218 -51.81 29.03 11.90
N ILE C 219 -51.07 28.63 12.94
CA ILE C 219 -49.61 28.73 12.88
C ILE C 219 -49.10 27.47 12.17
N GLN C 220 -49.33 27.42 10.86
CA GLN C 220 -48.93 26.30 10.02
C GLN C 220 -47.62 25.65 10.43
N GLY C 221 -47.66 24.34 10.63
CA GLY C 221 -46.47 23.60 11.02
C GLY C 221 -46.34 23.33 12.50
N LEU C 222 -47.07 24.08 13.32
CA LEU C 222 -46.99 23.91 14.76
C LEU C 222 -47.95 22.90 15.39
N ALA C 223 -47.66 22.60 16.65
CA ALA C 223 -48.40 21.67 17.50
C ALA C 223 -49.47 20.77 16.89
N PRO C 224 -49.09 19.52 16.53
CA PRO C 224 -50.09 18.61 15.94
C PRO C 224 -51.09 18.28 17.06
N ASN C 225 -52.07 17.43 16.76
CA ASN C 225 -53.07 17.09 17.77
C ASN C 225 -52.64 15.95 18.68
N PHE C 226 -51.35 15.64 18.69
CA PHE C 226 -50.80 14.59 19.54
C PHE C 226 -49.39 14.92 20.01
N VAL C 227 -48.72 13.94 20.62
CA VAL C 227 -47.36 14.14 21.11
C VAL C 227 -46.37 13.24 20.36
N PRO C 228 -45.49 13.85 19.56
CA PRO C 228 -44.50 13.09 18.79
C PRO C 228 -43.64 12.19 19.66
N GLY C 229 -43.39 10.98 19.20
CA GLY C 229 -42.57 10.05 19.96
C GLY C 229 -41.10 10.39 19.90
N VAL C 230 -40.76 11.33 19.02
CA VAL C 230 -39.38 11.74 18.86
C VAL C 230 -39.00 12.89 19.80
N LEU C 231 -39.97 13.41 20.55
CA LEU C 231 -39.73 14.51 21.46
C LEU C 231 -39.15 14.14 22.82
N ASP C 232 -38.36 15.06 23.38
CA ASP C 232 -37.73 14.89 24.69
C ASP C 232 -38.11 16.13 25.49
N ARG C 233 -39.23 16.06 26.20
CA ARG C 233 -39.73 17.18 26.99
C ARG C 233 -38.75 17.80 27.99
N SER C 234 -37.87 16.99 28.57
CA SER C 234 -36.92 17.49 29.57
C SER C 234 -36.03 18.61 29.06
N VAL C 235 -36.03 18.82 27.75
CA VAL C 235 -35.20 19.85 27.14
C VAL C 235 -35.79 21.25 27.27
N ILE C 236 -37.10 21.33 27.44
CA ILE C 236 -37.78 22.61 27.55
C ILE C 236 -37.50 23.32 28.87
N ASP C 237 -37.26 24.62 28.80
CA ASP C 237 -37.01 25.39 30.00
C ASP C 237 -38.29 26.17 30.33
N ASP C 238 -38.82 26.84 29.31
CA ASP C 238 -40.03 27.63 29.44
C ASP C 238 -41.05 27.27 28.36
N LEU C 239 -42.19 26.74 28.79
CA LEU C 239 -43.28 26.34 27.89
C LEU C 239 -44.31 27.47 27.84
N VAL C 240 -44.39 28.17 26.71
CA VAL C 240 -45.32 29.27 26.58
C VAL C 240 -46.34 29.11 25.44
N THR C 241 -47.18 30.12 25.27
CA THR C 241 -48.21 30.14 24.22
C THR C 241 -48.12 31.40 23.40
N MET C 242 -48.60 31.34 22.16
CA MET C 242 -48.59 32.50 21.28
C MET C 242 -49.89 32.54 20.48
N ASP C 243 -50.38 33.75 20.23
CA ASP C 243 -51.62 33.97 19.50
C ASP C 243 -51.37 34.12 18.00
N GLU C 244 -52.16 33.38 17.20
CA GLU C 244 -52.03 33.40 15.74
C GLU C 244 -52.07 34.80 15.12
N VAL C 245 -52.89 35.68 15.68
CA VAL C 245 -52.99 37.03 15.16
C VAL C 245 -51.70 37.77 15.48
N THR C 246 -51.17 37.55 16.68
CA THR C 246 -49.91 38.18 17.08
C THR C 246 -48.79 37.61 16.20
N ALA C 247 -48.81 36.30 16.00
CA ALA C 247 -47.81 35.64 15.16
C ALA C 247 -47.91 36.20 13.76
N ARG C 248 -49.13 36.29 13.24
CA ARG C 248 -49.38 36.81 11.91
C ARG C 248 -48.87 38.25 11.74
N ASP C 249 -49.20 39.12 12.67
CA ASP C 249 -48.76 40.51 12.59
C ASP C 249 -47.24 40.58 12.66
N THR C 250 -46.66 39.94 13.68
CA THR C 250 -45.21 39.90 13.87
C THR C 250 -44.55 39.55 12.55
N SER C 251 -45.09 38.54 11.88
CA SER C 251 -44.56 38.09 10.60
C SER C 251 -44.62 39.19 9.56
N ARG C 252 -45.71 39.97 9.55
CA ARG C 252 -45.86 41.08 8.59
C ARG C 252 -44.88 42.20 8.89
N ARG C 253 -44.54 42.35 10.17
CA ARG C 253 -43.60 43.37 10.60
C ARG C 253 -42.19 42.96 10.17
N LEU C 254 -41.81 41.71 10.49
CA LEU C 254 -40.50 41.18 10.13
C LEU C 254 -40.19 41.48 8.68
N ALA C 255 -41.20 41.27 7.83
CA ALA C 255 -41.07 41.49 6.41
C ALA C 255 -40.95 42.96 6.02
N ALA C 256 -41.84 43.79 6.55
CA ALA C 256 -41.86 45.21 6.22
C ALA C 256 -40.83 46.09 6.94
N GLU C 257 -40.43 45.68 8.15
CA GLU C 257 -39.49 46.47 8.93
C GLU C 257 -38.04 45.98 8.90
N GLU C 258 -37.84 44.72 8.55
CA GLU C 258 -36.49 44.14 8.51
C GLU C 258 -36.08 43.59 7.16
N GLY C 259 -37.07 43.30 6.31
CA GLY C 259 -36.77 42.78 4.99
C GLY C 259 -36.64 41.26 5.00
N ILE C 260 -37.19 40.65 6.03
CA ILE C 260 -37.13 39.20 6.15
C ILE C 260 -38.54 38.64 6.06
N PHE C 261 -38.85 38.09 4.88
CA PHE C 261 -40.15 37.51 4.59
C PHE C 261 -40.20 36.04 4.99
N ALA C 262 -40.81 35.76 6.14
CA ALA C 262 -40.92 34.39 6.64
C ALA C 262 -42.35 34.01 6.99
N GLY C 263 -42.59 32.72 7.21
CA GLY C 263 -43.92 32.25 7.53
C GLY C 263 -44.49 32.69 8.87
N ILE C 264 -45.69 32.22 9.15
CA ILE C 264 -46.39 32.56 10.38
C ILE C 264 -45.73 31.97 11.64
N SER C 265 -45.26 30.73 11.56
CA SER C 265 -44.61 30.12 12.72
C SER C 265 -43.37 30.92 13.07
N ALA C 266 -42.78 31.60 12.08
CA ALA C 266 -41.60 32.42 12.30
C ALA C 266 -42.05 33.68 13.02
N GLY C 267 -43.25 34.14 12.70
CA GLY C 267 -43.76 35.33 13.35
C GLY C 267 -44.04 35.03 14.80
N ALA C 268 -44.44 33.79 15.06
CA ALA C 268 -44.75 33.33 16.40
C ALA C 268 -43.52 33.35 17.31
N THR C 269 -42.41 32.80 16.82
CA THR C 269 -41.17 32.76 17.59
C THR C 269 -40.61 34.15 17.83
N VAL C 270 -40.59 34.97 16.78
CA VAL C 270 -40.09 36.32 16.91
C VAL C 270 -40.96 37.08 17.93
N ALA C 271 -42.25 36.77 17.94
CA ALA C 271 -43.19 37.43 18.86
C ALA C 271 -42.85 37.08 20.31
N THR C 272 -42.64 35.81 20.59
CA THR C 272 -42.30 35.35 21.94
C THR C 272 -40.94 35.89 22.34
N ALA C 273 -40.03 35.97 21.37
CA ALA C 273 -38.69 36.46 21.61
C ALA C 273 -38.75 37.93 21.98
N LEU C 274 -39.67 38.65 21.35
CA LEU C 274 -39.83 40.08 21.61
C LEU C 274 -40.48 40.28 22.98
N SER C 275 -41.52 39.49 23.25
CA SER C 275 -42.23 39.57 24.52
C SER C 275 -41.26 39.39 25.68
N ILE C 276 -40.30 38.49 25.50
CA ILE C 276 -39.29 38.22 26.53
C ILE C 276 -38.33 39.40 26.58
N ALA C 277 -38.04 39.95 25.40
CA ALA C 277 -37.13 41.08 25.29
C ALA C 277 -37.65 42.32 26.00
N GLU C 278 -38.95 42.58 25.87
CA GLU C 278 -39.58 43.75 26.48
C GLU C 278 -39.16 43.92 27.93
N HIS C 279 -39.59 43.01 28.79
CA HIS C 279 -39.27 43.05 30.19
C HIS C 279 -38.13 42.09 30.45
N ALA C 280 -36.94 42.47 30.02
CA ALA C 280 -35.75 41.63 30.18
C ALA C 280 -34.52 42.46 30.55
N PRO C 281 -33.58 41.84 31.28
CA PRO C 281 -32.35 42.53 31.69
C PRO C 281 -31.67 43.25 30.55
N GLU C 282 -30.91 44.28 30.88
CA GLU C 282 -30.19 45.06 29.88
C GLU C 282 -29.08 44.20 29.30
N GLY C 283 -28.98 44.15 27.98
CA GLY C 283 -27.94 43.38 27.32
C GLY C 283 -28.31 41.95 26.93
N THR C 284 -29.47 41.48 27.36
CA THR C 284 -29.91 40.12 27.04
C THR C 284 -29.89 39.87 25.53
N VAL C 285 -29.60 38.61 25.16
CA VAL C 285 -29.55 38.20 23.76
C VAL C 285 -30.47 37.02 23.48
N LEU C 286 -31.27 37.13 22.43
CA LEU C 286 -32.21 36.08 22.07
C LEU C 286 -32.05 35.60 20.62
N LEU C 287 -32.29 34.32 20.41
CA LEU C 287 -32.23 33.71 19.08
C LEU C 287 -33.56 33.01 18.81
N ALA C 288 -34.20 33.37 17.71
CA ALA C 288 -35.49 32.77 17.36
C ALA C 288 -35.42 32.09 16.00
N MET C 289 -36.02 30.90 15.92
CA MET C 289 -36.04 30.13 14.68
C MET C 289 -37.10 30.63 13.69
N LEU C 290 -36.72 30.74 12.43
CA LEU C 290 -37.63 31.18 11.37
C LEU C 290 -37.74 30.00 10.37
N PRO C 291 -38.63 29.05 10.67
CA PRO C 291 -38.92 27.82 9.90
C PRO C 291 -38.99 27.87 8.37
N ASP C 292 -39.63 28.90 7.82
CA ASP C 292 -39.72 28.95 6.37
C ASP C 292 -39.96 30.30 5.75
N THR C 293 -40.00 30.26 4.42
CA THR C 293 -40.23 31.43 3.57
C THR C 293 -41.70 31.83 3.56
N GLY C 294 -41.96 33.13 3.61
CA GLY C 294 -43.34 33.59 3.58
C GLY C 294 -43.97 33.50 2.20
N GLU C 295 -43.13 33.33 1.17
CA GLU C 295 -43.64 33.25 -0.20
C GLU C 295 -44.69 32.17 -0.43
N ARG C 296 -44.80 31.19 0.45
CA ARG C 296 -45.82 30.17 0.27
C ARG C 296 -46.95 30.35 1.25
N TYR C 297 -47.21 31.61 1.60
CA TYR C 297 -48.28 31.93 2.54
C TYR C 297 -49.21 33.01 1.98
N LEU C 298 -49.18 33.21 0.67
CA LEU C 298 -50.02 34.21 0.01
C LEU C 298 -51.50 33.81 0.03
N SER C 299 -51.76 32.51 -0.03
CA SER C 299 -53.12 31.99 -0.01
C SER C 299 -53.50 31.62 1.42
N THR C 300 -52.89 32.31 2.37
CA THR C 300 -53.13 32.09 3.80
C THR C 300 -53.62 33.40 4.41
N PHE C 301 -54.10 33.34 5.65
CA PHE C 301 -54.58 34.54 6.31
C PHE C 301 -53.41 35.47 6.63
N LEU C 302 -52.25 35.16 6.05
CA LEU C 302 -51.06 35.99 6.24
C LEU C 302 -51.32 37.27 5.45
N PHE C 303 -52.24 37.18 4.50
CA PHE C 303 -52.62 38.30 3.65
C PHE C 303 -54.14 38.48 3.71
N ASP C 304 -54.70 38.41 4.91
CA ASP C 304 -56.13 38.56 5.13
C ASP C 304 -56.75 39.67 4.30
N GLY C 305 -56.51 40.91 4.71
CA GLY C 305 -57.06 42.04 3.98
C GLY C 305 -55.96 42.89 3.37
N VAL C 306 -55.04 42.24 2.66
CA VAL C 306 -53.94 42.96 2.03
C VAL C 306 -54.36 43.54 0.69
N ASP C 307 -54.28 44.87 0.57
CA ASP C 307 -54.64 45.57 -0.64
C ASP C 307 -54.14 44.85 -1.89
N GLU C 308 -55.05 44.56 -2.81
CA GLU C 308 -54.72 43.88 -4.04
C GLU C 308 -54.69 44.88 -5.20
N GLY C 309 -54.91 46.15 -4.87
CA GLY C 309 -54.90 47.18 -5.89
C GLY C 309 -54.25 48.48 -5.42
N SER C 310 -53.74 49.25 -6.37
CA SER C 310 -53.08 50.53 -6.07
C SER C 310 -53.86 51.35 -5.07
N ASP C 311 -53.14 52.20 -4.33
CA ASP C 311 -53.77 53.07 -3.34
C ASP C 311 -53.52 54.53 -3.70
N ASP C 312 -54.17 54.97 -4.78
CA ASP C 312 -54.04 56.34 -5.24
C ASP C 312 -54.60 57.33 -4.23
N ALA C 313 -55.09 56.83 -3.11
CA ALA C 313 -55.64 57.66 -2.05
C ALA C 313 -54.51 58.35 -1.31
N TRP C 314 -53.52 57.55 -0.91
CA TRP C 314 -52.35 58.05 -0.20
C TRP C 314 -51.49 58.81 -1.21
N LEU C 315 -51.85 58.70 -2.48
CA LEU C 315 -51.14 59.34 -3.57
C LEU C 315 -51.61 60.78 -3.86
N ALA C 316 -51.16 61.72 -3.04
CA ALA C 316 -51.49 63.15 -3.19
C ALA C 316 -51.15 63.91 -1.91
N SER C 317 -51.00 63.17 -0.82
CA SER C 317 -50.69 63.74 0.49
C SER C 317 -49.48 64.66 0.47
N LEU C 318 -49.70 65.92 0.86
CA LEU C 318 -48.66 66.93 0.92
C LEU C 318 -49.29 68.30 1.15
N PRO D 2 -16.30 37.47 3.26
CA PRO D 2 -16.36 38.86 3.79
C PRO D 2 -15.13 39.32 4.57
N LEU D 3 -14.97 40.63 4.65
CA LEU D 3 -13.87 41.24 5.37
C LEU D 3 -13.91 40.83 6.84
N PHE D 4 -12.74 40.64 7.42
CA PHE D 4 -12.63 40.27 8.82
C PHE D 4 -12.22 41.50 9.63
N ASN D 5 -12.89 41.72 10.75
CA ASN D 5 -12.59 42.86 11.59
C ASN D 5 -11.24 42.75 12.30
N SER D 6 -10.98 41.60 12.90
CA SER D 6 -9.72 41.38 13.58
C SER D 6 -9.17 40.02 13.20
N ILE D 7 -7.86 39.85 13.36
CA ILE D 7 -7.21 38.60 13.04
C ILE D 7 -7.79 37.47 13.89
N LEU D 8 -8.29 37.82 15.07
CA LEU D 8 -8.86 36.82 15.96
C LEU D 8 -10.15 36.21 15.41
N ASP D 9 -10.77 36.89 14.46
CA ASP D 9 -12.00 36.42 13.86
C ASP D 9 -11.77 35.28 12.86
N THR D 10 -10.51 34.88 12.66
CA THR D 10 -10.19 33.79 11.73
C THR D 10 -9.82 32.55 12.52
N ILE D 11 -9.94 32.63 13.85
CA ILE D 11 -9.62 31.48 14.69
C ILE D 11 -10.72 30.41 14.56
N GLY D 12 -10.31 29.15 14.36
CA GLY D 12 -11.26 28.07 14.23
C GLY D 12 -11.74 27.80 12.81
N ARG D 13 -12.77 26.97 12.67
CA ARG D 13 -13.31 26.60 11.37
C ARG D 13 -12.20 26.04 10.47
N THR D 14 -11.33 25.23 11.06
CA THR D 14 -10.23 24.61 10.34
C THR D 14 -10.73 23.46 9.44
N PRO D 15 -10.05 23.23 8.31
CA PRO D 15 -10.48 22.16 7.40
C PRO D 15 -10.22 20.73 7.81
N ILE D 16 -11.10 19.85 7.35
CA ILE D 16 -10.93 18.44 7.59
C ILE D 16 -10.61 17.92 6.19
N VAL D 17 -9.46 17.28 6.03
CA VAL D 17 -9.06 16.76 4.73
C VAL D 17 -8.81 15.25 4.78
N ARG D 18 -8.98 14.59 3.65
CA ARG D 18 -8.78 13.15 3.57
C ARG D 18 -7.37 12.76 3.13
N LEU D 19 -6.83 11.73 3.74
CA LEU D 19 -5.50 11.26 3.39
C LEU D 19 -5.68 10.49 2.09
N GLN D 20 -4.79 10.74 1.14
CA GLN D 20 -4.87 10.13 -0.19
C GLN D 20 -4.16 8.79 -0.40
N ARG D 21 -2.99 8.61 0.21
CA ARG D 21 -2.27 7.36 0.01
C ARG D 21 -1.78 6.65 1.26
N MET D 22 -1.95 7.24 2.44
CA MET D 22 -1.46 6.61 3.67
C MET D 22 -2.42 5.61 4.32
N ALA D 23 -3.71 5.76 4.07
CA ALA D 23 -4.70 4.88 4.69
C ALA D 23 -5.03 3.61 3.91
N PRO D 24 -5.31 2.51 4.65
CA PRO D 24 -5.66 1.24 3.98
C PRO D 24 -6.85 1.53 3.06
N GLU D 25 -6.76 1.09 1.82
CA GLU D 25 -7.80 1.34 0.83
C GLU D 25 -9.20 0.93 1.25
N HIS D 26 -9.31 -0.07 2.13
CA HIS D 26 -10.62 -0.51 2.60
C HIS D 26 -11.09 0.44 3.69
N THR D 27 -10.38 1.56 3.82
CA THR D 27 -10.64 2.54 4.86
C THR D 27 -10.52 4.01 4.40
N SER D 28 -10.98 4.93 5.25
CA SER D 28 -10.91 6.35 4.99
C SER D 28 -10.39 7.02 6.25
N VAL D 29 -9.33 7.82 6.11
CA VAL D 29 -8.77 8.52 7.25
C VAL D 29 -8.77 10.00 6.93
N TYR D 30 -9.53 10.74 7.72
CA TYR D 30 -9.63 12.17 7.58
C TYR D 30 -8.80 12.81 8.66
N VAL D 31 -8.40 14.05 8.42
CA VAL D 31 -7.56 14.72 9.39
C VAL D 31 -7.97 16.20 9.58
N LYS D 32 -8.06 16.65 10.83
CA LYS D 32 -8.44 18.05 11.11
C LYS D 32 -7.14 18.83 11.30
N VAL D 33 -6.86 19.75 10.39
CA VAL D 33 -5.63 20.54 10.39
C VAL D 33 -5.75 21.84 11.17
N GLU D 34 -5.35 21.80 12.44
CA GLU D 34 -5.45 22.97 13.31
C GLU D 34 -4.37 24.02 13.05
N SER D 35 -3.40 23.67 12.21
CA SER D 35 -2.32 24.57 11.87
C SER D 35 -2.84 25.76 11.05
N PHE D 36 -4.08 25.63 10.57
CA PHE D 36 -4.73 26.68 9.80
C PHE D 36 -5.15 27.86 10.70
N ASN D 37 -5.04 27.68 12.01
CA ASN D 37 -5.36 28.77 12.94
C ASN D 37 -4.23 29.80 12.78
N PRO D 38 -4.54 31.10 12.94
CA PRO D 38 -3.51 32.14 12.78
C PRO D 38 -2.24 31.91 13.59
N GLY D 39 -2.42 31.41 14.81
CA GLY D 39 -1.30 31.13 15.68
C GLY D 39 -0.54 29.84 15.37
N GLY D 40 -1.02 29.07 14.40
CA GLY D 40 -0.33 27.84 14.00
C GLY D 40 -0.66 26.57 14.74
N SER D 41 -1.58 26.65 15.70
CA SER D 41 -1.96 25.49 16.47
C SER D 41 -3.36 25.59 17.06
N VAL D 42 -3.82 24.47 17.61
CA VAL D 42 -5.12 24.37 18.22
C VAL D 42 -5.23 25.29 19.45
N LYS D 43 -4.09 25.67 20.01
CA LYS D 43 -4.12 26.53 21.19
C LYS D 43 -4.78 27.88 20.95
N ASP D 44 -4.94 28.26 19.69
CA ASP D 44 -5.57 29.51 19.39
C ASP D 44 -6.98 29.53 19.96
N ARG D 45 -7.61 28.36 20.02
CA ARG D 45 -8.96 28.26 20.54
C ARG D 45 -9.01 28.54 22.04
N LEU D 46 -8.19 27.86 22.83
CA LEU D 46 -8.25 28.11 24.27
C LEU D 46 -7.80 29.53 24.63
N ALA D 47 -6.80 30.03 23.93
CA ALA D 47 -6.29 31.39 24.18
C ALA D 47 -7.38 32.44 23.97
N LEU D 48 -8.09 32.37 22.85
CA LEU D 48 -9.16 33.34 22.60
C LEU D 48 -10.28 33.17 23.61
N SER D 49 -10.71 31.93 23.79
CA SER D 49 -11.80 31.60 24.71
C SER D 49 -11.50 32.04 26.15
N VAL D 50 -10.28 31.78 26.60
CA VAL D 50 -9.89 32.15 27.96
C VAL D 50 -9.98 33.66 28.14
N VAL D 51 -9.59 34.41 27.12
CA VAL D 51 -9.61 35.87 27.21
C VAL D 51 -11.01 36.48 27.12
N LEU D 52 -11.84 36.03 26.19
CA LEU D 52 -13.18 36.59 26.08
C LEU D 52 -13.98 36.29 27.34
N ASP D 53 -13.66 35.18 27.98
CA ASP D 53 -14.32 34.79 29.21
C ASP D 53 -13.89 35.70 30.36
N ALA D 54 -12.59 35.93 30.49
CA ALA D 54 -12.07 36.81 31.53
C ALA D 54 -12.63 38.22 31.32
N GLU D 55 -12.62 38.67 30.07
CA GLU D 55 -13.13 39.99 29.75
C GLU D 55 -14.59 40.12 30.18
N ALA D 56 -15.41 39.17 29.77
CA ALA D 56 -16.82 39.18 30.12
C ALA D 56 -17.02 39.10 31.62
N LYS D 57 -16.15 38.33 32.28
CA LYS D 57 -16.24 38.17 33.72
C LYS D 57 -15.67 39.40 34.42
N GLY D 58 -15.03 40.27 33.63
CA GLY D 58 -14.44 41.47 34.19
C GLY D 58 -13.05 41.26 34.75
N LEU D 59 -12.52 40.05 34.61
CA LEU D 59 -11.19 39.74 35.10
C LEU D 59 -10.10 40.31 34.20
N LEU D 60 -10.49 40.91 33.09
CA LEU D 60 -9.53 41.50 32.15
C LEU D 60 -10.05 42.83 31.64
N LYS D 61 -9.23 43.87 31.81
CA LYS D 61 -9.56 45.22 31.38
C LYS D 61 -8.44 45.70 30.48
N PRO D 62 -8.69 46.74 29.67
CA PRO D 62 -7.65 47.26 28.77
C PRO D 62 -6.32 47.49 29.47
N GLY D 63 -5.23 47.14 28.78
CA GLY D 63 -3.92 47.34 29.35
C GLY D 63 -3.50 46.29 30.38
N ASP D 64 -4.46 45.52 30.88
CA ASP D 64 -4.15 44.47 31.85
C ASP D 64 -3.07 43.58 31.24
N THR D 65 -2.37 42.82 32.07
CA THR D 65 -1.32 41.95 31.53
C THR D 65 -1.54 40.49 31.91
N ILE D 66 -1.26 39.61 30.94
CA ILE D 66 -1.41 38.18 31.11
C ILE D 66 -0.05 37.52 31.28
N VAL D 67 0.03 36.55 32.18
CA VAL D 67 1.28 35.82 32.40
C VAL D 67 0.98 34.35 32.43
N GLU D 68 1.93 33.55 31.98
CA GLU D 68 1.77 32.11 31.96
C GLU D 68 3.11 31.45 31.68
N CYS D 69 3.33 30.31 32.32
CA CYS D 69 4.55 29.55 32.10
C CYS D 69 4.29 28.66 30.90
N THR D 70 5.03 28.90 29.82
CA THR D 70 4.86 28.10 28.63
C THR D 70 6.18 27.92 27.91
N SER D 71 6.23 26.88 27.10
CA SER D 71 7.41 26.55 26.31
C SER D 71 6.83 26.02 25.01
N GLY D 72 5.52 25.87 25.00
CA GLY D 72 4.83 25.35 23.83
C GLY D 72 3.91 26.31 23.13
N ASN D 73 2.86 25.75 22.55
CA ASN D 73 1.89 26.52 21.80
C ASN D 73 0.98 27.46 22.59
N VAL D 74 0.73 27.17 23.86
CA VAL D 74 -0.13 28.05 24.65
C VAL D 74 0.45 29.46 24.74
N GLY D 75 1.76 29.54 24.96
CA GLY D 75 2.42 30.83 25.06
C GLY D 75 2.27 31.61 23.77
N ILE D 76 2.62 30.96 22.66
CA ILE D 76 2.52 31.58 21.35
C ILE D 76 1.10 32.10 21.11
N ALA D 77 0.11 31.24 21.37
CA ALA D 77 -1.28 31.62 21.16
C ALA D 77 -1.67 32.77 22.07
N LEU D 78 -1.33 32.67 23.35
CA LEU D 78 -1.66 33.73 24.30
C LEU D 78 -0.93 35.01 23.87
N ALA D 79 0.30 34.86 23.41
CA ALA D 79 1.08 36.01 22.96
C ALA D 79 0.39 36.77 21.82
N MET D 80 -0.03 36.02 20.79
CA MET D 80 -0.70 36.64 19.66
C MET D 80 -2.00 37.33 20.05
N VAL D 81 -2.83 36.61 20.80
CA VAL D 81 -4.12 37.14 21.25
C VAL D 81 -3.97 38.46 22.00
N ALA D 82 -3.05 38.48 22.96
CA ALA D 82 -2.80 39.68 23.75
C ALA D 82 -2.40 40.81 22.82
N ALA D 83 -1.51 40.50 21.88
CA ALA D 83 -1.04 41.49 20.92
C ALA D 83 -2.16 42.05 20.05
N ALA D 84 -3.18 41.24 19.77
CA ALA D 84 -4.30 41.69 18.95
C ALA D 84 -5.38 42.33 19.82
N ARG D 85 -5.41 41.95 21.09
CA ARG D 85 -6.39 42.49 22.02
C ARG D 85 -5.85 43.72 22.72
N GLY D 86 -4.54 43.92 22.64
CA GLY D 86 -3.93 45.06 23.28
C GLY D 86 -3.67 44.87 24.76
N TYR D 87 -3.28 43.66 25.13
CA TYR D 87 -2.95 43.34 26.51
C TYR D 87 -1.44 43.13 26.49
N ARG D 88 -0.83 43.10 27.67
CA ARG D 88 0.60 42.86 27.74
C ARG D 88 0.75 41.39 28.06
N PHE D 89 1.75 40.74 27.47
CA PHE D 89 1.95 39.32 27.74
C PHE D 89 3.34 39.03 28.28
N VAL D 90 3.38 38.19 29.32
CA VAL D 90 4.63 37.80 29.94
C VAL D 90 4.77 36.28 29.94
N ALA D 91 5.84 35.80 29.33
CA ALA D 91 6.11 34.37 29.26
C ALA D 91 7.20 33.93 30.24
N VAL D 92 6.97 32.79 30.90
CA VAL D 92 7.92 32.24 31.86
C VAL D 92 8.37 30.87 31.36
N MET D 93 9.62 30.77 30.93
CA MET D 93 10.14 29.49 30.44
C MET D 93 11.62 29.29 30.75
N GLY D 94 12.04 28.03 30.73
CA GLY D 94 13.42 27.70 31.00
C GLY D 94 14.40 28.30 30.01
N ASP D 95 15.53 28.78 30.51
CA ASP D 95 16.56 29.39 29.66
C ASP D 95 17.31 28.37 28.81
N THR D 96 16.96 27.09 28.98
CA THR D 96 17.60 26.02 28.22
C THR D 96 16.70 25.57 27.07
N TYR D 97 15.64 26.34 26.83
CA TYR D 97 14.70 26.04 25.76
C TYR D 97 15.09 26.67 24.44
N SER D 98 14.65 26.05 23.35
CA SER D 98 14.94 26.52 22.00
C SER D 98 14.91 28.04 21.92
N VAL D 99 16.00 28.62 21.42
CA VAL D 99 16.08 30.07 21.29
C VAL D 99 15.03 30.56 20.31
N GLU D 100 14.39 29.61 19.61
CA GLU D 100 13.36 29.96 18.64
C GLU D 100 12.00 30.05 19.33
N ARG D 101 11.74 29.14 20.26
CA ARG D 101 10.48 29.16 20.99
C ARG D 101 10.34 30.52 21.65
N ARG D 102 11.48 31.08 22.07
CA ARG D 102 11.51 32.39 22.70
C ARG D 102 11.23 33.42 21.63
N LYS D 103 11.95 33.31 20.52
CA LYS D 103 11.79 34.22 19.40
C LYS D 103 10.31 34.37 19.03
N LEU D 104 9.58 33.25 19.02
CA LEU D 104 8.16 33.27 18.68
C LEU D 104 7.38 34.19 19.61
N ILE D 105 7.61 34.05 20.91
CA ILE D 105 6.91 34.88 21.88
C ILE D 105 7.34 36.33 21.73
N ARG D 106 8.61 36.53 21.40
CA ARG D 106 9.16 37.87 21.20
C ARG D 106 8.49 38.56 20.02
N ALA D 107 8.32 37.82 18.93
CA ALA D 107 7.70 38.35 17.72
C ALA D 107 6.38 39.04 18.03
N TYR D 108 5.57 38.44 18.89
CA TYR D 108 4.27 39.01 19.24
C TYR D 108 4.36 40.05 20.35
N GLY D 109 5.57 40.56 20.58
CA GLY D 109 5.78 41.59 21.60
C GLY D 109 5.64 41.11 23.03
N GLY D 110 5.98 39.86 23.28
CA GLY D 110 5.88 39.32 24.62
C GLY D 110 7.16 39.46 25.42
N LYS D 111 6.99 39.75 26.71
CA LYS D 111 8.11 39.90 27.61
C LYS D 111 8.64 38.52 27.97
N LEU D 112 9.93 38.44 28.28
CA LEU D 112 10.55 37.15 28.62
C LEU D 112 11.26 37.12 29.97
N VAL D 113 10.92 36.13 30.79
CA VAL D 113 11.53 35.94 32.09
C VAL D 113 12.06 34.50 32.18
N LEU D 114 13.32 34.33 31.83
CA LEU D 114 13.95 33.01 31.86
C LEU D 114 14.17 32.52 33.30
N PHE D 115 14.30 31.21 33.44
CA PHE D 115 14.51 30.60 34.76
C PHE D 115 15.12 29.20 34.63
N PRO D 116 15.69 28.68 35.74
CA PRO D 116 16.31 27.34 35.78
C PRO D 116 15.51 26.26 35.07
N GLY D 117 16.09 25.69 34.02
CA GLY D 117 15.42 24.65 33.26
C GLY D 117 14.87 23.51 34.10
N HIS D 118 15.70 22.97 34.98
CA HIS D 118 15.30 21.86 35.83
C HIS D 118 13.99 22.15 36.55
N LEU D 119 13.92 23.30 37.21
CA LEU D 119 12.72 23.69 37.93
C LEU D 119 11.55 23.97 36.99
N GLY D 120 11.68 23.57 35.74
CA GLY D 120 10.63 23.80 34.76
C GLY D 120 9.22 23.57 35.26
N SER D 121 8.75 22.33 35.13
CA SER D 121 7.41 21.90 35.54
C SER D 121 6.59 22.92 36.34
N LYS D 122 6.26 22.56 37.58
CA LYS D 122 5.46 23.42 38.45
C LYS D 122 6.25 24.62 38.96
N GLY D 123 7.57 24.55 38.83
CA GLY D 123 8.42 25.64 39.29
C GLY D 123 8.15 26.93 38.54
N GLY D 124 8.51 26.95 37.26
CA GLY D 124 8.31 28.13 36.45
C GLY D 124 6.88 28.62 36.54
N ASN D 125 5.98 27.70 36.90
CA ASN D 125 4.57 28.04 37.04
C ASN D 125 4.39 28.91 38.28
N LEU D 126 4.91 28.45 39.41
CA LEU D 126 4.79 29.21 40.65
C LEU D 126 5.51 30.56 40.51
N ILE D 127 6.52 30.61 39.66
CA ILE D 127 7.24 31.85 39.44
C ILE D 127 6.27 32.81 38.77
N ALA D 128 5.35 32.26 37.99
CA ALA D 128 4.34 33.06 37.30
C ALA D 128 3.19 33.29 38.28
N ASP D 129 3.00 32.33 39.17
CA ASP D 129 1.96 32.41 40.18
C ASP D 129 2.29 33.56 41.13
N GLU D 130 3.56 33.65 41.48
CA GLU D 130 4.02 34.71 42.38
C GLU D 130 3.82 36.06 41.70
N LEU D 131 4.32 36.15 40.47
CA LEU D 131 4.21 37.37 39.69
C LEU D 131 2.75 37.80 39.58
N ALA D 132 1.87 36.82 39.44
CA ALA D 132 0.44 37.06 39.31
C ALA D 132 -0.15 37.84 40.48
N GLU D 133 -0.07 37.26 41.68
CA GLU D 133 -0.60 37.92 42.87
C GLU D 133 0.21 39.15 43.21
N LYS D 134 1.52 39.07 43.01
CA LYS D 134 2.39 40.20 43.29
C LYS D 134 2.00 41.43 42.50
N TYR D 135 1.85 41.28 41.19
CA TYR D 135 1.51 42.40 40.33
C TYR D 135 0.03 42.50 39.93
N GLY D 136 -0.76 41.52 40.33
CA GLY D 136 -2.17 41.51 39.99
C GLY D 136 -2.38 41.17 38.52
N TRP D 137 -1.64 40.17 38.05
CA TRP D 137 -1.70 39.75 36.66
C TRP D 137 -2.59 38.54 36.42
N PHE D 138 -3.12 38.44 35.21
CA PHE D 138 -4.03 37.35 34.83
C PHE D 138 -3.37 36.01 34.47
N ARG D 139 -3.89 34.94 35.05
CA ARG D 139 -3.38 33.59 34.79
C ARG D 139 -4.47 32.81 34.05
N ALA D 140 -4.14 32.26 32.88
CA ALA D 140 -5.09 31.50 32.07
C ALA D 140 -5.62 30.24 32.77
N ARG D 141 -4.70 29.44 33.32
CA ARG D 141 -5.08 28.22 34.01
C ARG D 141 -5.58 27.16 33.02
N GLN D 142 -4.94 27.15 31.87
CA GLN D 142 -5.25 26.22 30.77
C GLN D 142 -5.71 24.84 31.23
N PHE D 143 -5.06 24.29 32.26
CA PHE D 143 -5.42 22.96 32.72
C PHE D 143 -6.68 22.86 33.55
N ASP D 144 -7.19 23.99 34.03
CA ASP D 144 -8.38 23.95 34.87
C ASP D 144 -9.51 24.88 34.43
N ASN D 145 -9.23 25.75 33.48
CA ASN D 145 -10.21 26.71 32.99
C ASN D 145 -11.31 26.09 32.15
N PRO D 146 -12.55 26.09 32.66
CA PRO D 146 -13.69 25.52 31.94
C PRO D 146 -13.81 26.04 30.51
N ALA D 147 -13.42 27.30 30.30
CA ALA D 147 -13.50 27.90 28.97
C ALA D 147 -12.68 27.14 27.91
N ASN D 148 -11.71 26.35 28.33
CA ASN D 148 -10.91 25.59 27.38
C ASN D 148 -11.86 24.57 26.71
N PRO D 149 -12.34 23.55 27.45
CA PRO D 149 -13.25 22.62 26.78
C PRO D 149 -14.48 23.27 26.15
N SER D 150 -15.02 24.30 26.80
CA SER D 150 -16.20 24.97 26.28
C SER D 150 -16.05 25.36 24.82
N TYR D 151 -15.00 26.11 24.51
CA TYR D 151 -14.78 26.54 23.15
C TYR D 151 -14.66 25.35 22.19
N HIS D 152 -14.19 24.21 22.68
CA HIS D 152 -14.05 23.03 21.83
C HIS D 152 -15.42 22.42 21.60
N ARG D 153 -16.28 22.51 22.61
CA ARG D 153 -17.63 21.97 22.47
C ARG D 153 -18.43 22.81 21.49
N GLU D 154 -18.09 24.10 21.40
CA GLU D 154 -18.86 24.98 20.56
C GLU D 154 -18.33 25.22 19.16
N THR D 155 -17.04 25.05 18.97
CA THR D 155 -16.47 25.25 17.64
C THR D 155 -15.89 23.96 17.07
N THR D 156 -14.83 23.43 17.67
CA THR D 156 -14.20 22.23 17.18
C THR D 156 -15.21 21.09 16.93
N ALA D 157 -16.02 20.78 17.93
CA ALA D 157 -17.00 19.71 17.81
C ALA D 157 -18.06 20.03 16.77
N SER D 158 -18.44 21.30 16.71
CA SER D 158 -19.44 21.75 15.75
C SER D 158 -18.94 21.64 14.33
N GLU D 159 -17.64 21.88 14.13
CA GLU D 159 -17.06 21.78 12.80
C GLU D 159 -17.02 20.30 12.40
N ILE D 160 -16.70 19.44 13.36
CA ILE D 160 -16.64 18.02 13.07
C ILE D 160 -18.03 17.43 12.78
N LEU D 161 -18.99 17.75 13.63
CA LEU D 161 -20.35 17.25 13.46
C LEU D 161 -20.99 17.74 12.17
N ALA D 162 -20.77 19.01 11.84
CA ALA D 162 -21.33 19.60 10.64
C ALA D 162 -20.76 18.96 9.37
N ASP D 163 -19.45 18.70 9.37
CA ASP D 163 -18.80 18.11 8.22
C ASP D 163 -19.16 16.65 7.99
N PHE D 164 -19.44 15.93 9.07
CA PHE D 164 -19.78 14.52 8.95
C PHE D 164 -21.28 14.19 8.99
N ALA D 165 -22.12 15.22 9.07
CA ALA D 165 -23.57 15.03 9.10
C ALA D 165 -24.07 14.25 7.89
N GLY D 166 -24.75 13.14 8.16
CA GLY D 166 -25.30 12.30 7.12
C GLY D 166 -24.25 11.45 6.43
N LYS D 167 -23.05 11.41 7.01
CA LYS D 167 -21.95 10.63 6.47
C LYS D 167 -21.47 9.69 7.56
N ARG D 168 -20.69 8.70 7.16
CA ARG D 168 -20.18 7.74 8.12
C ARG D 168 -18.97 8.30 8.88
N LEU D 169 -18.91 7.94 10.16
CA LEU D 169 -17.82 8.32 11.04
C LEU D 169 -17.80 7.29 12.18
N ASP D 170 -16.74 6.51 12.24
CA ASP D 170 -16.59 5.44 13.24
C ASP D 170 -15.61 5.73 14.40
N HIS D 171 -14.53 6.47 14.13
CA HIS D 171 -13.52 6.77 15.16
C HIS D 171 -13.01 8.21 15.15
N PHE D 172 -12.76 8.73 16.35
CA PHE D 172 -12.21 10.07 16.53
C PHE D 172 -10.94 9.87 17.35
N VAL D 173 -9.80 10.28 16.81
CA VAL D 173 -8.54 10.08 17.51
C VAL D 173 -7.84 11.37 17.92
N THR D 174 -7.43 11.45 19.20
CA THR D 174 -6.76 12.64 19.70
C THR D 174 -5.92 12.32 20.93
N GLY D 175 -4.86 13.10 21.10
CA GLY D 175 -4.01 12.93 22.26
C GLY D 175 -4.49 14.00 23.22
N PHE D 176 -3.81 14.17 24.35
CA PHE D 176 -4.24 15.21 25.26
C PHE D 176 -3.09 15.84 26.03
N GLY D 177 -3.26 17.12 26.29
CA GLY D 177 -2.29 17.92 27.03
C GLY D 177 -3.15 18.48 28.13
N THR D 178 -3.91 19.52 27.81
CA THR D 178 -4.79 20.06 28.81
C THR D 178 -6.03 19.17 28.84
N THR D 179 -6.22 18.38 27.77
CA THR D 179 -7.36 17.47 27.54
C THR D 179 -8.61 18.24 27.13
N GLY D 180 -8.45 19.52 26.83
CA GLY D 180 -9.58 20.35 26.43
C GLY D 180 -10.25 19.90 25.14
N THR D 181 -9.46 19.38 24.20
CA THR D 181 -10.01 18.93 22.92
C THR D 181 -10.75 17.61 23.10
N LEU D 182 -10.13 16.69 23.81
CA LEU D 182 -10.71 15.39 24.09
C LEU D 182 -12.04 15.52 24.84
N THR D 183 -12.02 16.34 25.89
CA THR D 183 -13.18 16.58 26.73
C THR D 183 -14.28 17.26 25.93
N GLY D 184 -13.96 18.39 25.31
CA GLY D 184 -14.96 19.12 24.55
C GLY D 184 -15.58 18.37 23.40
N VAL D 185 -14.73 17.89 22.49
CA VAL D 185 -15.22 17.14 21.35
C VAL D 185 -15.92 15.86 21.82
N GLY D 186 -15.35 15.20 22.83
CA GLY D 186 -15.94 13.98 23.34
C GLY D 186 -17.33 14.16 23.93
N GLN D 187 -17.53 15.24 24.67
CA GLN D 187 -18.85 15.45 25.26
C GLN D 187 -19.92 15.66 24.21
N MET D 188 -19.61 16.43 23.18
CA MET D 188 -20.59 16.67 22.14
C MET D 188 -20.75 15.42 21.26
N LEU D 189 -19.65 14.71 21.02
CA LEU D 189 -19.73 13.50 20.22
C LEU D 189 -20.65 12.50 20.90
N ARG D 190 -20.46 12.30 22.20
CA ARG D 190 -21.27 11.36 22.96
C ARG D 190 -22.78 11.61 22.81
N VAL D 191 -23.17 12.87 22.73
CA VAL D 191 -24.58 13.21 22.59
C VAL D 191 -25.15 13.06 21.18
N ALA D 192 -24.44 13.55 20.18
CA ALA D 192 -24.93 13.49 18.81
C ALA D 192 -24.54 12.21 18.06
N ARG D 193 -23.42 11.62 18.44
CA ARG D 193 -22.96 10.41 17.78
C ARG D 193 -22.38 9.43 18.80
N PRO D 194 -23.21 8.93 19.72
CA PRO D 194 -22.77 7.99 20.76
C PRO D 194 -22.02 6.77 20.25
N GLU D 195 -22.17 6.43 18.98
CA GLU D 195 -21.51 5.25 18.45
C GLU D 195 -20.12 5.50 17.91
N VAL D 196 -19.73 6.77 17.82
CA VAL D 196 -18.38 7.09 17.37
C VAL D 196 -17.46 6.80 18.56
N ARG D 197 -16.43 6.00 18.33
CA ARG D 197 -15.48 5.66 19.37
C ARG D 197 -14.40 6.72 19.55
N VAL D 198 -14.38 7.33 20.72
CA VAL D 198 -13.38 8.35 21.06
C VAL D 198 -12.10 7.67 21.53
N VAL D 199 -11.04 7.78 20.74
CA VAL D 199 -9.76 7.16 21.07
C VAL D 199 -8.75 8.19 21.59
N ALA D 200 -8.29 7.98 22.82
CA ALA D 200 -7.31 8.88 23.44
C ALA D 200 -6.00 8.15 23.56
N LEU D 201 -4.97 8.70 22.93
CA LEU D 201 -3.66 8.07 22.99
C LEU D 201 -2.78 8.78 24.00
N GLU D 202 -1.78 8.06 24.52
CA GLU D 202 -0.83 8.61 25.47
C GLU D 202 0.53 8.13 24.98
N PRO D 203 1.60 8.90 25.27
CA PRO D 203 2.93 8.47 24.83
C PRO D 203 3.31 7.18 25.56
N SER D 204 4.10 6.33 24.91
CA SER D 204 4.53 5.06 25.49
C SER D 204 4.99 5.14 26.96
N ASN D 205 5.88 6.08 27.24
CA ASN D 205 6.41 6.22 28.60
C ASN D 205 5.67 7.22 29.50
N ALA D 206 4.50 7.66 29.08
CA ALA D 206 3.74 8.61 29.89
C ALA D 206 2.26 8.23 29.97
N ALA D 207 1.99 7.00 30.39
CA ALA D 207 0.62 6.51 30.50
C ALA D 207 -0.04 7.01 31.79
N MET D 208 -0.25 8.32 31.88
CA MET D 208 -0.84 8.92 33.07
C MET D 208 -2.26 8.43 33.39
N LEU D 209 -3.07 8.19 32.35
CA LEU D 209 -4.43 7.75 32.60
C LEU D 209 -4.50 6.26 32.90
N ALA D 210 -3.72 5.45 32.18
CA ALA D 210 -3.74 4.02 32.40
C ALA D 210 -3.31 3.62 33.81
N ARG D 211 -2.12 4.03 34.23
CA ARG D 211 -1.61 3.68 35.57
C ARG D 211 -0.96 4.80 36.36
N GLY D 212 -1.25 6.04 36.00
CA GLY D 212 -0.68 7.17 36.72
C GLY D 212 0.83 7.32 36.62
N GLU D 213 1.43 6.80 35.56
CA GLU D 213 2.87 6.89 35.38
C GLU D 213 3.29 7.90 34.31
N TRP D 214 4.20 8.79 34.69
CA TRP D 214 4.69 9.82 33.79
C TRP D 214 6.22 9.75 33.69
N SER D 215 6.73 10.26 32.57
CA SER D 215 8.16 10.28 32.31
C SER D 215 8.36 11.26 31.16
N PRO D 216 9.49 11.98 31.15
CA PRO D 216 9.71 12.93 30.05
C PRO D 216 9.68 12.17 28.72
N HIS D 217 9.04 12.77 27.73
CA HIS D 217 8.90 12.16 26.41
C HIS D 217 9.08 13.24 25.35
N GLN D 218 9.12 12.85 24.09
CA GLN D 218 9.32 13.80 23.01
C GLN D 218 8.10 14.19 22.18
N ILE D 219 6.91 13.73 22.59
CA ILE D 219 5.71 14.09 21.85
C ILE D 219 5.18 15.39 22.40
N GLN D 220 5.78 16.49 21.95
CA GLN D 220 5.43 17.84 22.38
C GLN D 220 3.93 18.11 22.39
N GLY D 221 3.45 18.67 23.50
CA GLY D 221 2.05 19.01 23.61
C GLY D 221 1.23 18.02 24.40
N LEU D 222 1.72 16.79 24.53
CA LEU D 222 0.96 15.77 25.25
C LEU D 222 1.48 15.42 26.63
N ALA D 223 0.68 14.61 27.31
CA ALA D 223 0.99 14.08 28.63
C ALA D 223 1.75 14.93 29.66
N PRO D 224 1.04 15.81 30.39
CA PRO D 224 1.73 16.62 31.40
C PRO D 224 1.93 15.66 32.61
N ASN D 225 2.70 16.07 33.61
CA ASN D 225 2.94 15.20 34.77
C ASN D 225 1.84 15.27 35.83
N PHE D 226 0.59 15.34 35.39
CA PHE D 226 -0.54 15.41 36.30
C PHE D 226 -1.85 15.40 35.52
N VAL D 227 -2.83 14.65 36.02
CA VAL D 227 -4.13 14.57 35.38
C VAL D 227 -4.83 15.91 35.57
N PRO D 228 -5.09 16.63 34.45
CA PRO D 228 -5.77 17.93 34.44
C PRO D 228 -7.19 17.87 35.01
N GLY D 229 -7.59 18.92 35.71
CA GLY D 229 -8.93 18.94 36.29
C GLY D 229 -10.03 19.18 35.28
N VAL D 230 -9.63 19.63 34.10
CA VAL D 230 -10.59 19.93 33.04
C VAL D 230 -11.05 18.63 32.35
N LEU D 231 -10.35 17.54 32.61
CA LEU D 231 -10.67 16.25 31.99
C LEU D 231 -11.94 15.55 32.43
N ASP D 232 -12.57 14.89 31.45
CA ASP D 232 -13.79 14.12 31.64
C ASP D 232 -13.46 12.74 31.09
N ARG D 233 -13.22 11.79 31.99
CA ARG D 233 -12.86 10.43 31.60
C ARG D 233 -14.04 9.62 31.05
N SER D 234 -15.26 10.12 31.27
CA SER D 234 -16.44 9.41 30.80
C SER D 234 -16.61 9.40 29.28
N VAL D 235 -15.81 10.21 28.58
CA VAL D 235 -15.90 10.29 27.12
C VAL D 235 -14.88 9.44 26.38
N ILE D 236 -13.99 8.76 27.13
CA ILE D 236 -12.98 7.94 26.48
C ILE D 236 -13.40 6.48 26.29
N ASP D 237 -13.45 6.04 25.04
CA ASP D 237 -13.81 4.66 24.73
C ASP D 237 -12.58 3.76 24.81
N ASP D 238 -11.51 4.19 24.16
CA ASP D 238 -10.26 3.44 24.13
C ASP D 238 -9.06 4.28 24.56
N LEU D 239 -8.27 3.72 25.47
CA LEU D 239 -7.07 4.37 25.97
C LEU D 239 -5.92 3.57 25.39
N VAL D 240 -5.17 4.16 24.47
CA VAL D 240 -4.05 3.47 23.83
C VAL D 240 -2.76 4.26 24.00
N THR D 241 -1.63 3.66 23.61
CA THR D 241 -0.34 4.33 23.71
C THR D 241 0.33 4.42 22.35
N MET D 242 1.19 5.40 22.18
CA MET D 242 1.91 5.57 20.94
C MET D 242 3.37 5.81 21.28
N ASP D 243 4.24 5.13 20.56
CA ASP D 243 5.68 5.26 20.74
C ASP D 243 6.09 6.58 20.06
N GLU D 244 6.92 7.37 20.73
CA GLU D 244 7.35 8.65 20.17
C GLU D 244 8.14 8.58 18.88
N VAL D 245 8.78 7.45 18.62
CA VAL D 245 9.55 7.32 17.40
C VAL D 245 8.58 7.08 16.25
N THR D 246 7.64 6.16 16.45
CA THR D 246 6.64 5.87 15.42
C THR D 246 5.83 7.12 15.09
N ALA D 247 5.62 7.98 16.09
CA ALA D 247 4.89 9.22 15.88
C ALA D 247 5.73 10.13 14.98
N ARG D 248 6.94 10.39 15.43
CA ARG D 248 7.89 11.23 14.73
C ARG D 248 7.97 10.83 13.27
N ASP D 249 8.02 9.52 13.02
CA ASP D 249 8.12 9.02 11.65
C ASP D 249 6.84 9.19 10.84
N THR D 250 5.69 9.10 11.50
CA THR D 250 4.41 9.23 10.81
C THR D 250 4.24 10.67 10.36
N SER D 251 4.72 11.59 11.19
CA SER D 251 4.65 13.00 10.87
C SER D 251 5.41 13.24 9.56
N ARG D 252 6.60 12.64 9.47
CA ARG D 252 7.44 12.75 8.29
C ARG D 252 6.68 12.21 7.08
N ARG D 253 6.03 11.07 7.25
CA ARG D 253 5.27 10.46 6.19
C ARG D 253 4.13 11.39 5.74
N LEU D 254 3.42 11.98 6.70
CA LEU D 254 2.31 12.89 6.41
C LEU D 254 2.75 14.02 5.49
N ALA D 255 3.88 14.63 5.83
CA ALA D 255 4.42 15.72 5.04
C ALA D 255 4.86 15.25 3.65
N ALA D 256 5.76 14.27 3.62
CA ALA D 256 6.28 13.76 2.35
C ALA D 256 5.31 13.02 1.45
N GLU D 257 4.35 12.31 2.05
CA GLU D 257 3.40 11.53 1.26
C GLU D 257 2.05 12.20 1.02
N GLU D 258 1.68 13.15 1.86
CA GLU D 258 0.39 13.80 1.72
C GLU D 258 0.46 15.30 1.49
N GLY D 259 1.62 15.91 1.76
CA GLY D 259 1.72 17.34 1.58
C GLY D 259 1.16 18.10 2.79
N ILE D 260 1.07 17.40 3.92
CA ILE D 260 0.57 18.00 5.15
C ILE D 260 1.70 17.99 6.19
N PHE D 261 2.19 19.19 6.50
CA PHE D 261 3.29 19.35 7.44
C PHE D 261 2.82 19.71 8.86
N ALA D 262 2.80 18.70 9.74
CA ALA D 262 2.34 18.86 11.12
C ALA D 262 3.34 18.39 12.18
N GLY D 263 3.11 18.82 13.42
CA GLY D 263 4.00 18.45 14.51
C GLY D 263 4.06 16.97 14.88
N ILE D 264 4.71 16.68 15.99
CA ILE D 264 4.86 15.30 16.49
C ILE D 264 3.55 14.69 16.99
N SER D 265 2.78 15.45 17.76
CA SER D 265 1.53 14.91 18.29
C SER D 265 0.57 14.54 17.16
N ALA D 266 0.70 15.24 16.04
CA ALA D 266 -0.13 14.98 14.87
C ALA D 266 0.30 13.67 14.27
N GLY D 267 1.61 13.41 14.27
CA GLY D 267 2.12 12.18 13.73
C GLY D 267 1.61 11.06 14.61
N ALA D 268 1.53 11.34 15.91
CA ALA D 268 1.07 10.36 16.89
C ALA D 268 -0.39 9.97 16.68
N THR D 269 -1.27 10.94 16.45
CA THR D 269 -2.68 10.61 16.27
C THR D 269 -2.92 9.88 14.96
N VAL D 270 -2.25 10.32 13.90
CA VAL D 270 -2.41 9.65 12.63
C VAL D 270 -1.85 8.22 12.73
N ALA D 271 -0.80 8.05 13.52
CA ALA D 271 -0.19 6.73 13.72
C ALA D 271 -1.21 5.80 14.38
N THR D 272 -1.92 6.33 15.37
CA THR D 272 -2.93 5.54 16.05
C THR D 272 -4.07 5.20 15.07
N ALA D 273 -4.54 6.21 14.33
CA ALA D 273 -5.63 5.99 13.37
C ALA D 273 -5.30 4.91 12.33
N LEU D 274 -4.07 4.92 11.83
CA LEU D 274 -3.64 3.94 10.84
C LEU D 274 -3.62 2.55 11.46
N SER D 275 -3.15 2.49 12.70
CA SER D 275 -3.07 1.23 13.42
C SER D 275 -4.47 0.65 13.56
N ILE D 276 -5.43 1.46 13.99
CA ILE D 276 -6.81 1.03 14.15
C ILE D 276 -7.37 0.59 12.79
N ALA D 277 -7.06 1.37 11.76
CA ALA D 277 -7.53 1.12 10.41
C ALA D 277 -7.05 -0.17 9.76
N GLU D 278 -5.84 -0.62 10.10
CA GLU D 278 -5.27 -1.84 9.51
C GLU D 278 -6.21 -3.06 9.58
N HIS D 279 -6.75 -3.32 10.77
CA HIS D 279 -7.64 -4.46 10.93
C HIS D 279 -9.08 -4.03 11.23
N ALA D 280 -9.51 -2.94 10.62
CA ALA D 280 -10.87 -2.47 10.83
C ALA D 280 -11.73 -2.91 9.65
N PRO D 281 -13.04 -3.10 9.87
CA PRO D 281 -13.94 -3.53 8.79
C PRO D 281 -13.99 -2.55 7.63
N GLU D 282 -14.40 -3.03 6.46
CA GLU D 282 -14.47 -2.19 5.28
C GLU D 282 -15.44 -1.03 5.49
N GLY D 283 -15.06 0.14 4.98
CA GLY D 283 -15.90 1.30 5.10
C GLY D 283 -15.70 2.09 6.39
N THR D 284 -14.80 1.63 7.25
CA THR D 284 -14.54 2.33 8.50
C THR D 284 -13.92 3.70 8.19
N VAL D 285 -14.42 4.72 8.88
CA VAL D 285 -13.97 6.08 8.71
C VAL D 285 -13.41 6.59 10.03
N LEU D 286 -12.19 7.14 9.96
CA LEU D 286 -11.53 7.69 11.14
C LEU D 286 -11.18 9.17 10.91
N LEU D 287 -11.12 9.92 12.01
CA LEU D 287 -10.78 11.34 11.95
C LEU D 287 -9.72 11.55 13.03
N ALA D 288 -8.63 12.21 12.67
CA ALA D 288 -7.56 12.42 13.63
C ALA D 288 -7.22 13.88 13.73
N MET D 289 -6.98 14.34 14.94
CA MET D 289 -6.62 15.74 15.17
C MET D 289 -5.16 15.99 14.84
N LEU D 290 -4.89 17.08 14.11
CA LEU D 290 -3.54 17.52 13.76
C LEU D 290 -3.40 18.86 14.52
N PRO D 291 -2.89 18.80 15.77
CA PRO D 291 -2.70 19.97 16.65
C PRO D 291 -1.94 21.19 16.14
N ASP D 292 -0.79 20.98 15.48
CA ASP D 292 -0.05 22.14 14.98
C ASP D 292 0.79 21.97 13.72
N THR D 293 1.38 23.08 13.28
CA THR D 293 2.22 23.10 12.10
C THR D 293 3.57 22.47 12.40
N GLY D 294 4.13 21.77 11.43
CA GLY D 294 5.43 21.16 11.66
C GLY D 294 6.55 22.19 11.57
N GLU D 295 6.22 23.38 11.07
CA GLU D 295 7.21 24.42 10.90
C GLU D 295 7.93 24.86 12.17
N ARG D 296 7.37 24.60 13.35
CA ARG D 296 8.09 25.00 14.55
C ARG D 296 8.77 23.83 15.23
N TYR D 297 9.09 22.82 14.44
CA TYR D 297 9.77 21.62 14.94
C TYR D 297 11.08 21.38 14.17
N LEU D 298 11.60 22.43 13.54
CA LEU D 298 12.83 22.32 12.76
C LEU D 298 14.08 22.06 13.60
N SER D 299 14.01 22.39 14.90
CA SER D 299 15.13 22.17 15.81
C SER D 299 14.82 21.10 16.84
N THR D 300 14.05 20.09 16.42
CA THR D 300 13.67 18.99 17.28
C THR D 300 14.05 17.68 16.61
N PHE D 301 13.83 16.55 17.28
CA PHE D 301 14.19 15.26 16.71
C PHE D 301 13.39 14.91 15.45
N LEU D 302 12.35 15.68 15.18
CA LEU D 302 11.54 15.47 13.99
C LEU D 302 12.43 15.70 12.77
N PHE D 303 13.57 16.33 12.99
CA PHE D 303 14.51 16.62 11.91
C PHE D 303 15.92 16.08 12.11
N ASP D 304 16.05 14.96 12.83
CA ASP D 304 17.37 14.37 13.06
C ASP D 304 17.75 13.62 11.79
N GLY D 305 19.04 13.67 11.44
CA GLY D 305 19.48 13.00 10.22
C GLY D 305 18.98 13.77 9.01
N VAL D 306 18.85 15.07 9.19
CA VAL D 306 18.35 15.97 8.15
C VAL D 306 19.12 15.92 6.84
N ASP D 307 20.43 16.04 6.92
CA ASP D 307 21.28 16.06 5.73
C ASP D 307 20.95 17.38 5.05
N GLU D 308 21.46 18.46 5.63
CA GLU D 308 21.22 19.82 5.14
C GLU D 308 22.11 20.27 3.98
N GLY D 309 23.03 19.41 3.56
CA GLY D 309 23.91 19.76 2.47
C GLY D 309 23.20 19.83 1.13
N SER D 310 23.83 19.26 0.10
CA SER D 310 23.26 19.22 -1.24
C SER D 310 23.20 17.76 -1.65
N ASP D 311 22.09 17.35 -2.25
CA ASP D 311 21.92 15.96 -2.67
C ASP D 311 22.83 15.61 -3.83
N ASP D 312 24.12 15.89 -3.68
CA ASP D 312 25.11 15.61 -4.72
C ASP D 312 25.20 14.11 -4.97
N ALA D 313 25.29 13.35 -3.88
CA ALA D 313 25.37 11.90 -3.97
C ALA D 313 24.23 11.37 -4.83
N TRP D 314 23.01 11.70 -4.45
CA TRP D 314 21.82 11.27 -5.17
C TRP D 314 21.88 11.67 -6.65
N LEU D 315 22.37 12.88 -6.92
CA LEU D 315 22.47 13.38 -8.28
C LEU D 315 23.34 12.49 -9.18
N ALA D 316 24.32 11.84 -8.58
CA ALA D 316 25.25 10.97 -9.30
C ALA D 316 24.58 9.94 -10.20
N SER D 317 23.42 9.44 -9.77
CA SER D 317 22.68 8.45 -10.54
C SER D 317 21.69 9.07 -11.54
N PRO E 2 17.31 -37.13 -3.37
CA PRO E 2 17.02 -38.56 -3.64
C PRO E 2 18.28 -39.41 -3.83
N LEU E 3 18.09 -40.72 -4.01
CA LEU E 3 19.20 -41.65 -4.21
C LEU E 3 20.01 -41.28 -5.45
N PHE E 4 21.33 -41.34 -5.32
CA PHE E 4 22.23 -41.06 -6.42
C PHE E 4 22.74 -42.42 -6.90
N ASN E 5 22.99 -42.54 -8.19
CA ASN E 5 23.47 -43.81 -8.75
C ASN E 5 24.97 -43.97 -8.66
N SER E 6 25.71 -42.92 -9.00
CA SER E 6 27.15 -42.98 -8.95
C SER E 6 27.67 -41.77 -8.19
N ILE E 7 28.89 -41.87 -7.65
CA ILE E 7 29.46 -40.77 -6.91
C ILE E 7 29.74 -39.60 -7.87
N LEU E 8 29.80 -39.91 -9.16
CA LEU E 8 30.05 -38.88 -10.17
C LEU E 8 28.84 -37.94 -10.32
N ASP E 9 27.66 -38.44 -9.96
CA ASP E 9 26.44 -37.67 -10.02
C ASP E 9 26.30 -36.64 -8.89
N THR E 10 27.35 -36.47 -8.10
CA THR E 10 27.32 -35.52 -7.02
C THR E 10 28.27 -34.40 -7.37
N ILE E 11 28.83 -34.47 -8.56
CA ILE E 11 29.75 -33.44 -9.01
C ILE E 11 28.97 -32.18 -9.37
N GLY E 12 29.53 -31.02 -9.04
CA GLY E 12 28.86 -29.76 -9.34
C GLY E 12 27.80 -29.34 -8.32
N ARG E 13 27.08 -28.27 -8.63
CA ARG E 13 26.04 -27.76 -7.75
C ARG E 13 26.62 -27.40 -6.39
N THR E 14 27.79 -26.76 -6.41
CA THR E 14 28.41 -26.38 -5.16
C THR E 14 27.74 -25.15 -4.55
N PRO E 15 27.73 -25.05 -3.22
CA PRO E 15 27.10 -23.91 -2.56
C PRO E 15 27.86 -22.60 -2.64
N ILE E 16 27.09 -21.52 -2.60
CA ILE E 16 27.64 -20.18 -2.61
C ILE E 16 27.20 -19.68 -1.24
N VAL E 17 28.15 -19.24 -0.42
CA VAL E 17 27.84 -18.77 0.91
C VAL E 17 28.40 -17.37 1.12
N ARG E 18 27.75 -16.62 2.00
CA ARG E 18 28.14 -15.26 2.31
C ARG E 18 29.18 -15.19 3.43
N LEU E 19 30.19 -14.35 3.23
CA LEU E 19 31.21 -14.17 4.25
C LEU E 19 30.54 -13.37 5.37
N GLN E 20 30.66 -13.85 6.60
CA GLN E 20 30.04 -13.23 7.76
C GLN E 20 30.72 -12.00 8.33
N ARG E 21 32.05 -11.95 8.31
CA ARG E 21 32.75 -10.80 8.90
C ARG E 21 33.95 -10.22 8.16
N MET E 22 34.52 -10.99 7.24
CA MET E 22 35.69 -10.56 6.48
C MET E 22 35.48 -9.38 5.53
N ALA E 23 34.25 -9.19 5.07
CA ALA E 23 33.96 -8.13 4.11
C ALA E 23 33.51 -6.81 4.72
N PRO E 24 33.85 -5.70 4.06
CA PRO E 24 33.47 -4.37 4.52
C PRO E 24 31.95 -4.26 4.66
N GLU E 25 31.49 -3.94 5.86
CA GLU E 25 30.07 -3.81 6.16
C GLU E 25 29.18 -3.34 4.99
N HIS E 26 29.55 -2.23 4.37
CA HIS E 26 28.78 -1.65 3.26
C HIS E 26 28.80 -2.52 2.00
N THR E 27 29.45 -3.68 2.09
CA THR E 27 29.58 -4.56 0.94
C THR E 27 29.11 -5.98 1.27
N SER E 28 28.97 -6.80 0.24
CA SER E 28 28.57 -8.20 0.41
C SER E 28 29.47 -9.08 -0.45
N VAL E 29 30.16 -10.03 0.17
CA VAL E 29 31.04 -10.93 -0.55
C VAL E 29 30.56 -12.37 -0.43
N TYR E 30 30.36 -13.01 -1.57
CA TYR E 30 29.91 -14.39 -1.61
C TYR E 30 31.03 -15.28 -2.15
N VAL E 31 30.99 -16.53 -1.73
CA VAL E 31 32.05 -17.44 -2.11
C VAL E 31 31.51 -18.77 -2.65
N LYS E 32 32.03 -19.21 -3.80
CA LYS E 32 31.58 -20.49 -4.38
C LYS E 32 32.55 -21.55 -3.87
N VAL E 33 32.04 -22.48 -3.07
CA VAL E 33 32.89 -23.53 -2.48
C VAL E 33 32.96 -24.80 -3.31
N GLU E 34 34.04 -24.92 -4.09
CA GLU E 34 34.24 -26.06 -4.97
C GLU E 34 34.82 -27.30 -4.29
N SER E 35 35.19 -27.16 -3.02
CA SER E 35 35.72 -28.30 -2.28
C SER E 35 34.58 -29.29 -2.03
N PHE E 36 33.35 -28.81 -2.11
CA PHE E 36 32.19 -29.67 -1.88
C PHE E 36 32.07 -30.77 -2.93
N ASN E 37 32.87 -30.66 -3.99
CA ASN E 37 32.87 -31.67 -5.04
C ASN E 37 33.59 -32.89 -4.45
N PRO E 38 33.14 -34.11 -4.81
CA PRO E 38 33.75 -35.34 -4.27
C PRO E 38 35.28 -35.39 -4.31
N GLY E 39 35.87 -34.77 -5.32
CA GLY E 39 37.31 -34.77 -5.44
C GLY E 39 38.02 -33.68 -4.65
N GLY E 40 37.25 -32.79 -4.03
CA GLY E 40 37.85 -31.72 -3.24
C GLY E 40 38.29 -30.47 -3.99
N SER E 41 38.00 -30.43 -5.29
CA SER E 41 38.39 -29.28 -6.10
C SER E 41 37.45 -29.10 -7.27
N VAL E 42 37.58 -27.96 -7.94
CA VAL E 42 36.75 -27.66 -9.10
C VAL E 42 37.12 -28.58 -10.26
N LYS E 43 38.28 -29.21 -10.17
CA LYS E 43 38.76 -30.11 -11.23
C LYS E 43 37.82 -31.27 -11.54
N ASP E 44 36.98 -31.65 -10.58
CA ASP E 44 36.06 -32.74 -10.82
C ASP E 44 35.22 -32.41 -12.04
N ARG E 45 34.97 -31.11 -12.24
CA ARG E 45 34.16 -30.65 -13.36
C ARG E 45 34.73 -31.00 -14.74
N LEU E 46 35.95 -30.59 -15.03
CA LEU E 46 36.54 -30.89 -16.33
C LEU E 46 36.85 -32.38 -16.45
N ALA E 47 37.36 -32.98 -15.38
CA ALA E 47 37.66 -34.40 -15.42
C ALA E 47 36.44 -35.19 -15.90
N LEU E 48 35.28 -34.90 -15.31
CA LEU E 48 34.08 -35.62 -15.69
C LEU E 48 33.61 -35.22 -17.08
N SER E 49 33.85 -33.96 -17.45
CA SER E 49 33.43 -33.49 -18.76
C SER E 49 34.24 -34.18 -19.85
N VAL E 50 35.56 -34.09 -19.72
CA VAL E 50 36.46 -34.71 -20.68
C VAL E 50 36.14 -36.18 -20.88
N VAL E 51 35.85 -36.88 -19.79
CA VAL E 51 35.55 -38.29 -19.86
C VAL E 51 34.23 -38.62 -20.54
N LEU E 52 33.18 -37.85 -20.26
CA LEU E 52 31.88 -38.11 -20.87
C LEU E 52 31.86 -37.77 -22.36
N ASP E 53 32.69 -36.82 -22.76
CA ASP E 53 32.77 -36.41 -24.16
C ASP E 53 33.45 -37.53 -24.91
N ALA E 54 34.69 -37.81 -24.52
CA ALA E 54 35.47 -38.87 -25.14
C ALA E 54 34.63 -40.14 -25.26
N GLU E 55 33.74 -40.36 -24.30
CA GLU E 55 32.89 -41.53 -24.30
C GLU E 55 31.80 -41.47 -25.36
N ALA E 56 31.13 -40.33 -25.45
CA ALA E 56 30.05 -40.15 -26.43
C ALA E 56 30.56 -40.16 -27.87
N LYS E 57 31.83 -39.78 -28.04
CA LYS E 57 32.42 -39.75 -29.36
C LYS E 57 32.81 -41.18 -29.75
N GLY E 58 33.58 -41.81 -28.87
CA GLY E 58 34.03 -43.17 -29.10
C GLY E 58 35.51 -43.29 -28.83
N LEU E 59 36.09 -42.22 -28.29
CA LEU E 59 37.52 -42.19 -28.00
C LEU E 59 37.83 -42.87 -26.67
N LEU E 60 36.79 -43.25 -25.95
CA LEU E 60 36.95 -43.92 -24.66
C LEU E 60 36.07 -45.17 -24.65
N LYS E 61 36.71 -46.30 -24.41
CA LYS E 61 36.02 -47.58 -24.37
C LYS E 61 36.24 -48.22 -23.01
N PRO E 62 35.23 -48.95 -22.51
CA PRO E 62 35.30 -49.62 -21.21
C PRO E 62 36.63 -50.31 -20.95
N GLY E 63 37.35 -49.84 -19.93
CA GLY E 63 38.62 -50.43 -19.58
C GLY E 63 39.83 -49.73 -20.15
N ASP E 64 39.62 -48.73 -21.00
CA ASP E 64 40.75 -48.01 -21.59
C ASP E 64 41.64 -47.43 -20.50
N THR E 65 42.64 -46.66 -20.91
CA THR E 65 43.57 -46.06 -19.97
C THR E 65 43.63 -44.57 -20.25
N ILE E 66 43.97 -43.77 -19.24
CA ILE E 66 44.05 -42.32 -19.42
C ILE E 66 45.33 -41.77 -18.80
N VAL E 67 45.98 -40.87 -19.53
CA VAL E 67 47.23 -40.25 -19.08
C VAL E 67 47.12 -38.73 -19.14
N GLU E 68 47.83 -38.05 -18.25
CA GLU E 68 47.80 -36.59 -18.20
C GLU E 68 48.86 -36.05 -17.26
N CYS E 69 49.52 -34.97 -17.68
CA CYS E 69 50.56 -34.34 -16.86
C CYS E 69 49.89 -33.46 -15.80
N THR E 70 49.94 -33.90 -14.54
CA THR E 70 49.31 -33.16 -13.46
C THR E 70 50.21 -32.65 -12.36
N SER E 71 50.00 -31.40 -11.98
CA SER E 71 50.77 -30.76 -10.92
C SER E 71 50.01 -30.92 -9.59
N GLY E 72 48.72 -31.22 -9.69
CA GLY E 72 47.93 -31.39 -8.48
C GLY E 72 46.52 -31.94 -8.63
N ASN E 73 45.53 -31.06 -8.46
CA ASN E 73 44.12 -31.45 -8.51
C ASN E 73 43.65 -32.22 -9.74
N VAL E 74 44.10 -31.82 -10.92
CA VAL E 74 43.68 -32.50 -12.14
C VAL E 74 43.88 -34.02 -12.05
N GLY E 75 44.97 -34.44 -11.44
CA GLY E 75 45.25 -35.87 -11.29
C GLY E 75 44.31 -36.55 -10.33
N ILE E 76 44.13 -35.95 -9.16
CA ILE E 76 43.22 -36.51 -8.17
C ILE E 76 41.85 -36.66 -8.82
N ALA E 77 41.40 -35.60 -9.48
CA ALA E 77 40.10 -35.59 -10.14
C ALA E 77 40.00 -36.69 -11.20
N LEU E 78 40.97 -36.71 -12.11
CA LEU E 78 41.00 -37.71 -13.17
C LEU E 78 41.10 -39.12 -12.56
N ALA E 79 41.96 -39.25 -11.55
CA ALA E 79 42.12 -40.54 -10.89
C ALA E 79 40.76 -41.01 -10.39
N MET E 80 40.08 -40.15 -9.64
CA MET E 80 38.77 -40.49 -9.08
C MET E 80 37.72 -40.86 -10.12
N VAL E 81 37.63 -40.07 -11.18
CA VAL E 81 36.64 -40.37 -12.21
C VAL E 81 37.03 -41.66 -12.92
N ALA E 82 38.32 -41.84 -13.13
CA ALA E 82 38.83 -43.05 -13.76
C ALA E 82 38.42 -44.24 -12.90
N ALA E 83 38.78 -44.17 -11.62
CA ALA E 83 38.46 -45.24 -10.67
C ALA E 83 36.97 -45.48 -10.55
N ALA E 84 36.18 -44.42 -10.75
CA ALA E 84 34.73 -44.52 -10.63
C ALA E 84 34.08 -45.07 -11.89
N ARG E 85 34.67 -44.78 -13.04
CA ARG E 85 34.09 -45.23 -14.30
C ARG E 85 34.66 -46.53 -14.86
N GLY E 86 35.74 -47.04 -14.26
CA GLY E 86 36.31 -48.28 -14.75
C GLY E 86 37.42 -48.08 -15.76
N TYR E 87 38.29 -47.10 -15.49
CA TYR E 87 39.39 -46.79 -16.37
C TYR E 87 40.70 -46.80 -15.58
N ARG E 88 41.78 -47.15 -16.26
CA ARG E 88 43.08 -47.16 -15.62
C ARG E 88 43.55 -45.71 -15.73
N PHE E 89 44.39 -45.27 -14.81
CA PHE E 89 44.85 -43.91 -14.87
C PHE E 89 46.35 -43.77 -14.64
N VAL E 90 46.97 -42.93 -15.46
CA VAL E 90 48.41 -42.69 -15.36
C VAL E 90 48.66 -41.20 -15.33
N ALA E 91 49.39 -40.74 -14.31
CA ALA E 91 49.68 -39.33 -14.18
C ALA E 91 51.17 -39.04 -14.22
N VAL E 92 51.56 -38.13 -15.10
CA VAL E 92 52.97 -37.75 -15.23
C VAL E 92 53.21 -36.57 -14.29
N MET E 93 53.73 -36.89 -13.11
CA MET E 93 54.01 -35.87 -12.09
C MET E 93 55.52 -35.66 -11.94
N GLY E 94 55.91 -34.52 -11.41
CA GLY E 94 57.32 -34.24 -11.21
C GLY E 94 57.76 -34.64 -9.82
N ASP E 95 58.97 -35.20 -9.71
CA ASP E 95 59.50 -35.61 -8.41
C ASP E 95 59.55 -34.43 -7.46
N THR E 96 59.32 -33.24 -8.01
CA THR E 96 59.32 -32.01 -7.24
C THR E 96 57.94 -31.79 -6.62
N TYR E 97 57.43 -32.80 -5.94
CA TYR E 97 56.11 -32.72 -5.30
C TYR E 97 56.04 -33.64 -4.09
N SER E 98 55.53 -33.11 -2.98
CA SER E 98 55.40 -33.86 -1.74
C SER E 98 54.59 -35.15 -1.91
N VAL E 99 54.88 -36.13 -1.06
CA VAL E 99 54.20 -37.41 -1.10
C VAL E 99 52.69 -37.24 -0.92
N GLU E 100 52.28 -36.04 -0.52
CA GLU E 100 50.87 -35.74 -0.31
C GLU E 100 50.07 -36.00 -1.58
N ARG E 101 50.44 -35.32 -2.66
CA ARG E 101 49.75 -35.49 -3.94
C ARG E 101 49.96 -36.92 -4.45
N ARG E 102 51.12 -37.48 -4.13
CA ARG E 102 51.45 -38.84 -4.55
C ARG E 102 50.41 -39.82 -4.02
N LYS E 103 50.42 -40.01 -2.70
CA LYS E 103 49.49 -40.92 -2.02
C LYS E 103 48.05 -40.69 -2.48
N LEU E 104 47.70 -39.43 -2.71
CA LEU E 104 46.37 -39.07 -3.16
C LEU E 104 45.97 -39.80 -4.42
N ILE E 105 46.76 -39.56 -5.48
CA ILE E 105 46.48 -40.20 -6.78
C ILE E 105 46.53 -41.72 -6.63
N ARG E 106 47.50 -42.21 -5.88
CA ARG E 106 47.64 -43.65 -5.66
C ARG E 106 46.42 -44.20 -4.93
N ALA E 107 45.85 -43.39 -4.05
CA ALA E 107 44.68 -43.79 -3.29
C ALA E 107 43.52 -44.20 -4.20
N TYR E 108 43.38 -43.52 -5.33
CA TYR E 108 42.30 -43.83 -6.26
C TYR E 108 42.69 -44.94 -7.24
N GLY E 109 43.82 -45.59 -6.96
CA GLY E 109 44.28 -46.66 -7.83
C GLY E 109 45.01 -46.16 -9.06
N GLY E 110 45.51 -44.93 -8.98
CA GLY E 110 46.20 -44.36 -10.12
C GLY E 110 47.70 -44.63 -10.11
N LYS E 111 48.27 -44.79 -11.30
CA LYS E 111 49.69 -45.05 -11.44
C LYS E 111 50.44 -43.73 -11.50
N LEU E 112 51.63 -43.69 -10.95
CA LEU E 112 52.43 -42.46 -10.95
C LEU E 112 53.77 -42.61 -11.68
N VAL E 113 53.98 -41.76 -12.68
CA VAL E 113 55.21 -41.77 -13.46
C VAL E 113 55.90 -40.43 -13.20
N LEU E 114 57.11 -40.48 -12.67
CA LEU E 114 57.86 -39.26 -12.35
C LEU E 114 58.82 -38.82 -13.45
N PHE E 115 59.15 -37.53 -13.42
CA PHE E 115 60.08 -36.92 -14.38
C PHE E 115 60.78 -35.75 -13.69
N PRO E 116 62.11 -35.64 -13.86
CA PRO E 116 62.93 -34.58 -13.27
C PRO E 116 62.16 -33.29 -12.95
N GLY E 117 62.27 -32.84 -11.70
CA GLY E 117 61.58 -31.63 -11.29
C GLY E 117 61.84 -30.49 -12.24
N HIS E 118 63.12 -30.23 -12.51
CA HIS E 118 63.51 -29.16 -13.42
C HIS E 118 63.30 -29.64 -14.85
N LEU E 119 62.04 -29.65 -15.29
CA LEU E 119 61.72 -30.08 -16.64
C LEU E 119 60.57 -29.27 -17.25
N GLY E 120 60.03 -28.35 -16.46
CA GLY E 120 58.95 -27.49 -16.95
C GLY E 120 57.52 -27.92 -16.65
N SER E 121 56.58 -27.02 -16.95
CA SER E 121 55.16 -27.26 -16.74
C SER E 121 54.61 -27.99 -17.96
N LYS E 122 55.37 -27.94 -19.05
CA LYS E 122 55.00 -28.60 -20.29
C LYS E 122 55.98 -29.74 -20.57
N GLY E 123 57.10 -29.72 -19.87
CA GLY E 123 58.10 -30.76 -20.05
C GLY E 123 57.50 -32.13 -19.77
N GLY E 124 56.62 -32.18 -18.77
CA GLY E 124 55.98 -33.43 -18.43
C GLY E 124 54.90 -33.74 -19.45
N ASN E 125 54.34 -32.69 -20.05
CA ASN E 125 53.30 -32.84 -21.05
C ASN E 125 53.81 -33.64 -22.25
N LEU E 126 55.08 -33.42 -22.60
CA LEU E 126 55.68 -34.13 -23.72
C LEU E 126 55.84 -35.60 -23.36
N ILE E 127 56.22 -35.85 -22.11
CA ILE E 127 56.38 -37.21 -21.61
C ILE E 127 55.08 -37.97 -21.80
N ALA E 128 53.98 -37.38 -21.30
CA ALA E 128 52.66 -37.99 -21.40
C ALA E 128 52.27 -38.18 -22.85
N ASP E 129 52.53 -37.16 -23.66
CA ASP E 129 52.21 -37.22 -25.08
C ASP E 129 52.86 -38.45 -25.70
N GLU E 130 54.16 -38.60 -25.48
CA GLU E 130 54.90 -39.73 -26.01
C GLU E 130 54.31 -41.04 -25.49
N LEU E 131 53.96 -41.05 -24.21
CA LEU E 131 53.38 -42.23 -23.58
C LEU E 131 52.02 -42.59 -24.18
N ALA E 132 51.21 -41.58 -24.47
CA ALA E 132 49.89 -41.79 -25.05
C ALA E 132 50.01 -42.34 -26.46
N GLU E 133 51.00 -41.86 -27.21
CA GLU E 133 51.23 -42.31 -28.59
C GLU E 133 51.67 -43.78 -28.56
N LYS E 134 52.68 -44.04 -27.74
CA LYS E 134 53.24 -45.38 -27.60
C LYS E 134 52.20 -46.46 -27.30
N TYR E 135 51.54 -46.36 -26.15
CA TYR E 135 50.53 -47.36 -25.77
C TYR E 135 49.12 -47.10 -26.29
N GLY E 136 48.94 -45.99 -27.00
CA GLY E 136 47.62 -45.67 -27.54
C GLY E 136 46.63 -45.26 -26.46
N TRP E 137 47.16 -44.74 -25.36
CA TRP E 137 46.35 -44.29 -24.23
C TRP E 137 45.63 -42.99 -24.54
N PHE E 138 44.40 -42.87 -24.07
CA PHE E 138 43.61 -41.66 -24.28
C PHE E 138 44.29 -40.49 -23.57
N ARG E 139 44.37 -39.36 -24.25
CA ARG E 139 44.98 -38.17 -23.67
C ARG E 139 43.87 -37.19 -23.29
N ALA E 140 44.01 -36.58 -22.12
CA ALA E 140 43.01 -35.64 -21.64
C ALA E 140 43.10 -34.24 -22.24
N ARG E 141 44.30 -33.70 -22.29
CA ARG E 141 44.50 -32.35 -22.85
C ARG E 141 43.55 -31.40 -22.13
N GLN E 142 43.83 -31.15 -20.86
CA GLN E 142 42.99 -30.28 -20.06
C GLN E 142 43.11 -28.82 -20.48
N PHE E 143 44.18 -28.50 -21.20
CA PHE E 143 44.40 -27.12 -21.61
C PHE E 143 43.87 -26.79 -23.00
N ASP E 144 43.48 -27.80 -23.76
CA ASP E 144 42.98 -27.56 -25.10
C ASP E 144 41.63 -28.23 -25.36
N ASN E 145 41.17 -29.06 -24.44
CA ASN E 145 39.91 -29.77 -24.58
C ASN E 145 38.67 -28.88 -24.39
N PRO E 146 37.91 -28.65 -25.47
CA PRO E 146 36.71 -27.81 -25.36
C PRO E 146 35.76 -28.23 -24.24
N ALA E 147 35.76 -29.51 -23.90
CA ALA E 147 34.88 -30.05 -22.87
C ALA E 147 35.09 -29.34 -21.52
N ASN E 148 36.27 -28.80 -21.32
CA ASN E 148 36.59 -28.10 -20.08
C ASN E 148 35.68 -26.88 -19.89
N PRO E 149 35.84 -25.81 -20.71
CA PRO E 149 34.96 -24.65 -20.51
C PRO E 149 33.50 -24.99 -20.77
N SER E 150 33.25 -25.82 -21.75
CA SER E 150 31.90 -26.22 -22.10
C SER E 150 31.09 -26.73 -20.90
N TYR E 151 31.77 -27.37 -19.96
CA TYR E 151 31.08 -27.87 -18.77
C TYR E 151 30.81 -26.75 -17.78
N HIS E 152 31.70 -25.76 -17.74
CA HIS E 152 31.52 -24.63 -16.83
C HIS E 152 30.37 -23.73 -17.28
N ARG E 153 30.18 -23.64 -18.58
CA ARG E 153 29.10 -22.84 -19.15
C ARG E 153 27.75 -23.45 -18.84
N GLU E 154 27.73 -24.76 -18.59
CA GLU E 154 26.48 -25.43 -18.35
C GLU E 154 26.17 -25.79 -16.92
N THR E 155 27.19 -25.83 -16.07
CA THR E 155 26.95 -26.16 -14.68
C THR E 155 27.36 -24.98 -13.80
N THR E 156 28.67 -24.74 -13.70
CA THR E 156 29.17 -23.63 -12.87
C THR E 156 28.37 -22.33 -13.08
N ALA E 157 28.32 -21.89 -14.32
CA ALA E 157 27.62 -20.66 -14.70
C ALA E 157 26.13 -20.74 -14.37
N SER E 158 25.49 -21.87 -14.66
CA SER E 158 24.06 -22.02 -14.38
C SER E 158 23.79 -21.94 -12.89
N GLU E 159 24.73 -22.43 -12.09
CA GLU E 159 24.55 -22.40 -10.66
C GLU E 159 24.66 -20.99 -10.15
N ILE E 160 25.59 -20.24 -10.73
CA ILE E 160 25.79 -18.85 -10.33
C ILE E 160 24.61 -17.99 -10.78
N LEU E 161 24.19 -18.12 -12.03
CA LEU E 161 23.07 -17.32 -12.49
C LEU E 161 21.78 -17.65 -11.75
N ALA E 162 21.55 -18.92 -11.48
CA ALA E 162 20.34 -19.33 -10.77
C ALA E 162 20.26 -18.78 -9.35
N ASP E 163 21.40 -18.80 -8.64
CA ASP E 163 21.46 -18.31 -7.29
C ASP E 163 21.25 -16.79 -7.18
N PHE E 164 21.82 -16.05 -8.10
CA PHE E 164 21.72 -14.61 -8.11
C PHE E 164 20.61 -14.07 -9.01
N ALA E 165 19.71 -14.93 -9.45
CA ALA E 165 18.60 -14.50 -10.27
C ALA E 165 17.75 -13.49 -9.50
N GLY E 166 17.50 -12.33 -10.11
CA GLY E 166 16.68 -11.30 -9.48
C GLY E 166 17.37 -10.59 -8.33
N LYS E 167 18.67 -10.82 -8.19
CA LYS E 167 19.43 -10.18 -7.12
C LYS E 167 20.66 -9.47 -7.66
N ARG E 168 21.25 -8.63 -6.83
CA ARG E 168 22.43 -7.88 -7.23
C ARG E 168 23.72 -8.73 -7.23
N LEU E 169 24.54 -8.51 -8.23
CA LEU E 169 25.83 -9.17 -8.36
C LEU E 169 26.62 -8.20 -9.24
N ASP E 170 27.78 -7.76 -8.75
CA ASP E 170 28.57 -6.78 -9.48
C ASP E 170 29.93 -7.23 -10.02
N HIS E 171 30.58 -8.16 -9.31
CA HIS E 171 31.90 -8.66 -9.71
C HIS E 171 32.05 -10.16 -9.55
N PHE E 172 32.63 -10.81 -10.56
CA PHE E 172 32.88 -12.24 -10.50
C PHE E 172 34.40 -12.38 -10.48
N VAL E 173 34.94 -12.90 -9.38
CA VAL E 173 36.38 -13.03 -9.23
C VAL E 173 36.90 -14.46 -9.36
N THR E 174 37.96 -14.61 -10.15
CA THR E 174 38.55 -15.91 -10.35
C THR E 174 39.99 -15.84 -10.87
N GLY E 175 40.76 -16.86 -10.55
CA GLY E 175 42.11 -16.94 -11.03
C GLY E 175 41.93 -17.92 -12.16
N PHE E 176 43.01 -18.31 -12.82
CA PHE E 176 42.87 -19.28 -13.90
C PHE E 176 44.09 -20.16 -13.96
N GLY E 177 43.86 -21.40 -14.33
CA GLY E 177 44.93 -22.37 -14.48
C GLY E 177 44.75 -22.76 -15.92
N THR E 178 43.85 -23.71 -16.16
CA THR E 178 43.56 -24.13 -17.53
C THR E 178 42.67 -23.04 -18.18
N THR E 179 42.18 -22.11 -17.36
CA THR E 179 41.30 -21.01 -17.79
C THR E 179 39.88 -21.47 -18.12
N GLY E 180 39.58 -22.75 -17.91
CA GLY E 180 38.26 -23.27 -18.20
C GLY E 180 37.14 -22.57 -17.44
N THR E 181 37.35 -22.36 -16.14
CA THR E 181 36.36 -21.71 -15.30
C THR E 181 36.13 -20.30 -15.83
N LEU E 182 37.19 -19.52 -15.92
CA LEU E 182 37.12 -18.15 -16.43
C LEU E 182 36.38 -18.03 -17.78
N THR E 183 36.79 -18.83 -18.75
CA THR E 183 36.20 -18.81 -20.09
C THR E 183 34.72 -19.16 -20.12
N GLY E 184 34.39 -20.32 -19.56
CA GLY E 184 33.01 -20.78 -19.53
C GLY E 184 32.06 -19.87 -18.77
N VAL E 185 32.40 -19.56 -17.53
CA VAL E 185 31.55 -18.67 -16.75
C VAL E 185 31.47 -17.33 -17.49
N GLY E 186 32.62 -16.76 -17.81
CA GLY E 186 32.67 -15.48 -18.50
C GLY E 186 31.83 -15.40 -19.77
N GLN E 187 31.88 -16.43 -20.59
CA GLN E 187 31.11 -16.43 -21.83
C GLN E 187 29.60 -16.45 -21.56
N MET E 188 29.20 -16.99 -20.42
CA MET E 188 27.78 -17.03 -20.12
C MET E 188 27.37 -15.74 -19.42
N LEU E 189 28.26 -15.19 -18.59
CA LEU E 189 27.97 -13.94 -17.88
C LEU E 189 27.81 -12.76 -18.82
N ARG E 190 28.63 -12.71 -19.87
CA ARG E 190 28.57 -11.61 -20.82
C ARG E 190 27.29 -11.54 -21.64
N VAL E 191 26.53 -12.62 -21.67
CA VAL E 191 25.29 -12.61 -22.44
C VAL E 191 24.08 -12.48 -21.53
N ALA E 192 24.15 -13.12 -20.36
CA ALA E 192 23.06 -13.09 -19.40
C ALA E 192 23.15 -11.93 -18.41
N ARG E 193 24.37 -11.54 -18.04
CA ARG E 193 24.58 -10.47 -17.06
C ARG E 193 25.74 -9.60 -17.54
N PRO E 194 25.49 -8.78 -18.56
CA PRO E 194 26.50 -7.90 -19.15
C PRO E 194 27.19 -6.96 -18.16
N GLU E 195 26.46 -6.50 -17.15
CA GLU E 195 27.00 -5.58 -16.17
C GLU E 195 28.04 -6.15 -15.22
N VAL E 196 27.89 -7.42 -14.86
CA VAL E 196 28.83 -8.05 -13.94
C VAL E 196 30.27 -7.98 -14.47
N ARG E 197 31.19 -7.47 -13.66
CA ARG E 197 32.61 -7.38 -14.06
C ARG E 197 33.34 -8.73 -13.94
N VAL E 198 33.87 -9.23 -15.05
CA VAL E 198 34.60 -10.50 -15.03
C VAL E 198 36.03 -10.16 -14.67
N VAL E 199 36.42 -10.52 -13.44
CA VAL E 199 37.73 -10.23 -12.91
C VAL E 199 38.67 -11.44 -12.85
N ALA E 200 39.73 -11.42 -13.65
CA ALA E 200 40.69 -12.51 -13.67
C ALA E 200 41.98 -12.06 -12.99
N LEU E 201 42.55 -12.93 -12.16
CA LEU E 201 43.78 -12.61 -11.45
C LEU E 201 44.89 -13.62 -11.78
N GLU E 202 46.13 -13.16 -11.63
CA GLU E 202 47.30 -14.00 -11.86
C GLU E 202 48.37 -13.66 -10.84
N PRO E 203 49.27 -14.60 -10.54
CA PRO E 203 50.32 -14.31 -9.55
C PRO E 203 51.21 -13.16 -10.03
N SER E 204 51.73 -12.37 -9.10
CA SER E 204 52.60 -11.25 -9.44
C SER E 204 53.79 -11.70 -10.28
N ASN E 205 54.49 -12.73 -9.81
CA ASN E 205 55.66 -13.25 -10.50
C ASN E 205 55.33 -14.06 -11.75
N ALA E 206 54.04 -14.13 -12.09
CA ALA E 206 53.65 -14.89 -13.28
C ALA E 206 52.46 -14.29 -14.02
N ALA E 207 52.61 -13.05 -14.48
CA ALA E 207 51.54 -12.38 -15.22
C ALA E 207 51.55 -12.85 -16.68
N MET E 208 51.16 -14.09 -16.90
CA MET E 208 51.13 -14.69 -18.23
C MET E 208 50.27 -13.96 -19.26
N LEU E 209 49.25 -13.23 -18.79
CA LEU E 209 48.38 -12.51 -19.71
C LEU E 209 48.65 -11.02 -19.75
N ALA E 210 49.00 -10.44 -18.60
CA ALA E 210 49.26 -9.01 -18.54
C ALA E 210 50.64 -8.62 -19.04
N ARG E 211 51.61 -9.52 -18.92
CA ARG E 211 52.97 -9.21 -19.37
C ARG E 211 53.69 -10.39 -20.02
N GLY E 212 52.96 -11.44 -20.37
CA GLY E 212 53.57 -12.60 -21.00
C GLY E 212 54.84 -13.02 -20.31
N GLU E 213 54.75 -13.31 -19.01
CA GLU E 213 55.92 -13.71 -18.24
C GLU E 213 55.55 -14.69 -17.15
N TRP E 214 56.31 -15.77 -17.05
CA TRP E 214 56.07 -16.79 -16.05
C TRP E 214 57.02 -16.62 -14.86
N SER E 215 57.45 -17.74 -14.30
CA SER E 215 58.35 -17.82 -13.13
C SER E 215 57.63 -18.60 -12.05
N PRO E 216 58.28 -19.62 -11.48
CA PRO E 216 57.63 -20.41 -10.42
C PRO E 216 57.03 -19.53 -9.33
N HIS E 217 55.77 -19.78 -9.02
CA HIS E 217 55.04 -19.04 -7.99
C HIS E 217 54.45 -20.08 -7.07
N GLN E 218 53.91 -19.65 -5.94
CA GLN E 218 53.36 -20.61 -4.99
C GLN E 218 51.85 -20.82 -5.01
N ILE E 219 51.12 -20.00 -5.75
CA ILE E 219 49.66 -20.15 -5.83
C ILE E 219 49.30 -21.37 -6.67
N GLN E 220 49.35 -22.54 -6.04
CA GLN E 220 49.05 -23.80 -6.70
C GLN E 220 47.76 -23.79 -7.55
N GLY E 221 47.87 -24.27 -8.78
CA GLY E 221 46.72 -24.32 -9.66
C GLY E 221 46.60 -23.16 -10.64
N LEU E 222 47.16 -22.01 -10.26
CA LEU E 222 47.12 -20.81 -11.09
C LEU E 222 48.32 -20.59 -12.01
N ALA E 223 48.09 -19.79 -13.05
CA ALA E 223 49.11 -19.40 -14.03
C ALA E 223 50.13 -20.43 -14.54
N PRO E 224 49.81 -21.11 -15.65
CA PRO E 224 50.77 -22.09 -16.17
C PRO E 224 51.86 -21.30 -16.93
N ASN E 225 52.85 -21.99 -17.50
CA ASN E 225 53.92 -21.29 -18.22
C ASN E 225 53.67 -21.11 -19.73
N PHE E 226 52.39 -21.21 -20.12
CA PHE E 226 51.97 -21.06 -21.50
C PHE E 226 50.50 -20.68 -21.52
N VAL E 227 50.10 -19.81 -22.45
CA VAL E 227 48.69 -19.41 -22.54
C VAL E 227 47.86 -20.55 -23.11
N PRO E 228 46.94 -21.12 -22.31
CA PRO E 228 46.09 -22.23 -22.77
C PRO E 228 45.24 -21.87 -23.99
N GLY E 229 45.08 -22.85 -24.89
CA GLY E 229 44.32 -22.63 -26.11
C GLY E 229 42.82 -22.59 -25.93
N VAL E 230 42.37 -23.13 -24.81
CA VAL E 230 40.95 -23.17 -24.50
C VAL E 230 40.48 -21.79 -24.03
N LEU E 231 41.43 -20.93 -23.70
CA LEU E 231 41.14 -19.58 -23.21
C LEU E 231 40.59 -18.59 -24.23
N ASP E 232 39.70 -17.72 -23.73
CA ASP E 232 39.10 -16.67 -24.54
C ASP E 232 39.31 -15.41 -23.74
N ARG E 233 40.49 -14.80 -23.91
CA ARG E 233 40.85 -13.60 -23.18
C ARG E 233 39.84 -12.45 -23.30
N SER E 234 39.02 -12.49 -24.35
CA SER E 234 38.04 -11.43 -24.57
C SER E 234 37.01 -11.34 -23.44
N VAL E 235 36.85 -12.42 -22.69
CA VAL E 235 35.89 -12.45 -21.60
C VAL E 235 36.31 -11.64 -20.37
N ILE E 236 37.62 -11.40 -20.24
CA ILE E 236 38.13 -10.65 -19.09
C ILE E 236 37.83 -9.17 -19.14
N ASP E 237 37.30 -8.63 -18.05
CA ASP E 237 37.01 -7.20 -17.98
C ASP E 237 38.13 -6.47 -17.22
N ASP E 238 38.54 -7.05 -16.09
CA ASP E 238 39.59 -6.47 -15.27
C ASP E 238 40.70 -7.48 -14.97
N LEU E 239 41.86 -7.29 -15.61
CA LEU E 239 43.01 -8.19 -15.42
C LEU E 239 43.89 -7.67 -14.28
N VAL E 240 43.97 -8.42 -13.19
CA VAL E 240 44.78 -7.99 -12.05
C VAL E 240 45.76 -9.05 -11.55
N THR E 241 46.63 -8.63 -10.64
CA THR E 241 47.62 -9.53 -10.05
C THR E 241 47.40 -9.65 -8.55
N MET E 242 48.00 -10.67 -7.94
CA MET E 242 47.87 -10.89 -6.51
C MET E 242 49.16 -11.47 -5.98
N ASP E 243 49.61 -10.95 -4.84
CA ASP E 243 50.83 -11.43 -4.21
C ASP E 243 50.54 -12.76 -3.52
N GLU E 244 51.42 -13.74 -3.72
CA GLU E 244 51.25 -15.06 -3.14
C GLU E 244 51.23 -15.11 -1.60
N VAL E 245 51.71 -14.06 -0.96
CA VAL E 245 51.72 -14.04 0.50
C VAL E 245 50.41 -13.46 1.02
N THR E 246 49.82 -12.55 0.25
CA THR E 246 48.54 -11.97 0.66
C THR E 246 47.53 -13.10 0.49
N ALA E 247 47.66 -13.83 -0.61
CA ALA E 247 46.80 -14.95 -0.92
C ALA E 247 46.85 -15.99 0.19
N ARG E 248 48.07 -16.40 0.55
CA ARG E 248 48.29 -17.37 1.61
C ARG E 248 47.64 -16.87 2.91
N ASP E 249 48.05 -15.69 3.35
CA ASP E 249 47.51 -15.09 4.56
C ASP E 249 45.98 -15.09 4.53
N THR E 250 45.43 -14.57 3.44
CA THR E 250 43.99 -14.48 3.28
C THR E 250 43.28 -15.82 3.40
N SER E 251 43.89 -16.87 2.85
CA SER E 251 43.30 -18.21 2.93
C SER E 251 43.22 -18.66 4.38
N ARG E 252 44.22 -18.25 5.17
CA ARG E 252 44.27 -18.59 6.59
C ARG E 252 43.17 -17.88 7.36
N ARG E 253 42.89 -16.64 6.98
CA ARG E 253 41.82 -15.87 7.63
C ARG E 253 40.45 -16.45 7.29
N LEU E 254 40.28 -16.85 6.04
CA LEU E 254 39.03 -17.44 5.59
C LEU E 254 38.69 -18.60 6.52
N ALA E 255 39.66 -19.49 6.71
CA ALA E 255 39.45 -20.65 7.55
C ALA E 255 39.22 -20.33 9.03
N ALA E 256 39.88 -19.30 9.54
CA ALA E 256 39.74 -18.96 10.95
C ALA E 256 38.66 -17.94 11.27
N GLU E 257 38.30 -17.12 10.28
CA GLU E 257 37.30 -16.09 10.50
C GLU E 257 35.91 -16.47 9.99
N GLU E 258 35.85 -17.41 9.06
CA GLU E 258 34.58 -17.83 8.47
C GLU E 258 34.32 -19.34 8.55
N GLY E 259 35.35 -20.09 8.93
CA GLY E 259 35.19 -21.54 9.03
C GLY E 259 35.18 -22.22 7.68
N ILE E 260 35.77 -21.57 6.68
CA ILE E 260 35.84 -22.14 5.34
C ILE E 260 37.30 -22.41 4.99
N PHE E 261 37.69 -23.67 5.05
CA PHE E 261 39.07 -24.08 4.77
C PHE E 261 39.31 -24.33 3.29
N ALA E 262 40.02 -23.41 2.64
CA ALA E 262 40.32 -23.50 1.22
C ALA E 262 41.81 -23.36 0.91
N GLY E 263 42.17 -23.64 -0.34
CA GLY E 263 43.56 -23.57 -0.80
C GLY E 263 44.15 -22.17 -0.95
N ILE E 264 45.26 -22.04 -1.67
CA ILE E 264 45.90 -20.74 -1.85
C ILE E 264 45.18 -19.90 -2.90
N SER E 265 44.84 -20.51 -4.04
CA SER E 265 44.15 -19.79 -5.10
C SER E 265 42.89 -19.14 -4.52
N ALA E 266 42.15 -19.90 -3.69
CA ALA E 266 40.95 -19.39 -3.06
C ALA E 266 41.31 -18.15 -2.24
N GLY E 267 42.43 -18.22 -1.52
CA GLY E 267 42.86 -17.07 -0.74
C GLY E 267 43.15 -15.92 -1.67
N ALA E 268 43.62 -16.26 -2.87
CA ALA E 268 43.94 -15.27 -3.89
C ALA E 268 42.68 -14.53 -4.33
N THR E 269 41.70 -15.28 -4.84
CA THR E 269 40.45 -14.69 -5.31
C THR E 269 39.75 -13.89 -4.20
N VAL E 270 39.73 -14.45 -2.99
CA VAL E 270 39.09 -13.75 -1.88
C VAL E 270 39.77 -12.41 -1.63
N ALA E 271 41.10 -12.38 -1.67
CA ALA E 271 41.84 -11.14 -1.45
C ALA E 271 41.49 -10.12 -2.52
N THR E 272 41.51 -10.56 -3.78
CA THR E 272 41.19 -9.68 -4.89
C THR E 272 39.82 -9.07 -4.65
N ALA E 273 38.90 -9.90 -4.17
CA ALA E 273 37.54 -9.44 -3.91
C ALA E 273 37.50 -8.39 -2.80
N LEU E 274 38.11 -8.70 -1.66
CA LEU E 274 38.13 -7.77 -0.53
C LEU E 274 38.83 -6.47 -0.89
N SER E 275 39.73 -6.54 -1.87
CA SER E 275 40.46 -5.38 -2.33
C SER E 275 39.56 -4.47 -3.15
N ILE E 276 38.71 -5.08 -3.98
CA ILE E 276 37.78 -4.33 -4.81
C ILE E 276 36.70 -3.81 -3.87
N ALA E 277 36.31 -4.66 -2.94
CA ALA E 277 35.26 -4.36 -1.98
C ALA E 277 35.50 -3.15 -1.10
N GLU E 278 36.69 -3.03 -0.52
CA GLU E 278 36.99 -1.92 0.38
C GLU E 278 36.74 -0.53 -0.17
N HIS E 279 36.95 -0.34 -1.47
CA HIS E 279 36.75 0.98 -2.07
C HIS E 279 35.64 0.99 -3.14
N ALA E 280 34.65 0.11 -2.97
CA ALA E 280 33.53 0.04 -3.91
C ALA E 280 32.29 0.66 -3.29
N PRO E 281 31.38 1.18 -4.12
CA PRO E 281 30.15 1.81 -3.65
C PRO E 281 29.34 0.94 -2.69
N GLU E 282 28.53 1.58 -1.85
CA GLU E 282 27.71 0.89 -0.88
C GLU E 282 26.83 -0.14 -1.58
N GLY E 283 26.67 -1.30 -0.94
CA GLY E 283 25.84 -2.36 -1.49
C GLY E 283 26.43 -3.23 -2.59
N THR E 284 27.68 -2.97 -2.98
CA THR E 284 28.31 -3.76 -4.04
C THR E 284 28.34 -5.23 -3.62
N VAL E 285 28.11 -6.13 -4.58
CA VAL E 285 28.12 -7.56 -4.32
C VAL E 285 29.17 -8.28 -5.15
N LEU E 286 30.01 -9.07 -4.49
CA LEU E 286 31.06 -9.78 -5.19
C LEU E 286 31.02 -11.30 -4.99
N LEU E 287 31.43 -12.04 -6.02
CA LEU E 287 31.46 -13.49 -5.95
C LEU E 287 32.85 -13.97 -6.31
N ALA E 288 33.45 -14.75 -5.42
CA ALA E 288 34.79 -15.27 -5.67
C ALA E 288 34.76 -16.79 -5.68
N MET E 289 35.50 -17.39 -6.61
CA MET E 289 35.54 -18.84 -6.68
C MET E 289 36.54 -19.42 -5.69
N LEU E 290 36.14 -20.49 -5.01
CA LEU E 290 37.01 -21.18 -4.06
C LEU E 290 37.35 -22.51 -4.74
N PRO E 291 38.47 -22.54 -5.47
CA PRO E 291 38.94 -23.72 -6.19
C PRO E 291 38.96 -25.05 -5.44
N ASP E 292 39.55 -25.09 -4.26
CA ASP E 292 39.62 -26.35 -3.52
C ASP E 292 39.78 -26.29 -2.00
N THR E 293 39.78 -27.48 -1.40
CA THR E 293 39.93 -27.66 0.04
C THR E 293 41.36 -27.35 0.50
N GLY E 294 41.48 -26.65 1.62
CA GLY E 294 42.79 -26.30 2.14
C GLY E 294 43.47 -27.48 2.84
N GLU E 295 42.78 -28.61 2.84
CA GLU E 295 43.29 -29.82 3.48
C GLU E 295 44.60 -30.34 2.91
N ARG E 296 44.77 -30.24 1.58
CA ARG E 296 45.99 -30.76 0.94
C ARG E 296 47.11 -29.75 0.84
N TYR E 297 47.08 -28.73 1.69
CA TYR E 297 48.12 -27.71 1.69
C TYR E 297 48.78 -27.63 3.06
N LEU E 298 48.64 -28.70 3.83
CA LEU E 298 49.22 -28.77 5.16
C LEU E 298 50.74 -28.70 5.04
N SER E 299 51.28 -29.46 4.10
CA SER E 299 52.70 -29.51 3.84
C SER E 299 53.20 -28.23 3.16
N THR E 300 52.34 -27.63 2.34
CA THR E 300 52.69 -26.41 1.62
C THR E 300 53.08 -25.27 2.55
N PHE E 301 53.41 -24.12 1.97
CA PHE E 301 53.81 -22.96 2.73
C PHE E 301 52.61 -22.24 3.35
N LEU E 302 51.42 -22.79 3.13
CA LEU E 302 50.21 -22.23 3.68
C LEU E 302 50.31 -22.36 5.20
N PHE E 303 51.15 -23.31 5.63
CA PHE E 303 51.35 -23.57 7.05
C PHE E 303 52.79 -23.32 7.48
N ASP E 304 53.57 -22.73 6.57
CA ASP E 304 54.96 -22.41 6.85
C ASP E 304 54.94 -21.12 7.67
N GLY E 305 54.81 -21.28 8.98
CA GLY E 305 54.77 -20.13 9.87
C GLY E 305 53.63 -20.33 10.85
N VAL E 306 53.20 -21.58 10.97
CA VAL E 306 52.11 -21.93 11.87
C VAL E 306 52.67 -22.55 13.14
N ASP E 307 52.40 -21.90 14.28
CA ASP E 307 52.88 -22.36 15.57
C ASP E 307 52.41 -23.78 15.86
N GLU E 308 53.35 -24.72 15.83
CA GLU E 308 53.04 -26.12 16.11
C GLU E 308 53.02 -26.32 17.62
N GLY E 309 53.92 -25.61 18.31
CA GLY E 309 53.99 -25.73 19.75
C GLY E 309 52.76 -25.16 20.43
N SER E 310 52.45 -25.67 21.62
CA SER E 310 51.29 -25.22 22.38
C SER E 310 51.52 -23.87 23.06
N ASP E 311 50.80 -22.85 22.61
CA ASP E 311 50.92 -21.52 23.18
C ASP E 311 50.54 -21.55 24.65
N ASP E 312 51.56 -21.64 25.52
CA ASP E 312 51.34 -21.68 26.96
C ASP E 312 51.29 -20.27 27.52
N ALA E 313 51.97 -19.34 26.85
CA ALA E 313 52.01 -17.94 27.26
C ALA E 313 50.59 -17.39 27.19
N TRP E 314 49.84 -17.87 26.20
CA TRP E 314 48.45 -17.46 26.02
C TRP E 314 47.65 -18.04 27.18
N LEU E 315 47.93 -19.29 27.50
CA LEU E 315 47.25 -20.00 28.59
C LEU E 315 47.38 -19.25 29.91
N ALA E 316 48.60 -18.92 30.28
CA ALA E 316 48.88 -18.20 31.52
C ALA E 316 48.48 -16.73 31.40
N SER E 317 48.30 -16.28 30.16
CA SER E 317 47.91 -14.89 29.88
C SER E 317 46.50 -14.63 30.41
N LEU E 318 45.92 -15.65 31.02
CA LEU E 318 44.57 -15.54 31.58
C LEU E 318 44.63 -15.58 33.11
N PRO F 2 15.60 -26.67 2.67
CA PRO F 2 15.39 -25.93 3.93
C PRO F 2 14.16 -25.03 3.94
N LEU F 3 13.93 -24.38 5.08
CA LEU F 3 12.81 -23.46 5.29
C LEU F 3 12.84 -22.32 4.27
N PHE F 4 11.67 -21.91 3.79
CA PHE F 4 11.56 -20.79 2.84
C PHE F 4 10.91 -19.61 3.56
N ASN F 5 11.49 -18.44 3.39
CA ASN F 5 10.98 -17.24 4.05
C ASN F 5 9.69 -16.70 3.44
N SER F 6 9.48 -16.97 2.16
CA SER F 6 8.28 -16.50 1.49
C SER F 6 7.93 -17.42 0.32
N ILE F 7 6.64 -17.49 0.00
CA ILE F 7 6.18 -18.33 -1.10
C ILE F 7 6.84 -17.99 -2.44
N LEU F 8 7.31 -16.75 -2.59
CA LEU F 8 7.94 -16.36 -3.85
C LEU F 8 9.32 -17.00 -4.06
N ASP F 9 9.93 -17.48 -2.98
CA ASP F 9 11.24 -18.11 -3.07
C ASP F 9 11.12 -19.53 -3.67
N THR F 10 9.91 -20.00 -3.90
CA THR F 10 9.69 -21.32 -4.48
C THR F 10 9.50 -21.26 -5.99
N ILE F 11 9.55 -20.07 -6.57
CA ILE F 11 9.36 -19.92 -8.00
C ILE F 11 10.57 -20.48 -8.77
N GLY F 12 10.29 -21.22 -9.84
CA GLY F 12 11.36 -21.77 -10.66
C GLY F 12 11.93 -23.10 -10.20
N ARG F 13 13.09 -23.46 -10.77
CA ARG F 13 13.72 -24.72 -10.44
C ARG F 13 12.71 -25.85 -10.64
N THR F 14 11.96 -25.75 -11.72
CA THR F 14 10.95 -26.73 -12.05
C THR F 14 11.61 -28.03 -12.58
N PRO F 15 10.94 -29.17 -12.37
CA PRO F 15 11.48 -30.45 -12.83
C PRO F 15 11.32 -30.80 -14.31
N ILE F 16 12.29 -31.55 -14.82
CA ILE F 16 12.24 -32.02 -16.19
C ILE F 16 12.07 -33.54 -16.04
N VAL F 17 11.01 -34.07 -16.63
CA VAL F 17 10.72 -35.49 -16.55
C VAL F 17 10.63 -36.16 -17.91
N ARG F 18 11.13 -37.40 -18.00
CA ARG F 18 11.09 -38.13 -19.25
C ARG F 18 9.73 -38.79 -19.47
N LEU F 19 9.26 -38.74 -20.70
CA LEU F 19 7.98 -39.38 -21.03
C LEU F 19 8.28 -40.87 -21.07
N GLN F 20 7.41 -41.68 -20.46
CA GLN F 20 7.66 -43.13 -20.43
C GLN F 20 7.16 -43.93 -21.63
N ARG F 21 5.98 -43.58 -22.17
CA ARG F 21 5.45 -44.35 -23.29
C ARG F 21 5.10 -43.59 -24.57
N MET F 22 4.72 -42.32 -24.45
CA MET F 22 4.32 -41.51 -25.61
C MET F 22 5.35 -41.30 -26.72
N ALA F 23 6.63 -41.43 -26.39
CA ALA F 23 7.70 -41.20 -27.36
C ALA F 23 8.21 -42.42 -28.15
N PRO F 24 8.59 -42.21 -29.43
CA PRO F 24 9.11 -43.33 -30.23
C PRO F 24 10.23 -43.94 -29.41
N GLU F 25 10.21 -45.26 -29.26
CA GLU F 25 11.22 -45.93 -28.44
C GLU F 25 12.69 -45.65 -28.81
N HIS F 26 12.94 -45.16 -30.01
CA HIS F 26 14.32 -44.87 -30.40
C HIS F 26 14.73 -43.43 -30.08
N THR F 27 13.86 -42.73 -29.35
CA THR F 27 14.11 -41.34 -28.96
C THR F 27 13.77 -41.13 -27.49
N SER F 28 14.17 -39.96 -26.99
CA SER F 28 13.90 -39.60 -25.60
C SER F 28 13.23 -38.24 -25.62
N VAL F 29 12.02 -38.18 -25.09
CA VAL F 29 11.32 -36.91 -25.04
C VAL F 29 11.16 -36.51 -23.57
N TYR F 30 11.85 -35.43 -23.20
CA TYR F 30 11.77 -34.92 -21.85
C TYR F 30 10.81 -33.74 -21.82
N VAL F 31 10.31 -33.45 -20.63
CA VAL F 31 9.32 -32.40 -20.50
C VAL F 31 9.59 -31.55 -19.24
N LYS F 32 9.55 -30.22 -19.38
CA LYS F 32 9.77 -29.27 -18.28
C LYS F 32 8.40 -28.84 -17.78
N VAL F 33 8.09 -29.18 -16.53
CA VAL F 33 6.78 -28.90 -15.94
C VAL F 33 6.69 -27.60 -15.15
N GLU F 34 6.31 -26.54 -15.84
CA GLU F 34 6.19 -25.23 -15.21
C GLU F 34 5.00 -25.05 -14.25
N SER F 35 4.09 -26.02 -14.20
CA SER F 35 2.93 -25.95 -13.31
C SER F 35 3.36 -26.11 -11.85
N PHE F 36 4.62 -26.52 -11.68
CA PHE F 36 5.18 -26.71 -10.35
C PHE F 36 5.43 -25.35 -9.68
N ASN F 37 5.36 -24.27 -10.46
CA ASN F 37 5.53 -22.93 -9.90
C ASN F 37 4.28 -22.74 -9.03
N PRO F 38 4.40 -22.02 -7.91
CA PRO F 38 3.26 -21.79 -6.99
C PRO F 38 2.02 -21.22 -7.68
N GLY F 39 2.22 -20.43 -8.72
CA GLY F 39 1.10 -19.88 -9.45
C GLY F 39 0.61 -20.83 -10.53
N GLY F 40 1.17 -22.03 -10.56
CA GLY F 40 0.75 -23.02 -11.53
C GLY F 40 1.03 -22.67 -12.97
N SER F 41 1.98 -21.78 -13.20
CA SER F 41 2.31 -21.36 -14.54
C SER F 41 3.71 -20.77 -14.67
N VAL F 42 4.20 -20.76 -15.89
CA VAL F 42 5.50 -20.22 -16.20
C VAL F 42 5.56 -18.72 -15.93
N LYS F 43 4.40 -18.07 -15.94
CA LYS F 43 4.30 -16.63 -15.73
C LYS F 43 4.83 -16.17 -14.37
N ASP F 44 4.91 -17.08 -13.42
CA ASP F 44 5.45 -16.76 -12.11
C ASP F 44 6.85 -16.17 -12.28
N ARG F 45 7.56 -16.61 -13.31
CA ARG F 45 8.91 -16.15 -13.53
C ARG F 45 8.93 -14.68 -13.97
N LEU F 46 8.17 -14.34 -15.01
CA LEU F 46 8.17 -12.96 -15.42
C LEU F 46 7.53 -12.06 -14.35
N ALA F 47 6.52 -12.56 -13.65
CA ALA F 47 5.87 -11.73 -12.62
C ALA F 47 6.87 -11.35 -11.53
N LEU F 48 7.65 -12.32 -11.08
CA LEU F 48 8.66 -12.09 -10.07
C LEU F 48 9.74 -11.17 -10.64
N SER F 49 10.21 -11.49 -11.83
CA SER F 49 11.26 -10.73 -12.48
C SER F 49 10.93 -9.24 -12.62
N VAL F 50 9.80 -8.96 -13.24
CA VAL F 50 9.36 -7.59 -13.47
C VAL F 50 9.25 -6.80 -12.17
N VAL F 51 8.66 -7.40 -11.14
CA VAL F 51 8.50 -6.72 -9.85
C VAL F 51 9.83 -6.46 -9.14
N LEU F 52 10.68 -7.48 -9.01
CA LEU F 52 11.97 -7.31 -8.36
C LEU F 52 12.80 -6.25 -9.07
N ASP F 53 12.70 -6.23 -10.39
CA ASP F 53 13.43 -5.27 -11.21
C ASP F 53 12.91 -3.86 -10.96
N ALA F 54 11.58 -3.73 -10.87
CA ALA F 54 10.97 -2.43 -10.63
C ALA F 54 11.43 -1.91 -9.28
N GLU F 55 11.41 -2.77 -8.26
CA GLU F 55 11.84 -2.38 -6.93
C GLU F 55 13.30 -1.92 -6.98
N ALA F 56 14.12 -2.62 -7.75
CA ALA F 56 15.53 -2.27 -7.87
C ALA F 56 15.67 -0.85 -8.41
N LYS F 57 14.92 -0.53 -9.44
CA LYS F 57 14.96 0.80 -10.05
C LYS F 57 14.12 1.83 -9.29
N GLY F 58 13.53 1.42 -8.18
CA GLY F 58 12.72 2.34 -7.40
C GLY F 58 11.39 2.72 -8.03
N LEU F 59 10.95 1.95 -9.02
CA LEU F 59 9.68 2.21 -9.69
C LEU F 59 8.52 1.59 -8.92
N LEU F 60 8.83 0.86 -7.85
CA LEU F 60 7.82 0.22 -7.03
C LEU F 60 8.21 0.37 -5.58
N LYS F 61 7.29 0.89 -4.78
CA LYS F 61 7.51 1.09 -3.37
C LYS F 61 6.40 0.36 -2.63
N PRO F 62 6.56 0.16 -1.32
CA PRO F 62 5.52 -0.55 -0.57
C PRO F 62 4.15 0.08 -0.76
N GLY F 63 3.13 -0.76 -0.95
CA GLY F 63 1.78 -0.25 -1.13
C GLY F 63 1.40 0.29 -2.49
N ASP F 64 2.30 0.17 -3.47
CA ASP F 64 2.00 0.65 -4.81
C ASP F 64 1.03 -0.31 -5.46
N THR F 65 0.48 0.06 -6.61
CA THR F 65 -0.44 -0.83 -7.29
C THR F 65 0.11 -1.10 -8.70
N ILE F 66 -0.20 -2.28 -9.21
CA ILE F 66 0.26 -2.73 -10.53
C ILE F 66 -0.91 -3.03 -11.48
N VAL F 67 -0.82 -2.55 -12.72
CA VAL F 67 -1.87 -2.81 -13.73
C VAL F 67 -1.28 -3.53 -14.91
N GLU F 68 -2.09 -4.35 -15.54
CA GLU F 68 -1.64 -5.10 -16.72
C GLU F 68 -2.82 -5.70 -17.46
N CYS F 69 -2.84 -5.51 -18.79
CA CYS F 69 -3.90 -6.06 -19.63
C CYS F 69 -3.54 -7.54 -19.73
N THR F 70 -4.36 -8.39 -19.12
CA THR F 70 -4.07 -9.81 -19.10
C THR F 70 -5.13 -10.75 -19.65
N SER F 71 -4.65 -11.78 -20.34
CA SER F 71 -5.52 -12.80 -20.93
C SER F 71 -5.82 -13.84 -19.86
N GLY F 72 -4.95 -13.95 -18.86
CA GLY F 72 -5.17 -14.91 -17.81
C GLY F 72 -3.97 -15.27 -16.95
N ASN F 73 -3.05 -16.05 -17.49
CA ASN F 73 -1.90 -16.49 -16.72
C ASN F 73 -1.02 -15.40 -16.11
N VAL F 74 -0.72 -14.35 -16.86
CA VAL F 74 0.09 -13.28 -16.31
C VAL F 74 -0.65 -12.60 -15.15
N GLY F 75 -1.96 -12.39 -15.31
CA GLY F 75 -2.76 -11.76 -14.26
C GLY F 75 -2.71 -12.53 -12.96
N ILE F 76 -2.82 -13.86 -13.06
CA ILE F 76 -2.79 -14.72 -11.89
C ILE F 76 -1.43 -14.65 -11.20
N ALA F 77 -0.37 -14.61 -11.99
CA ALA F 77 0.98 -14.55 -11.46
C ALA F 77 1.23 -13.19 -10.81
N LEU F 78 0.84 -12.13 -11.50
CA LEU F 78 1.03 -10.77 -11.02
C LEU F 78 0.23 -10.56 -9.74
N ALA F 79 -0.99 -11.10 -9.71
CA ALA F 79 -1.83 -10.95 -8.53
C ALA F 79 -1.20 -11.68 -7.36
N MET F 80 -0.68 -12.88 -7.62
CA MET F 80 -0.05 -13.67 -6.58
C MET F 80 1.19 -12.99 -5.99
N VAL F 81 2.00 -12.41 -6.87
CA VAL F 81 3.22 -11.74 -6.43
C VAL F 81 2.85 -10.50 -5.63
N ALA F 82 1.85 -9.76 -6.12
CA ALA F 82 1.37 -8.55 -5.46
C ALA F 82 0.88 -8.92 -4.07
N ALA F 83 0.13 -10.01 -3.98
CA ALA F 83 -0.38 -10.44 -2.69
C ALA F 83 0.79 -10.80 -1.77
N ALA F 84 1.82 -11.42 -2.34
CA ALA F 84 2.98 -11.80 -1.54
C ALA F 84 3.85 -10.61 -1.10
N ARG F 85 3.96 -9.57 -1.93
CA ARG F 85 4.79 -8.41 -1.57
C ARG F 85 4.06 -7.19 -1.00
N GLY F 86 2.75 -7.29 -0.86
CA GLY F 86 2.00 -6.17 -0.31
C GLY F 86 1.67 -5.06 -1.30
N TYR F 87 1.49 -5.44 -2.57
CA TYR F 87 1.16 -4.48 -3.60
C TYR F 87 -0.30 -4.71 -3.94
N ARG F 88 -0.88 -3.77 -4.65
CA ARG F 88 -2.27 -3.90 -5.07
C ARG F 88 -2.17 -4.25 -6.54
N PHE F 89 -3.04 -5.14 -7.01
CA PHE F 89 -3.01 -5.50 -8.42
C PHE F 89 -4.35 -5.30 -9.11
N VAL F 90 -4.28 -4.71 -10.29
CA VAL F 90 -5.45 -4.45 -11.11
C VAL F 90 -5.27 -5.11 -12.46
N ALA F 91 -6.19 -6.02 -12.80
CA ALA F 91 -6.13 -6.73 -14.07
C ALA F 91 -7.19 -6.20 -15.01
N VAL F 92 -6.76 -5.91 -16.23
CA VAL F 92 -7.67 -5.40 -17.26
C VAL F 92 -7.91 -6.54 -18.25
N MET F 93 -9.07 -7.19 -18.10
CA MET F 93 -9.43 -8.32 -18.95
C MET F 93 -10.68 -8.07 -19.79
N GLY F 94 -10.80 -8.82 -20.88
CA GLY F 94 -11.95 -8.70 -21.74
C GLY F 94 -13.16 -9.42 -21.17
N ASP F 95 -14.30 -8.74 -21.15
CA ASP F 95 -15.54 -9.29 -20.60
C ASP F 95 -15.93 -10.63 -21.24
N THR F 96 -15.33 -10.93 -22.39
CA THR F 96 -15.62 -12.18 -23.09
C THR F 96 -14.63 -13.27 -22.67
N TYR F 97 -14.25 -13.23 -21.39
CA TYR F 97 -13.31 -14.20 -20.85
C TYR F 97 -13.97 -15.01 -19.74
N SER F 98 -13.59 -16.28 -19.65
CA SER F 98 -14.15 -17.20 -18.66
C SER F 98 -14.18 -16.63 -17.24
N VAL F 99 -15.28 -16.87 -16.53
CA VAL F 99 -15.43 -16.40 -15.17
C VAL F 99 -14.52 -17.23 -14.27
N GLU F 100 -13.95 -18.28 -14.86
CA GLU F 100 -13.03 -19.18 -14.16
C GLU F 100 -11.70 -18.44 -13.97
N ARG F 101 -11.25 -17.76 -15.02
CA ARG F 101 -9.99 -17.02 -14.98
C ARG F 101 -10.07 -15.80 -14.07
N ARG F 102 -11.17 -15.05 -14.14
CA ARG F 102 -11.33 -13.86 -13.31
C ARG F 102 -11.44 -14.26 -11.83
N LYS F 103 -11.89 -15.49 -11.58
CA LYS F 103 -12.03 -15.96 -10.21
C LYS F 103 -10.66 -16.06 -9.53
N LEU F 104 -9.72 -16.68 -10.22
CA LEU F 104 -8.38 -16.84 -9.68
C LEU F 104 -7.77 -15.49 -9.31
N ILE F 105 -7.79 -14.55 -10.25
CA ILE F 105 -7.23 -13.23 -10.00
C ILE F 105 -7.87 -12.64 -8.76
N ARG F 106 -9.18 -12.83 -8.61
CA ARG F 106 -9.87 -12.31 -7.45
C ARG F 106 -9.40 -13.01 -6.19
N ALA F 107 -9.15 -14.30 -6.30
CA ALA F 107 -8.69 -15.10 -5.17
C ALA F 107 -7.44 -14.51 -4.53
N TYR F 108 -6.56 -13.98 -5.37
CA TYR F 108 -5.33 -13.39 -4.85
C TYR F 108 -5.53 -11.93 -4.47
N GLY F 109 -6.79 -11.55 -4.28
CA GLY F 109 -7.11 -10.19 -3.91
C GLY F 109 -6.97 -9.20 -5.06
N GLY F 110 -6.92 -9.71 -6.29
CA GLY F 110 -6.78 -8.85 -7.43
C GLY F 110 -8.02 -8.06 -7.75
N LYS F 111 -7.84 -6.86 -8.30
CA LYS F 111 -8.96 -6.03 -8.68
C LYS F 111 -9.20 -6.28 -10.15
N LEU F 112 -10.47 -6.26 -10.55
CA LEU F 112 -10.84 -6.52 -11.94
C LEU F 112 -11.44 -5.34 -12.69
N VAL F 113 -10.95 -5.14 -13.91
CA VAL F 113 -11.45 -4.09 -14.79
C VAL F 113 -11.68 -4.74 -16.15
N LEU F 114 -12.95 -4.98 -16.47
CA LEU F 114 -13.32 -5.61 -17.73
C LEU F 114 -13.62 -4.62 -18.85
N PHE F 115 -13.39 -5.07 -20.08
CA PHE F 115 -13.64 -4.24 -21.27
C PHE F 115 -14.16 -5.11 -22.41
N PRO F 116 -15.03 -4.57 -23.27
CA PRO F 116 -15.58 -5.31 -24.41
C PRO F 116 -14.50 -6.08 -25.16
N GLY F 117 -14.46 -7.39 -24.95
CA GLY F 117 -13.46 -8.23 -25.57
C GLY F 117 -13.23 -8.03 -27.06
N HIS F 118 -14.13 -7.30 -27.72
CA HIS F 118 -14.00 -7.04 -29.15
C HIS F 118 -12.90 -6.03 -29.46
N LEU F 119 -12.16 -5.63 -28.43
CA LEU F 119 -11.07 -4.68 -28.59
C LEU F 119 -9.74 -5.38 -28.33
N GLY F 120 -9.82 -6.66 -27.96
CA GLY F 120 -8.63 -7.46 -27.69
C GLY F 120 -7.50 -6.73 -26.98
N SER F 121 -6.29 -7.27 -27.11
CA SER F 121 -5.10 -6.70 -26.50
C SER F 121 -4.65 -5.47 -27.28
N LYS F 122 -5.46 -4.42 -27.18
CA LYS F 122 -5.19 -3.16 -27.85
C LYS F 122 -5.99 -2.09 -27.11
N GLY F 123 -7.29 -2.34 -26.97
CA GLY F 123 -8.14 -1.40 -26.26
C GLY F 123 -7.97 -1.61 -24.78
N GLY F 124 -7.52 -2.81 -24.41
CA GLY F 124 -7.30 -3.13 -23.01
C GLY F 124 -6.01 -2.51 -22.54
N ASN F 125 -4.94 -2.73 -23.32
CA ASN F 125 -3.63 -2.17 -23.00
C ASN F 125 -3.74 -0.66 -22.94
N LEU F 126 -4.75 -0.12 -23.63
CA LEU F 126 -4.99 1.30 -23.67
C LEU F 126 -5.63 1.75 -22.36
N ILE F 127 -6.56 0.94 -21.86
CA ILE F 127 -7.24 1.24 -20.61
C ILE F 127 -6.21 1.16 -19.48
N ALA F 128 -5.35 0.15 -19.59
CA ALA F 128 -4.29 -0.07 -18.62
C ALA F 128 -3.40 1.15 -18.57
N ASP F 129 -3.01 1.63 -19.74
CA ASP F 129 -2.14 2.80 -19.85
C ASP F 129 -2.84 4.05 -19.33
N GLU F 130 -4.15 4.12 -19.53
CA GLU F 130 -4.91 5.28 -19.08
C GLU F 130 -4.91 5.36 -17.56
N LEU F 131 -5.34 4.28 -16.92
CA LEU F 131 -5.38 4.25 -15.45
C LEU F 131 -3.97 4.40 -14.91
N ALA F 132 -3.00 3.88 -15.65
CA ALA F 132 -1.61 3.95 -15.22
C ALA F 132 -1.15 5.40 -15.18
N GLU F 133 -1.19 6.08 -16.32
CA GLU F 133 -0.76 7.47 -16.37
C GLU F 133 -1.67 8.34 -15.52
N LYS F 134 -2.94 7.95 -15.41
CA LYS F 134 -3.88 8.72 -14.60
C LYS F 134 -3.52 8.63 -13.12
N TYR F 135 -3.68 7.45 -12.54
CA TYR F 135 -3.39 7.25 -11.13
C TYR F 135 -1.91 7.04 -10.80
N GLY F 136 -1.06 7.01 -11.82
CA GLY F 136 0.37 6.82 -11.59
C GLY F 136 0.72 5.40 -11.14
N TRP F 137 -0.02 4.43 -11.67
CA TRP F 137 0.19 3.03 -11.33
C TRP F 137 1.37 2.48 -12.12
N PHE F 138 1.91 1.34 -11.67
CA PHE F 138 3.02 0.71 -12.36
C PHE F 138 2.51 -0.29 -13.38
N ARG F 139 2.99 -0.19 -14.61
CA ARG F 139 2.56 -1.12 -15.64
C ARG F 139 3.68 -2.14 -15.88
N ALA F 140 3.36 -3.42 -15.74
CA ALA F 140 4.34 -4.49 -15.94
C ALA F 140 4.90 -4.56 -17.36
N ARG F 141 4.02 -4.51 -18.35
CA ARG F 141 4.45 -4.56 -19.75
C ARG F 141 5.13 -5.89 -20.07
N GLN F 142 4.38 -6.98 -19.88
CA GLN F 142 4.87 -8.34 -20.13
C GLN F 142 5.50 -8.54 -21.50
N PHE F 143 5.04 -7.78 -22.49
CA PHE F 143 5.56 -7.90 -23.84
C PHE F 143 6.78 -7.05 -24.21
N ASP F 144 7.11 -6.05 -23.39
CA ASP F 144 8.23 -5.18 -23.69
C ASP F 144 9.30 -5.08 -22.59
N ASN F 145 9.00 -5.61 -21.41
CA ASN F 145 9.95 -5.54 -20.30
C ASN F 145 11.12 -6.53 -20.43
N PRO F 146 12.35 -6.01 -20.55
CA PRO F 146 13.50 -6.91 -20.68
C PRO F 146 13.67 -7.83 -19.47
N ALA F 147 13.07 -7.51 -18.34
CA ALA F 147 13.18 -8.40 -17.19
C ALA F 147 12.52 -9.75 -17.46
N ASN F 148 11.64 -9.81 -18.45
CA ASN F 148 10.95 -11.06 -18.79
C ASN F 148 11.96 -12.07 -19.41
N PRO F 149 12.57 -11.75 -20.56
CA PRO F 149 13.54 -12.72 -21.09
C PRO F 149 14.76 -12.93 -20.19
N SER F 150 15.13 -11.89 -19.45
CA SER F 150 16.29 -11.97 -18.56
C SER F 150 16.15 -13.04 -17.49
N TYR F 151 14.97 -13.15 -16.88
CA TYR F 151 14.82 -14.15 -15.84
C TYR F 151 14.93 -15.55 -16.44
N HIS F 152 14.52 -15.71 -17.70
CA HIS F 152 14.58 -17.01 -18.35
C HIS F 152 16.01 -17.39 -18.68
N ARG F 153 16.83 -16.39 -19.02
CA ARG F 153 18.23 -16.65 -19.34
C ARG F 153 18.94 -17.14 -18.09
N GLU F 154 18.54 -16.55 -16.96
CA GLU F 154 19.17 -16.84 -15.70
C GLU F 154 18.64 -18.02 -14.89
N THR F 155 17.35 -18.33 -15.04
CA THR F 155 16.75 -19.44 -14.33
C THR F 155 16.36 -20.60 -15.28
N THR F 156 15.29 -20.44 -16.04
CA THR F 156 14.88 -21.50 -16.95
C THR F 156 16.03 -22.13 -17.73
N ALA F 157 16.81 -21.30 -18.41
CA ALA F 157 17.95 -21.78 -19.20
C ALA F 157 18.98 -22.49 -18.34
N SER F 158 19.27 -21.93 -17.18
CA SER F 158 20.25 -22.52 -16.28
C SER F 158 19.78 -23.87 -15.79
N GLU F 159 18.49 -23.98 -15.53
CA GLU F 159 17.95 -25.25 -15.06
C GLU F 159 18.09 -26.31 -16.15
N ILE F 160 17.77 -25.93 -17.38
CA ILE F 160 17.85 -26.81 -18.53
C ILE F 160 19.29 -27.23 -18.80
N LEU F 161 20.20 -26.27 -18.84
CA LEU F 161 21.60 -26.57 -19.08
C LEU F 161 22.23 -27.44 -17.99
N ALA F 162 21.88 -27.19 -16.74
CA ALA F 162 22.44 -27.98 -15.66
C ALA F 162 21.91 -29.41 -15.73
N ASP F 163 20.62 -29.55 -16.04
CA ASP F 163 20.03 -30.87 -16.11
C ASP F 163 20.63 -31.75 -17.21
N PHE F 164 20.95 -31.14 -18.35
CA PHE F 164 21.50 -31.87 -19.48
C PHE F 164 23.02 -31.76 -19.64
N ALA F 165 23.71 -31.21 -18.65
CA ALA F 165 25.17 -31.09 -18.74
C ALA F 165 25.83 -32.47 -18.89
N GLY F 166 26.65 -32.62 -19.92
CA GLY F 166 27.35 -33.89 -20.14
C GLY F 166 26.45 -34.96 -20.71
N LYS F 167 25.25 -34.57 -21.11
CA LYS F 167 24.28 -35.49 -21.68
C LYS F 167 23.92 -34.99 -23.08
N ARG F 168 23.12 -35.77 -23.79
CA ARG F 168 22.72 -35.40 -25.14
C ARG F 168 21.36 -34.69 -25.21
N LEU F 169 21.34 -33.58 -25.93
CA LEU F 169 20.14 -32.80 -26.12
C LEU F 169 20.19 -32.38 -27.58
N ASP F 170 19.12 -32.63 -28.33
CA ASP F 170 19.09 -32.30 -29.74
C ASP F 170 18.06 -31.24 -30.13
N HIS F 171 16.91 -31.22 -29.46
CA HIS F 171 15.89 -30.24 -29.79
C HIS F 171 15.21 -29.61 -28.57
N PHE F 172 14.94 -28.31 -28.65
CA PHE F 172 14.23 -27.57 -27.61
C PHE F 172 12.95 -27.04 -28.27
N VAL F 173 11.81 -27.45 -27.74
CA VAL F 173 10.54 -27.03 -28.32
C VAL F 173 9.72 -26.14 -27.39
N THR F 174 9.11 -25.10 -27.94
CA THR F 174 8.31 -24.19 -27.13
C THR F 174 7.43 -23.33 -28.01
N GLY F 175 6.31 -22.89 -27.45
CA GLY F 175 5.44 -22.01 -28.19
C GLY F 175 5.89 -20.65 -27.70
N PHE F 176 5.13 -19.61 -28.02
CA PHE F 176 5.47 -18.26 -27.55
C PHE F 176 4.22 -17.41 -27.38
N GLY F 177 4.23 -16.64 -26.30
CA GLY F 177 3.15 -15.73 -25.99
C GLY F 177 3.83 -14.38 -25.97
N THR F 178 4.64 -14.14 -24.94
CA THR F 178 5.39 -12.89 -24.84
C THR F 178 6.74 -13.14 -25.53
N THR F 179 7.07 -14.42 -25.71
CA THR F 179 8.33 -14.90 -26.30
C THR F 179 9.48 -14.81 -25.32
N GLY F 180 9.17 -14.57 -24.05
CA GLY F 180 10.21 -14.47 -23.06
C GLY F 180 11.01 -15.76 -22.93
N THR F 181 10.30 -16.88 -22.89
CA THR F 181 10.91 -18.19 -22.76
C THR F 181 11.77 -18.51 -23.96
N LEU F 182 11.18 -18.37 -25.14
CA LEU F 182 11.88 -18.66 -26.38
C LEU F 182 13.14 -17.85 -26.52
N THR F 183 13.02 -16.57 -26.22
CA THR F 183 14.16 -15.66 -26.33
C THR F 183 15.23 -15.90 -25.29
N GLY F 184 14.86 -16.00 -24.02
CA GLY F 184 15.84 -16.22 -22.98
C GLY F 184 16.62 -17.52 -23.09
N VAL F 185 15.90 -18.62 -23.25
CA VAL F 185 16.51 -19.95 -23.35
C VAL F 185 17.25 -20.02 -24.68
N GLY F 186 16.58 -19.61 -25.75
CA GLY F 186 17.19 -19.63 -27.08
C GLY F 186 18.53 -18.91 -27.07
N GLN F 187 18.57 -17.72 -26.49
CA GLN F 187 19.82 -16.98 -26.44
C GLN F 187 20.92 -17.69 -25.67
N MET F 188 20.57 -18.39 -24.59
CA MET F 188 21.57 -19.11 -23.81
C MET F 188 22.02 -20.42 -24.49
N LEU F 189 21.11 -21.10 -25.20
CA LEU F 189 21.47 -22.32 -25.88
C LEU F 189 22.44 -21.98 -27.01
N ARG F 190 22.17 -20.88 -27.71
CA ARG F 190 23.03 -20.44 -28.81
C ARG F 190 24.48 -20.29 -28.39
N VAL F 191 24.71 -19.92 -27.14
CA VAL F 191 26.06 -19.76 -26.63
C VAL F 191 26.62 -21.05 -26.02
N ALA F 192 25.81 -21.72 -25.21
CA ALA F 192 26.22 -22.95 -24.53
C ALA F 192 26.16 -24.21 -25.38
N ARG F 193 25.03 -24.42 -26.05
CA ARG F 193 24.84 -25.59 -26.89
C ARG F 193 24.34 -25.16 -28.26
N PRO F 194 25.26 -24.68 -29.12
CA PRO F 194 24.93 -24.22 -30.47
C PRO F 194 24.21 -25.23 -31.36
N GLU F 195 24.54 -26.52 -31.20
CA GLU F 195 23.94 -27.56 -32.00
C GLU F 195 22.46 -27.82 -31.68
N VAL F 196 22.05 -27.61 -30.43
CA VAL F 196 20.64 -27.85 -30.09
C VAL F 196 19.75 -26.95 -30.95
N ARG F 197 18.72 -27.54 -31.56
CA ARG F 197 17.81 -26.79 -32.40
C ARG F 197 16.71 -26.16 -31.57
N VAL F 198 16.48 -24.88 -31.80
CA VAL F 198 15.45 -24.16 -31.10
C VAL F 198 14.20 -24.16 -31.97
N VAL F 199 13.18 -24.91 -31.56
CA VAL F 199 11.94 -25.00 -32.31
C VAL F 199 10.83 -24.15 -31.71
N ALA F 200 10.31 -23.22 -32.51
CA ALA F 200 9.23 -22.36 -32.05
C ALA F 200 7.98 -22.73 -32.82
N LEU F 201 6.87 -22.90 -32.11
CA LEU F 201 5.63 -23.23 -32.79
C LEU F 201 4.59 -22.16 -32.54
N GLU F 202 3.66 -22.04 -33.50
CA GLU F 202 2.56 -21.09 -33.39
C GLU F 202 1.32 -21.74 -33.99
N PRO F 203 0.13 -21.30 -33.55
CA PRO F 203 -1.11 -21.87 -34.06
C PRO F 203 -1.21 -21.89 -35.60
N SER F 204 -1.62 -23.05 -36.14
CA SER F 204 -1.78 -23.23 -37.58
C SER F 204 -2.60 -22.08 -38.18
N ASN F 205 -3.63 -21.68 -37.44
CA ASN F 205 -4.50 -20.60 -37.86
C ASN F 205 -4.04 -19.24 -37.35
N ALA F 206 -2.78 -19.14 -36.92
CA ALA F 206 -2.25 -17.88 -36.41
C ALA F 206 -0.73 -17.80 -36.51
N ALA F 207 -0.20 -17.97 -37.72
CA ALA F 207 1.23 -17.91 -37.96
C ALA F 207 1.64 -16.44 -38.03
N MET F 208 1.87 -15.84 -36.86
CA MET F 208 2.24 -14.45 -36.77
C MET F 208 3.70 -14.18 -37.18
N LEU F 209 4.61 -15.06 -36.76
CA LEU F 209 6.01 -14.89 -37.09
C LEU F 209 6.25 -15.35 -38.52
N ALA F 210 5.63 -16.46 -38.88
CA ALA F 210 5.76 -17.03 -40.22
C ALA F 210 5.27 -16.07 -41.30
N ARG F 211 4.03 -15.62 -41.18
CA ARG F 211 3.46 -14.74 -42.20
C ARG F 211 2.60 -13.58 -41.71
N GLY F 212 2.83 -13.14 -40.48
CA GLY F 212 2.04 -12.03 -39.95
C GLY F 212 0.55 -12.33 -39.85
N GLU F 213 0.20 -13.61 -39.91
CA GLU F 213 -1.20 -14.05 -39.84
C GLU F 213 -1.73 -14.26 -38.43
N TRP F 214 -3.02 -14.03 -38.25
CA TRP F 214 -3.64 -14.22 -36.96
C TRP F 214 -5.14 -14.42 -37.04
N SER F 215 -5.62 -15.38 -36.25
CA SER F 215 -7.04 -15.71 -36.15
C SER F 215 -7.25 -16.04 -34.68
N PRO F 216 -8.46 -15.81 -34.15
CA PRO F 216 -8.74 -16.09 -32.74
C PRO F 216 -8.61 -17.60 -32.46
N HIS F 217 -7.38 -18.06 -32.22
CA HIS F 217 -7.14 -19.46 -31.97
C HIS F 217 -7.51 -19.93 -30.57
N GLN F 218 -7.44 -21.24 -30.35
CA GLN F 218 -7.80 -21.81 -29.05
C GLN F 218 -6.63 -22.36 -28.21
N ILE F 219 -5.40 -22.19 -28.70
CA ILE F 219 -4.24 -22.63 -27.94
C ILE F 219 -3.88 -21.49 -26.97
N GLN F 220 -4.62 -21.43 -25.87
CA GLN F 220 -4.44 -20.39 -24.85
C GLN F 220 -2.99 -20.11 -24.48
N GLY F 221 -2.68 -18.83 -24.30
CA GLY F 221 -1.34 -18.41 -23.94
C GLY F 221 -0.37 -18.25 -25.10
N LEU F 222 -0.77 -18.70 -26.29
CA LEU F 222 0.11 -18.59 -27.44
C LEU F 222 -0.29 -17.51 -28.42
N ALA F 223 0.66 -17.20 -29.30
CA ALA F 223 0.54 -16.23 -30.38
C ALA F 223 -0.49 -15.10 -30.34
N PRO F 224 -0.13 -13.94 -29.77
CA PRO F 224 -1.07 -12.81 -29.72
C PRO F 224 -1.05 -12.13 -31.09
N ASN F 225 -1.99 -11.22 -31.35
CA ASN F 225 -2.07 -10.54 -32.64
C ASN F 225 -1.11 -9.38 -32.84
N PHE F 226 0.19 -9.68 -32.75
CA PHE F 226 1.27 -8.71 -32.91
C PHE F 226 2.56 -9.39 -32.45
N VAL F 227 3.70 -8.89 -32.90
CA VAL F 227 4.97 -9.49 -32.50
C VAL F 227 5.52 -8.72 -31.30
N PRO F 228 5.74 -9.41 -30.17
CA PRO F 228 6.27 -8.77 -28.96
C PRO F 228 7.64 -8.13 -29.20
N GLY F 229 7.87 -6.97 -28.59
CA GLY F 229 9.15 -6.29 -28.78
C GLY F 229 10.32 -6.97 -28.08
N VAL F 230 9.97 -7.76 -27.06
CA VAL F 230 10.98 -8.46 -26.28
C VAL F 230 11.56 -9.67 -27.02
N LEU F 231 11.03 -9.98 -28.19
CA LEU F 231 11.49 -11.13 -28.96
C LEU F 231 12.80 -10.96 -29.69
N ASP F 232 13.58 -12.03 -29.76
CA ASP F 232 14.83 -12.04 -30.51
C ASP F 232 14.56 -13.15 -31.51
N ARG F 233 14.09 -12.75 -32.67
CA ARG F 233 13.73 -13.68 -33.74
C ARG F 233 14.88 -14.55 -34.25
N SER F 234 16.10 -14.03 -34.24
CA SER F 234 17.27 -14.77 -34.73
C SER F 234 17.51 -16.09 -33.99
N VAL F 235 17.03 -16.18 -32.76
CA VAL F 235 17.22 -17.37 -31.94
C VAL F 235 16.52 -18.63 -32.51
N ILE F 236 15.45 -18.43 -33.26
CA ILE F 236 14.70 -19.54 -33.84
C ILE F 236 15.48 -20.30 -34.92
N ASP F 237 15.46 -21.63 -34.84
CA ASP F 237 16.14 -22.43 -35.84
C ASP F 237 15.06 -23.03 -36.72
N ASP F 238 14.00 -23.51 -36.09
CA ASP F 238 12.89 -24.13 -36.79
C ASP F 238 11.56 -23.49 -36.38
N LEU F 239 10.81 -22.99 -37.36
CA LEU F 239 9.53 -22.35 -37.12
C LEU F 239 8.40 -23.21 -37.71
N VAL F 240 7.69 -23.94 -36.86
CA VAL F 240 6.60 -24.78 -37.33
C VAL F 240 5.23 -24.31 -36.82
N THR F 241 4.18 -24.95 -37.32
CA THR F 241 2.83 -24.61 -36.90
C THR F 241 2.18 -25.80 -36.22
N MET F 242 1.10 -25.55 -35.50
CA MET F 242 0.40 -26.63 -34.83
C MET F 242 -1.06 -26.27 -34.75
N ASP F 243 -1.94 -27.21 -35.10
CA ASP F 243 -3.35 -26.91 -35.03
C ASP F 243 -3.91 -27.27 -33.66
N GLU F 244 -4.84 -26.47 -33.17
CA GLU F 244 -5.44 -26.65 -31.86
C GLU F 244 -5.90 -28.07 -31.55
N VAL F 245 -6.58 -28.71 -32.49
CA VAL F 245 -7.06 -30.06 -32.26
C VAL F 245 -5.93 -31.01 -31.89
N THR F 246 -4.88 -31.03 -32.70
CA THR F 246 -3.76 -31.91 -32.40
C THR F 246 -3.15 -31.55 -31.05
N ALA F 247 -3.09 -30.25 -30.74
CA ALA F 247 -2.52 -29.77 -29.49
C ALA F 247 -3.34 -30.27 -28.31
N ARG F 248 -4.61 -29.91 -28.28
CA ARG F 248 -5.48 -30.31 -27.19
C ARG F 248 -5.59 -31.83 -27.05
N ASP F 249 -5.51 -32.56 -28.16
CA ASP F 249 -5.59 -34.02 -28.13
C ASP F 249 -4.35 -34.61 -27.48
N THR F 250 -3.18 -34.05 -27.81
CA THR F 250 -1.93 -34.54 -27.24
C THR F 250 -1.89 -34.22 -25.76
N SER F 251 -2.55 -33.13 -25.40
CA SER F 251 -2.63 -32.69 -24.02
C SER F 251 -3.30 -33.82 -23.22
N ARG F 252 -4.49 -34.24 -23.70
CA ARG F 252 -5.25 -35.31 -23.06
C ARG F 252 -4.42 -36.58 -22.97
N ARG F 253 -3.66 -36.85 -24.03
CA ARG F 253 -2.81 -38.03 -24.04
C ARG F 253 -1.74 -37.97 -22.95
N LEU F 254 -1.17 -36.78 -22.77
CA LEU F 254 -0.12 -36.57 -21.75
C LEU F 254 -0.60 -36.92 -20.33
N ALA F 255 -1.81 -36.47 -20.01
CA ALA F 255 -2.37 -36.73 -18.69
C ALA F 255 -2.69 -38.20 -18.50
N ALA F 256 -3.46 -38.76 -19.42
CA ALA F 256 -3.90 -40.14 -19.35
C ALA F 256 -2.86 -41.24 -19.58
N GLU F 257 -1.76 -40.91 -20.24
CA GLU F 257 -0.71 -41.91 -20.52
C GLU F 257 0.57 -41.70 -19.75
N GLU F 258 0.69 -40.54 -19.09
CA GLU F 258 1.90 -40.22 -18.34
C GLU F 258 1.63 -39.61 -16.96
N GLY F 259 0.39 -39.18 -16.72
CA GLY F 259 0.04 -38.58 -15.44
C GLY F 259 0.51 -37.15 -15.26
N ILE F 260 0.73 -36.47 -16.38
CA ILE F 260 1.18 -35.09 -16.39
C ILE F 260 0.06 -34.26 -17.00
N PHE F 261 -0.71 -33.63 -16.13
CA PHE F 261 -1.87 -32.82 -16.52
C PHE F 261 -1.47 -31.35 -16.75
N ALA F 262 -1.29 -30.99 -18.01
CA ALA F 262 -0.91 -29.62 -18.37
C ALA F 262 -1.95 -29.03 -19.29
N GLY F 263 -1.74 -27.78 -19.69
CA GLY F 263 -2.68 -27.09 -20.56
C GLY F 263 -2.55 -27.39 -22.04
N ILE F 264 -3.23 -26.60 -22.86
CA ILE F 264 -3.21 -26.78 -24.31
C ILE F 264 -1.88 -26.48 -25.02
N SER F 265 -1.25 -25.37 -24.65
CA SER F 265 0.03 -25.01 -25.27
C SER F 265 1.06 -26.09 -24.99
N ALA F 266 0.84 -26.81 -23.90
CA ALA F 266 1.74 -27.89 -23.50
C ALA F 266 1.54 -29.06 -24.47
N GLY F 267 0.30 -29.23 -24.94
CA GLY F 267 0.03 -30.31 -25.87
C GLY F 267 0.67 -29.97 -27.22
N ALA F 268 0.63 -28.69 -27.56
CA ALA F 268 1.19 -28.25 -28.82
C ALA F 268 2.66 -28.56 -28.83
N THR F 269 3.37 -28.10 -27.80
CA THR F 269 4.80 -28.34 -27.76
C THR F 269 5.13 -29.82 -27.74
N VAL F 270 4.35 -30.61 -27.00
CA VAL F 270 4.61 -32.03 -26.96
C VAL F 270 4.28 -32.62 -28.32
N ALA F 271 3.13 -32.27 -28.88
CA ALA F 271 2.77 -32.78 -30.20
C ALA F 271 3.86 -32.49 -31.22
N THR F 272 4.50 -31.32 -31.11
CA THR F 272 5.56 -30.95 -32.05
C THR F 272 6.81 -31.77 -31.79
N ALA F 273 7.13 -31.99 -30.52
CA ALA F 273 8.30 -32.79 -30.17
C ALA F 273 8.18 -34.22 -30.69
N LEU F 274 6.98 -34.80 -30.59
CA LEU F 274 6.74 -36.16 -31.05
C LEU F 274 6.96 -36.20 -32.55
N SER F 275 6.33 -35.25 -33.24
CA SER F 275 6.45 -35.15 -34.69
C SER F 275 7.92 -35.17 -35.11
N ILE F 276 8.74 -34.35 -34.47
CA ILE F 276 10.17 -34.34 -34.79
C ILE F 276 10.75 -35.73 -34.53
N ALA F 277 10.49 -36.25 -33.34
CA ALA F 277 11.00 -37.56 -32.94
C ALA F 277 10.53 -38.70 -33.85
N GLU F 278 9.32 -38.57 -34.38
CA GLU F 278 8.77 -39.61 -35.24
C GLU F 278 9.72 -39.99 -36.37
N HIS F 279 10.39 -39.01 -36.95
CA HIS F 279 11.32 -39.24 -38.06
C HIS F 279 12.78 -39.00 -37.69
N ALA F 280 13.02 -38.73 -36.41
CA ALA F 280 14.38 -38.45 -35.93
C ALA F 280 15.33 -39.63 -35.86
N PRO F 281 16.64 -39.38 -36.06
CA PRO F 281 17.66 -40.43 -36.03
C PRO F 281 17.84 -41.06 -34.64
N GLU F 282 17.65 -42.37 -34.58
CA GLU F 282 17.79 -43.14 -33.35
C GLU F 282 18.79 -42.48 -32.38
N GLY F 283 18.34 -42.27 -31.13
CA GLY F 283 19.19 -41.65 -30.13
C GLY F 283 18.91 -40.16 -29.96
N THR F 284 17.90 -39.65 -30.66
CA THR F 284 17.55 -38.23 -30.60
C THR F 284 16.90 -37.88 -29.26
N VAL F 285 17.37 -36.79 -28.64
CA VAL F 285 16.85 -36.32 -27.35
C VAL F 285 16.15 -34.97 -27.53
N LEU F 286 14.88 -34.93 -27.15
CA LEU F 286 14.07 -33.72 -27.26
C LEU F 286 13.50 -33.20 -25.93
N LEU F 287 13.40 -31.88 -25.80
CA LEU F 287 12.85 -31.24 -24.61
C LEU F 287 11.76 -30.24 -24.98
N ALA F 288 10.55 -30.49 -24.50
CA ALA F 288 9.42 -29.60 -24.78
C ALA F 288 8.96 -28.94 -23.47
N MET F 289 8.56 -27.67 -23.56
CA MET F 289 8.09 -26.89 -22.41
C MET F 289 6.62 -27.09 -22.12
N LEU F 290 6.29 -27.30 -20.85
CA LEU F 290 4.90 -27.47 -20.41
C LEU F 290 4.61 -26.21 -19.60
N PRO F 291 4.04 -25.18 -20.23
CA PRO F 291 3.70 -23.88 -19.65
C PRO F 291 2.85 -23.79 -18.37
N ASP F 292 1.68 -24.40 -18.35
CA ASP F 292 0.84 -24.33 -17.15
C ASP F 292 0.09 -25.61 -16.82
N THR F 293 -0.68 -25.56 -15.74
CA THR F 293 -1.45 -26.72 -15.30
C THR F 293 -2.74 -26.85 -16.09
N GLY F 294 -3.15 -28.09 -16.36
CA GLY F 294 -4.39 -28.31 -17.09
C GLY F 294 -5.59 -28.03 -16.21
N GLU F 295 -5.36 -27.92 -14.91
CA GLU F 295 -6.43 -27.67 -13.95
C GLU F 295 -7.25 -26.41 -14.20
N ARG F 296 -6.70 -25.42 -14.91
CA ARG F 296 -7.48 -24.22 -15.17
C ARG F 296 -8.12 -24.20 -16.55
N TYR F 297 -8.28 -25.38 -17.13
CA TYR F 297 -8.88 -25.50 -18.45
C TYR F 297 -10.14 -26.37 -18.46
N LEU F 298 -10.60 -26.75 -17.27
CA LEU F 298 -11.80 -27.57 -17.12
C LEU F 298 -12.99 -27.05 -17.92
N SER F 299 -13.02 -25.75 -18.17
CA SER F 299 -14.12 -25.16 -18.91
C SER F 299 -13.68 -24.57 -20.24
N THR F 300 -13.07 -25.41 -21.07
CA THR F 300 -12.61 -24.99 -22.38
C THR F 300 -12.68 -26.17 -23.30
N PHE F 301 -12.34 -25.96 -24.57
CA PHE F 301 -12.39 -27.03 -25.55
C PHE F 301 -11.41 -28.17 -25.23
N LEU F 302 -10.73 -28.08 -24.09
CA LEU F 302 -9.81 -29.13 -23.67
C LEU F 302 -10.65 -30.22 -23.01
N PHE F 303 -11.89 -29.87 -22.72
CA PHE F 303 -12.83 -30.79 -22.09
C PHE F 303 -14.14 -30.80 -22.87
N ASP F 304 -14.18 -30.05 -23.97
CA ASP F 304 -15.37 -29.97 -24.81
C ASP F 304 -15.64 -31.34 -25.43
N GLY F 305 -16.77 -31.94 -25.05
CA GLY F 305 -17.14 -33.23 -25.59
C GLY F 305 -16.53 -34.39 -24.82
N VAL F 306 -16.32 -34.21 -23.52
CA VAL F 306 -15.76 -35.25 -22.67
C VAL F 306 -16.84 -35.86 -21.80
N ASP F 307 -17.01 -37.18 -21.92
CA ASP F 307 -18.01 -37.92 -21.15
C ASP F 307 -17.99 -37.58 -19.67
N GLU F 308 -19.05 -36.95 -19.19
CA GLU F 308 -19.17 -36.55 -17.78
C GLU F 308 -20.05 -37.53 -17.02
N GLY F 309 -20.62 -38.50 -17.74
CA GLY F 309 -21.49 -39.48 -17.12
C GLY F 309 -20.77 -40.72 -16.62
N SER F 310 -21.50 -41.83 -16.52
CA SER F 310 -20.93 -43.07 -16.07
C SER F 310 -20.30 -43.87 -17.20
N ASP F 311 -19.59 -44.93 -16.85
CA ASP F 311 -18.94 -45.79 -17.84
C ASP F 311 -19.58 -47.19 -17.81
N ASP F 312 -20.90 -47.22 -17.68
CA ASP F 312 -21.64 -48.48 -17.63
C ASP F 312 -21.30 -49.30 -18.88
N ALA F 313 -20.94 -48.59 -19.95
CA ALA F 313 -20.59 -49.21 -21.22
C ALA F 313 -19.21 -49.86 -21.15
N TRP F 314 -18.30 -49.28 -20.39
CA TRP F 314 -16.97 -49.84 -20.27
C TRP F 314 -17.04 -51.07 -19.36
N LEU F 315 -17.96 -51.03 -18.41
CA LEU F 315 -18.14 -52.15 -17.48
C LEU F 315 -18.83 -53.26 -18.26
N ALA F 316 -19.82 -52.87 -19.06
CA ALA F 316 -20.58 -53.79 -19.89
C ALA F 316 -19.65 -54.52 -20.86
N SER F 317 -18.54 -53.88 -21.18
CA SER F 317 -17.56 -54.47 -22.09
C SER F 317 -16.65 -55.44 -21.34
N PRO G 2 18.68 -32.33 -10.92
CA PRO G 2 18.96 -33.34 -11.97
C PRO G 2 17.69 -33.78 -12.69
N LEU G 3 17.86 -34.46 -13.82
CA LEU G 3 16.74 -34.97 -14.61
C LEU G 3 15.90 -35.95 -13.78
N PHE G 4 14.60 -36.00 -14.06
CA PHE G 4 13.69 -36.90 -13.36
C PHE G 4 13.16 -37.97 -14.30
N ASN G 5 13.25 -39.22 -13.86
CA ASN G 5 12.79 -40.33 -14.68
C ASN G 5 11.29 -40.33 -14.88
N SER G 6 10.54 -40.28 -13.79
CA SER G 6 9.08 -40.28 -13.85
C SER G 6 8.50 -39.07 -13.13
N ILE G 7 7.29 -38.66 -13.51
CA ILE G 7 6.65 -37.53 -12.85
C ILE G 7 6.39 -37.91 -11.39
N LEU G 8 6.39 -39.22 -11.12
CA LEU G 8 6.16 -39.71 -9.77
C LEU G 8 7.32 -39.41 -8.85
N ASP G 9 8.50 -39.22 -9.43
CA ASP G 9 9.71 -38.90 -8.67
C ASP G 9 9.66 -37.47 -8.09
N THR G 10 8.62 -36.71 -8.39
CA THR G 10 8.52 -35.35 -7.89
C THR G 10 7.50 -35.25 -6.76
N ILE G 11 7.06 -36.39 -6.25
CA ILE G 11 6.09 -36.39 -5.18
C ILE G 11 6.73 -36.16 -3.82
N GLY G 12 6.13 -35.29 -3.02
CA GLY G 12 6.67 -34.99 -1.71
C GLY G 12 7.74 -33.92 -1.78
N ARG G 13 8.47 -33.75 -0.68
CA ARG G 13 9.53 -32.74 -0.60
C ARG G 13 8.90 -31.36 -0.84
N THR G 14 7.70 -31.17 -0.30
CA THR G 14 6.98 -29.92 -0.46
C THR G 14 7.57 -28.82 0.42
N PRO G 15 7.54 -27.58 -0.06
CA PRO G 15 8.10 -26.49 0.75
C PRO G 15 7.31 -26.07 2.00
N ILE G 16 8.06 -25.51 2.95
CA ILE G 16 7.47 -24.97 4.17
C ILE G 16 7.83 -23.49 4.11
N VAL G 17 6.81 -22.63 4.00
CA VAL G 17 7.05 -21.20 3.93
C VAL G 17 6.50 -20.45 5.13
N ARG G 18 7.04 -19.27 5.36
CA ARG G 18 6.65 -18.43 6.49
C ARG G 18 5.56 -17.41 6.13
N LEU G 19 4.58 -17.24 7.01
CA LEU G 19 3.54 -16.25 6.75
C LEU G 19 4.22 -14.91 7.00
N GLN G 20 4.08 -13.98 6.06
CA GLN G 20 4.72 -12.67 6.15
C GLN G 20 4.00 -11.60 6.98
N ARG G 21 2.68 -11.58 6.94
CA ARG G 21 1.93 -10.58 7.68
C ARG G 21 0.70 -11.07 8.44
N MET G 22 0.34 -12.34 8.24
CA MET G 22 -0.83 -12.90 8.90
C MET G 22 -0.65 -13.40 10.32
N ALA G 23 0.56 -13.38 10.84
CA ALA G 23 0.77 -13.89 12.20
C ALA G 23 1.12 -12.81 13.20
N PRO G 24 0.72 -12.99 14.47
CA PRO G 24 1.03 -11.98 15.49
C PRO G 24 2.53 -11.72 15.43
N GLU G 25 2.93 -10.45 15.53
CA GLU G 25 4.33 -10.07 15.44
C GLU G 25 5.33 -10.79 16.37
N HIS G 26 4.87 -11.26 17.51
CA HIS G 26 5.76 -11.96 18.44
C HIS G 26 5.78 -13.45 18.18
N THR G 27 5.17 -13.84 17.05
CA THR G 27 5.05 -15.24 16.67
C THR G 27 5.58 -15.54 15.27
N SER G 28 5.79 -16.84 15.00
CA SER G 28 6.25 -17.30 13.69
C SER G 28 5.35 -18.45 13.25
N VAL G 29 4.61 -18.24 12.18
CA VAL G 29 3.72 -19.28 11.67
C VAL G 29 4.20 -19.77 10.31
N TYR G 30 4.56 -21.05 10.27
CA TYR G 30 5.04 -21.67 9.04
C TYR G 30 3.95 -22.52 8.42
N VAL G 31 3.94 -22.56 7.10
CA VAL G 31 2.94 -23.32 6.38
C VAL G 31 3.58 -24.33 5.40
N LYS G 32 3.13 -25.58 5.44
CA LYS G 32 3.64 -26.63 4.54
C LYS G 32 2.63 -26.79 3.39
N VAL G 33 3.04 -26.35 2.20
CA VAL G 33 2.17 -26.38 1.03
C VAL G 33 2.17 -27.67 0.20
N GLU G 34 1.25 -28.56 0.52
CA GLU G 34 1.14 -29.83 -0.18
C GLU G 34 0.64 -29.72 -1.63
N SER G 35 0.26 -28.52 -2.04
CA SER G 35 -0.20 -28.27 -3.40
C SER G 35 0.95 -28.37 -4.40
N PHE G 36 2.18 -28.36 -3.91
CA PHE G 36 3.35 -28.46 -4.80
C PHE G 36 3.52 -29.88 -5.34
N ASN G 37 2.62 -30.79 -4.93
CA ASN G 37 2.67 -32.16 -5.42
C ASN G 37 2.08 -32.15 -6.83
N PRO G 38 2.61 -33.01 -7.72
CA PRO G 38 2.10 -33.04 -9.10
C PRO G 38 0.59 -33.16 -9.20
N GLY G 39 -0.01 -33.88 -8.27
CA GLY G 39 -1.44 -34.07 -8.28
C GLY G 39 -2.26 -32.97 -7.62
N GLY G 40 -1.59 -31.94 -7.11
CA GLY G 40 -2.30 -30.84 -6.50
C GLY G 40 -2.67 -31.02 -5.04
N SER G 41 -2.32 -32.15 -4.45
CA SER G 41 -2.69 -32.36 -3.05
C SER G 41 -1.85 -33.39 -2.29
N VAL G 42 -1.97 -33.34 -0.98
CA VAL G 42 -1.25 -34.24 -0.08
C VAL G 42 -1.55 -35.71 -0.37
N LYS G 43 -2.71 -36.00 -0.98
CA LYS G 43 -3.06 -37.38 -1.28
C LYS G 43 -2.14 -38.03 -2.30
N ASP G 44 -1.31 -37.23 -2.94
CA ASP G 44 -0.38 -37.78 -3.91
C ASP G 44 0.44 -38.77 -3.14
N ARG G 45 0.63 -38.47 -1.87
CA ARG G 45 1.44 -39.31 -1.01
C ARG G 45 0.89 -40.71 -0.71
N LEU G 46 -0.38 -40.82 -0.30
CA LEU G 46 -0.89 -42.16 -0.04
C LEU G 46 -1.04 -42.95 -1.34
N ALA G 47 -1.47 -42.27 -2.40
CA ALA G 47 -1.64 -42.90 -3.70
C ALA G 47 -0.37 -43.61 -4.13
N LEU G 48 0.74 -42.89 -4.09
CA LEU G 48 2.02 -43.45 -4.49
C LEU G 48 2.42 -44.59 -3.56
N SER G 49 2.37 -44.31 -2.25
CA SER G 49 2.73 -45.28 -1.23
C SER G 49 1.95 -46.59 -1.35
N VAL G 50 0.64 -46.48 -1.50
CA VAL G 50 -0.24 -47.63 -1.62
C VAL G 50 0.13 -48.49 -2.84
N VAL G 51 0.38 -47.86 -3.98
CA VAL G 51 0.72 -48.60 -5.19
C VAL G 51 2.09 -49.26 -5.08
N LEU G 52 3.09 -48.53 -4.57
CA LEU G 52 4.42 -49.11 -4.44
C LEU G 52 4.37 -50.30 -3.48
N ASP G 53 3.51 -50.20 -2.46
CA ASP G 53 3.37 -51.28 -1.49
C ASP G 53 2.72 -52.51 -2.13
N ALA G 54 1.69 -52.30 -2.95
CA ALA G 54 1.01 -53.42 -3.61
C ALA G 54 1.96 -54.13 -4.57
N GLU G 55 2.72 -53.37 -5.35
CA GLU G 55 3.67 -53.95 -6.28
C GLU G 55 4.65 -54.86 -5.54
N ALA G 56 5.25 -54.34 -4.47
CA ALA G 56 6.23 -55.10 -3.67
C ALA G 56 5.63 -56.33 -2.99
N LYS G 57 4.35 -56.24 -2.62
CA LYS G 57 3.65 -57.32 -1.96
C LYS G 57 3.28 -58.40 -2.98
N GLY G 58 3.03 -57.95 -4.21
CA GLY G 58 2.67 -58.86 -5.29
C GLY G 58 1.22 -58.71 -5.68
N LEU G 59 0.50 -57.82 -4.99
CA LEU G 59 -0.90 -57.59 -5.27
C LEU G 59 -1.15 -56.81 -6.55
N LEU G 60 -0.14 -56.09 -7.02
CA LEU G 60 -0.27 -55.30 -8.25
C LEU G 60 0.79 -55.72 -9.26
N LYS G 61 0.34 -55.98 -10.48
CA LYS G 61 1.22 -56.37 -11.58
C LYS G 61 0.87 -55.50 -12.77
N PRO G 62 1.72 -55.47 -13.80
CA PRO G 62 1.45 -54.65 -14.98
C PRO G 62 0.05 -54.81 -15.55
N GLY G 63 -0.56 -53.69 -15.93
CA GLY G 63 -1.90 -53.74 -16.49
C GLY G 63 -3.01 -53.94 -15.49
N ASP G 64 -2.66 -54.23 -14.24
CA ASP G 64 -3.68 -54.43 -13.20
C ASP G 64 -4.55 -53.18 -13.10
N THR G 65 -5.72 -53.31 -12.47
CA THR G 65 -6.59 -52.14 -12.34
C THR G 65 -6.97 -51.87 -10.87
N ILE G 66 -7.08 -50.59 -10.52
CA ILE G 66 -7.38 -50.15 -9.17
C ILE G 66 -8.76 -49.51 -8.97
N VAL G 67 -9.42 -49.89 -7.89
CA VAL G 67 -10.74 -49.35 -7.55
C VAL G 67 -10.74 -48.71 -6.18
N GLU G 68 -11.60 -47.71 -6.01
CA GLU G 68 -11.71 -47.03 -4.73
C GLU G 68 -12.88 -46.07 -4.73
N CYS G 69 -13.59 -46.02 -3.61
CA CYS G 69 -14.72 -45.11 -3.47
C CYS G 69 -14.06 -43.79 -3.12
N THR G 70 -14.14 -42.82 -4.02
CA THR G 70 -13.49 -41.52 -3.81
C THR G 70 -14.35 -40.32 -4.17
N SER G 71 -14.42 -39.38 -3.24
CA SER G 71 -15.19 -38.17 -3.45
C SER G 71 -14.35 -37.07 -4.08
N GLY G 72 -13.03 -37.15 -3.89
CA GLY G 72 -12.16 -36.13 -4.45
C GLY G 72 -10.69 -36.42 -4.64
N ASN G 73 -9.86 -35.73 -3.86
CA ASN G 73 -8.40 -35.83 -3.97
C ASN G 73 -7.75 -37.20 -4.04
N VAL G 74 -8.26 -38.18 -3.30
CA VAL G 74 -7.66 -39.51 -3.32
C VAL G 74 -7.77 -40.14 -4.72
N GLY G 75 -8.91 -39.94 -5.38
CA GLY G 75 -9.09 -40.49 -6.71
C GLY G 75 -8.26 -39.79 -7.76
N ILE G 76 -8.13 -38.48 -7.60
CA ILE G 76 -7.32 -37.67 -8.51
C ILE G 76 -5.90 -38.19 -8.42
N ALA G 77 -5.43 -38.36 -7.19
CA ALA G 77 -4.09 -38.86 -6.93
C ALA G 77 -3.92 -40.27 -7.47
N LEU G 78 -4.89 -41.13 -7.16
CA LEU G 78 -4.84 -42.52 -7.62
C LEU G 78 -4.82 -42.54 -9.15
N ALA G 79 -5.74 -41.79 -9.76
CA ALA G 79 -5.80 -41.74 -11.22
C ALA G 79 -4.45 -41.32 -11.81
N MET G 80 -3.88 -40.25 -11.26
CA MET G 80 -2.60 -39.76 -11.76
C MET G 80 -1.48 -40.76 -11.61
N VAL G 81 -1.38 -41.39 -10.43
CA VAL G 81 -0.35 -42.39 -10.19
C VAL G 81 -0.54 -43.58 -11.13
N ALA G 82 -1.80 -43.95 -11.38
CA ALA G 82 -2.11 -45.08 -12.26
C ALA G 82 -1.66 -44.80 -13.68
N ALA G 83 -2.11 -43.67 -14.22
CA ALA G 83 -1.74 -43.25 -15.57
C ALA G 83 -0.22 -43.16 -15.76
N ALA G 84 0.50 -42.90 -14.67
CA ALA G 84 1.95 -42.80 -14.75
C ALA G 84 2.61 -44.15 -14.57
N ARG G 85 1.97 -45.02 -13.80
CA ARG G 85 2.52 -46.34 -13.54
C ARG G 85 2.12 -47.39 -14.60
N GLY G 86 0.99 -47.15 -15.25
CA GLY G 86 0.55 -48.08 -16.28
C GLY G 86 -0.67 -48.90 -15.88
N TYR G 87 -1.29 -48.54 -14.77
CA TYR G 87 -2.48 -49.26 -14.32
C TYR G 87 -3.74 -48.53 -14.74
N ARG G 88 -4.86 -49.22 -14.61
CA ARG G 88 -6.16 -48.65 -14.91
C ARG G 88 -6.73 -48.22 -13.57
N PHE G 89 -7.59 -47.21 -13.56
CA PHE G 89 -8.15 -46.77 -12.30
C PHE G 89 -9.63 -46.50 -12.42
N VAL G 90 -10.40 -47.08 -11.52
CA VAL G 90 -11.83 -46.88 -11.53
C VAL G 90 -12.21 -46.11 -10.27
N ALA G 91 -12.96 -45.03 -10.46
CA ALA G 91 -13.38 -44.21 -9.35
C ALA G 91 -14.86 -44.43 -9.07
N VAL G 92 -15.17 -45.01 -7.92
CA VAL G 92 -16.56 -45.25 -7.53
C VAL G 92 -17.00 -44.06 -6.69
N MET G 93 -17.84 -43.19 -7.25
CA MET G 93 -18.28 -42.03 -6.49
C MET G 93 -19.75 -41.67 -6.66
N GLY G 94 -20.32 -41.10 -5.61
CA GLY G 94 -21.71 -40.71 -5.65
C GLY G 94 -21.96 -39.73 -6.77
N ASP G 95 -23.07 -39.89 -7.46
CA ASP G 95 -23.42 -39.03 -8.58
C ASP G 95 -23.82 -37.62 -8.12
N THR G 96 -23.82 -37.41 -6.81
CA THR G 96 -24.18 -36.10 -6.25
C THR G 96 -23.04 -35.11 -6.35
N TYR G 97 -21.81 -35.58 -6.15
CA TYR G 97 -20.61 -34.75 -6.19
C TYR G 97 -20.49 -33.92 -7.48
N SER G 98 -19.79 -32.79 -7.37
CA SER G 98 -19.59 -31.89 -8.50
C SER G 98 -18.93 -32.57 -9.70
N VAL G 99 -19.29 -32.11 -10.89
CA VAL G 99 -18.74 -32.66 -12.13
C VAL G 99 -17.27 -32.30 -12.32
N GLU G 100 -16.85 -31.20 -11.70
CA GLU G 100 -15.46 -30.76 -11.80
C GLU G 100 -14.55 -31.85 -11.24
N ARG G 101 -15.01 -32.52 -10.20
CA ARG G 101 -14.24 -33.59 -9.59
C ARG G 101 -14.24 -34.80 -10.53
N ARG G 102 -15.27 -34.88 -11.37
CA ARG G 102 -15.38 -35.97 -12.31
C ARG G 102 -14.38 -35.78 -13.45
N LYS G 103 -14.38 -34.57 -14.01
CA LYS G 103 -13.48 -34.22 -15.11
C LYS G 103 -12.01 -34.48 -14.75
N LEU G 104 -11.64 -34.11 -13.53
CA LEU G 104 -10.27 -34.31 -13.05
C LEU G 104 -9.90 -35.79 -13.17
N ILE G 105 -10.70 -36.64 -12.54
CA ILE G 105 -10.45 -38.07 -12.58
C ILE G 105 -10.39 -38.55 -14.02
N ARG G 106 -11.29 -38.04 -14.85
CA ARG G 106 -11.33 -38.40 -16.26
C ARG G 106 -10.07 -37.96 -16.98
N ALA G 107 -9.66 -36.72 -16.73
CA ALA G 107 -8.46 -36.15 -17.35
C ALA G 107 -7.27 -37.08 -17.25
N TYR G 108 -7.15 -37.79 -16.13
CA TYR G 108 -6.03 -38.70 -15.96
C TYR G 108 -6.34 -40.09 -16.51
N GLY G 109 -7.40 -40.19 -17.31
CA GLY G 109 -7.77 -41.46 -17.91
C GLY G 109 -8.47 -42.39 -16.96
N GLY G 110 -9.10 -41.82 -15.93
CA GLY G 110 -9.78 -42.65 -14.96
C GLY G 110 -11.16 -43.07 -15.44
N LYS G 111 -11.60 -44.25 -15.00
CA LYS G 111 -12.93 -44.75 -15.36
C LYS G 111 -13.86 -44.40 -14.21
N LEU G 112 -15.06 -43.93 -14.54
CA LEU G 112 -16.05 -43.53 -13.55
C LEU G 112 -17.21 -44.51 -13.38
N VAL G 113 -17.50 -44.88 -12.13
CA VAL G 113 -18.64 -45.76 -11.83
C VAL G 113 -19.53 -45.04 -10.81
N LEU G 114 -20.41 -44.19 -11.30
CA LEU G 114 -21.28 -43.42 -10.43
C LEU G 114 -22.39 -44.26 -9.81
N PHE G 115 -22.99 -43.73 -8.74
CA PHE G 115 -24.07 -44.41 -8.04
C PHE G 115 -24.86 -43.38 -7.23
N PRO G 116 -26.11 -43.72 -6.86
CA PRO G 116 -26.97 -42.82 -6.07
C PRO G 116 -26.23 -42.18 -4.89
N GLY G 117 -26.39 -40.87 -4.76
CA GLY G 117 -25.74 -40.15 -3.68
C GLY G 117 -26.09 -40.64 -2.29
N HIS G 118 -27.36 -40.50 -1.93
CA HIS G 118 -27.88 -40.92 -0.62
C HIS G 118 -27.20 -42.16 -0.03
N LEU G 119 -26.86 -43.12 -0.87
CA LEU G 119 -26.22 -44.35 -0.41
C LEU G 119 -24.94 -44.06 0.38
N GLY G 120 -24.56 -42.80 0.45
CA GLY G 120 -23.37 -42.41 1.20
C GLY G 120 -22.12 -43.18 0.81
N SER G 121 -21.11 -43.12 1.68
CA SER G 121 -19.84 -43.80 1.45
C SER G 121 -19.97 -45.30 1.71
N LYS G 122 -20.74 -45.67 2.72
CA LYS G 122 -20.95 -47.07 3.07
C LYS G 122 -21.37 -47.87 1.84
N GLY G 123 -22.21 -47.27 1.01
CA GLY G 123 -22.68 -47.93 -0.20
C GLY G 123 -21.63 -47.94 -1.30
N GLY G 124 -21.01 -46.78 -1.54
CA GLY G 124 -19.99 -46.70 -2.55
C GLY G 124 -18.90 -47.72 -2.28
N ASN G 125 -18.54 -47.87 -1.01
CA ASN G 125 -17.52 -48.83 -0.62
C ASN G 125 -17.99 -50.24 -0.92
N LEU G 126 -19.28 -50.47 -0.79
CA LEU G 126 -19.84 -51.78 -1.07
C LEU G 126 -19.70 -52.02 -2.58
N ILE G 127 -20.17 -51.06 -3.37
CA ILE G 127 -20.09 -51.17 -4.82
C ILE G 127 -18.65 -51.46 -5.25
N ALA G 128 -17.70 -50.74 -4.68
CA ALA G 128 -16.30 -50.92 -5.01
C ALA G 128 -15.80 -52.29 -4.61
N ASP G 129 -16.18 -52.73 -3.41
CA ASP G 129 -15.77 -54.04 -2.93
C ASP G 129 -16.30 -55.17 -3.83
N GLU G 130 -17.52 -54.99 -4.31
CA GLU G 130 -18.13 -55.99 -5.19
C GLU G 130 -17.39 -56.08 -6.51
N LEU G 131 -17.20 -54.93 -7.15
CA LEU G 131 -16.49 -54.87 -8.43
C LEU G 131 -15.10 -55.46 -8.26
N ALA G 132 -14.52 -55.26 -7.08
CA ALA G 132 -13.19 -55.76 -6.79
C ALA G 132 -13.10 -57.27 -6.91
N GLU G 133 -13.86 -57.98 -6.08
CA GLU G 133 -13.84 -59.44 -6.08
C GLU G 133 -14.34 -60.03 -7.41
N LYS G 134 -15.29 -59.35 -8.04
CA LYS G 134 -15.82 -59.80 -9.32
C LYS G 134 -14.73 -59.86 -10.39
N TYR G 135 -14.20 -58.70 -10.77
CA TYR G 135 -13.16 -58.62 -11.79
C TYR G 135 -11.74 -58.80 -11.27
N GLY G 136 -11.62 -59.18 -10.00
CA GLY G 136 -10.29 -59.39 -9.43
C GLY G 136 -9.43 -58.15 -9.45
N TRP G 137 -10.00 -57.04 -9.00
CA TRP G 137 -9.30 -55.75 -8.96
C TRP G 137 -8.66 -55.51 -7.61
N PHE G 138 -7.79 -54.50 -7.58
CA PHE G 138 -7.08 -54.12 -6.36
C PHE G 138 -7.73 -52.90 -5.72
N ARG G 139 -8.12 -53.03 -4.46
CA ARG G 139 -8.74 -51.93 -3.73
C ARG G 139 -7.67 -51.16 -2.98
N ALA G 140 -7.83 -49.84 -2.90
CA ALA G 140 -6.86 -49.01 -2.22
C ALA G 140 -6.98 -49.10 -0.69
N ARG G 141 -8.21 -48.93 -0.19
CA ARG G 141 -8.48 -48.96 1.24
C ARG G 141 -7.72 -47.80 1.86
N GLN G 142 -8.12 -46.59 1.47
CA GLN G 142 -7.46 -45.38 1.96
C GLN G 142 -7.50 -45.21 3.47
N PHE G 143 -8.57 -45.71 4.10
CA PHE G 143 -8.71 -45.55 5.55
C PHE G 143 -8.10 -46.64 6.42
N ASP G 144 -7.73 -47.76 5.82
CA ASP G 144 -7.18 -48.87 6.61
C ASP G 144 -5.80 -49.32 6.20
N ASN G 145 -5.33 -48.88 5.04
CA ASN G 145 -4.03 -49.27 4.54
C ASN G 145 -2.83 -48.67 5.28
N PRO G 146 -2.02 -49.52 5.92
CA PRO G 146 -0.84 -49.05 6.67
C PRO G 146 0.19 -48.28 5.85
N ALA G 147 0.24 -48.53 4.54
CA ALA G 147 1.19 -47.82 3.68
C ALA G 147 0.92 -46.31 3.68
N ASN G 148 -0.32 -45.93 3.97
CA ASN G 148 -0.71 -44.52 4.01
C ASN G 148 0.08 -43.78 5.11
N PRO G 149 -0.13 -44.13 6.40
CA PRO G 149 0.63 -43.43 7.45
C PRO G 149 2.13 -43.67 7.31
N SER G 150 2.47 -44.84 6.79
CA SER G 150 3.86 -45.20 6.59
C SER G 150 4.61 -44.14 5.78
N TYR G 151 4.05 -43.79 4.62
CA TYR G 151 4.68 -42.80 3.76
C TYR G 151 4.88 -41.44 4.44
N HIS G 152 3.91 -41.06 5.27
CA HIS G 152 4.00 -39.80 5.99
C HIS G 152 5.12 -39.83 7.01
N ARG G 153 5.35 -41.02 7.59
CA ARG G 153 6.43 -41.18 8.56
C ARG G 153 7.79 -41.04 7.88
N GLU G 154 7.89 -41.55 6.65
CA GLU G 154 9.15 -41.51 5.91
C GLU G 154 9.44 -40.24 5.12
N THR G 155 8.41 -39.60 4.60
CA THR G 155 8.62 -38.39 3.82
C THR G 155 8.18 -37.12 4.55
N THR G 156 6.88 -36.88 4.62
CA THR G 156 6.36 -35.69 5.29
C THR G 156 7.11 -35.34 6.58
N ALA G 157 7.03 -36.23 7.56
CA ALA G 157 7.67 -36.02 8.84
C ALA G 157 9.14 -35.70 8.68
N SER G 158 9.83 -36.48 7.82
CA SER G 158 11.26 -36.26 7.57
C SER G 158 11.50 -34.85 7.03
N GLU G 159 10.63 -34.40 6.13
CA GLU G 159 10.77 -33.09 5.55
C GLU G 159 10.62 -32.02 6.63
N ILE G 160 9.63 -32.22 7.50
CA ILE G 160 9.39 -31.28 8.59
C ILE G 160 10.56 -31.25 9.56
N LEU G 161 11.00 -32.42 10.03
CA LEU G 161 12.11 -32.51 10.97
C LEU G 161 13.43 -31.94 10.43
N ALA G 162 13.72 -32.20 9.17
CA ALA G 162 14.97 -31.69 8.58
C ALA G 162 14.91 -30.17 8.43
N ASP G 163 13.74 -29.63 8.08
CA ASP G 163 13.62 -28.19 7.92
C ASP G 163 13.75 -27.43 9.26
N PHE G 164 13.35 -28.10 10.34
CA PHE G 164 13.41 -27.50 11.66
C PHE G 164 14.57 -27.97 12.53
N ALA G 165 15.43 -28.83 12.00
CA ALA G 165 16.56 -29.30 12.80
C ALA G 165 17.35 -28.13 13.35
N GLY G 166 17.61 -28.15 14.65
CA GLY G 166 18.37 -27.08 15.29
C GLY G 166 17.61 -25.78 15.40
N LYS G 167 16.31 -25.82 15.11
CA LYS G 167 15.48 -24.63 15.18
C LYS G 167 14.31 -24.84 16.11
N ARG G 168 13.67 -23.74 16.48
CA ARG G 168 12.53 -23.81 17.37
C ARG G 168 11.24 -24.12 16.64
N LEU G 169 10.42 -24.95 17.27
CA LEU G 169 9.12 -25.34 16.74
C LEU G 169 8.31 -25.75 17.98
N ASP G 170 7.11 -25.18 18.13
CA ASP G 170 6.29 -25.45 19.31
C ASP G 170 4.97 -26.17 19.09
N HIS G 171 4.32 -25.91 17.96
CA HIS G 171 3.05 -26.54 17.65
C HIS G 171 2.99 -27.04 16.22
N PHE G 172 2.27 -28.14 16.02
CA PHE G 172 2.08 -28.73 14.70
C PHE G 172 0.57 -28.93 14.52
N VAL G 173 -0.02 -28.16 13.61
CA VAL G 173 -1.46 -28.24 13.37
C VAL G 173 -1.86 -28.96 12.08
N THR G 174 -2.86 -29.83 12.20
CA THR G 174 -3.36 -30.60 11.08
C THR G 174 -4.78 -31.10 11.36
N GLY G 175 -5.59 -31.19 10.32
CA GLY G 175 -6.93 -31.71 10.47
C GLY G 175 -6.77 -33.16 10.06
N PHE G 176 -7.84 -33.95 10.09
CA PHE G 176 -7.70 -35.33 9.67
C PHE G 176 -8.87 -35.78 8.81
N GLY G 177 -8.55 -36.67 7.87
CA GLY G 177 -9.54 -37.24 6.99
C GLY G 177 -9.33 -38.72 7.18
N THR G 178 -8.25 -39.24 6.59
CA THR G 178 -7.90 -40.64 6.72
C THR G 178 -7.07 -40.78 7.99
N THR G 179 -6.50 -39.65 8.43
CA THR G 179 -5.65 -39.56 9.63
C THR G 179 -4.23 -40.05 9.40
N GLY G 180 -3.83 -40.15 8.14
CA GLY G 180 -2.50 -40.61 7.80
C GLY G 180 -1.44 -39.57 8.11
N THR G 181 -1.77 -38.30 7.90
CA THR G 181 -0.81 -37.24 8.17
C THR G 181 -0.58 -37.17 9.67
N LEU G 182 -1.68 -37.05 10.41
CA LEU G 182 -1.66 -36.95 11.86
C LEU G 182 -0.93 -38.13 12.51
N THR G 183 -1.24 -39.33 12.05
CA THR G 183 -0.62 -40.52 12.61
C THR G 183 0.85 -40.64 12.22
N GLY G 184 1.15 -40.49 10.93
CA GLY G 184 2.52 -40.58 10.49
C GLY G 184 3.46 -39.54 11.07
N VAL G 185 3.08 -38.26 10.96
CA VAL G 185 3.89 -37.13 11.47
C VAL G 185 3.83 -37.13 12.99
N GLY G 186 2.69 -37.52 13.53
CA GLY G 186 2.53 -37.56 14.97
C GLY G 186 3.45 -38.56 15.64
N GLN G 187 3.53 -39.76 15.09
CA GLN G 187 4.37 -40.78 15.68
C GLN G 187 5.85 -40.45 15.55
N MET G 188 6.22 -39.76 14.48
CA MET G 188 7.62 -39.42 14.30
C MET G 188 8.00 -38.22 15.18
N LEU G 189 7.08 -37.28 15.34
CA LEU G 189 7.34 -36.12 16.19
C LEU G 189 7.54 -36.59 17.62
N ARG G 190 6.69 -37.54 18.04
CA ARG G 190 6.77 -38.08 19.40
C ARG G 190 8.15 -38.65 19.74
N VAL G 191 8.84 -39.24 18.76
CA VAL G 191 10.15 -39.84 19.00
C VAL G 191 11.30 -38.83 18.93
N ALA G 192 11.30 -38.00 17.90
CA ALA G 192 12.35 -37.02 17.68
C ALA G 192 12.12 -35.67 18.35
N ARG G 193 10.87 -35.30 18.59
CA ARG G 193 10.55 -34.03 19.21
C ARG G 193 9.30 -34.10 20.09
N PRO G 194 9.39 -34.81 21.22
CA PRO G 194 8.26 -34.97 22.14
C PRO G 194 7.60 -33.68 22.65
N GLU G 195 8.40 -32.64 22.81
CA GLU G 195 7.90 -31.36 23.31
C GLU G 195 6.96 -30.60 22.37
N VAL G 196 6.93 -30.97 21.09
CA VAL G 196 6.06 -30.30 20.14
C VAL G 196 4.60 -30.74 20.31
N ARG G 197 3.72 -29.76 20.42
CA ARG G 197 2.29 -30.04 20.58
C ARG G 197 1.64 -30.43 19.27
N VAL G 198 1.16 -31.67 19.20
CA VAL G 198 0.50 -32.14 18.00
C VAL G 198 -0.96 -31.73 18.16
N VAL G 199 -1.38 -30.75 17.37
CA VAL G 199 -2.75 -30.26 17.47
C VAL G 199 -3.62 -30.80 16.35
N ALA G 200 -4.55 -31.68 16.71
CA ALA G 200 -5.46 -32.29 15.75
C ALA G 200 -6.81 -31.57 15.78
N LEU G 201 -7.21 -30.97 14.66
CA LEU G 201 -8.48 -30.27 14.59
C LEU G 201 -9.53 -30.97 13.73
N GLU G 202 -10.80 -30.71 14.06
CA GLU G 202 -11.93 -31.27 13.33
C GLU G 202 -13.01 -30.19 13.22
N PRO G 203 -13.93 -30.34 12.26
CA PRO G 203 -15.00 -29.34 12.10
C PRO G 203 -15.90 -29.23 13.34
N SER G 204 -16.33 -28.01 13.64
CA SER G 204 -17.18 -27.74 14.80
C SER G 204 -18.42 -28.64 14.89
N ASN G 205 -19.00 -28.96 13.73
CA ASN G 205 -20.19 -29.80 13.70
C ASN G 205 -19.92 -31.26 13.36
N ALA G 206 -18.65 -31.64 13.33
CA ALA G 206 -18.28 -33.02 13.02
C ALA G 206 -17.18 -33.48 13.98
N ALA G 207 -17.42 -33.27 15.27
CA ALA G 207 -16.46 -33.65 16.30
C ALA G 207 -16.56 -35.14 16.63
N MET G 208 -16.19 -35.98 15.66
CA MET G 208 -16.25 -37.42 15.82
C MET G 208 -15.38 -37.95 16.97
N LEU G 209 -14.50 -37.11 17.49
CA LEU G 209 -13.63 -37.54 18.60
C LEU G 209 -13.96 -36.80 19.89
N ALA G 210 -14.01 -35.47 19.80
CA ALA G 210 -14.29 -34.62 20.95
C ALA G 210 -15.62 -34.93 21.60
N ARG G 211 -16.66 -35.15 20.80
CA ARG G 211 -17.98 -35.46 21.33
C ARG G 211 -18.61 -36.67 20.68
N GLY G 212 -17.90 -37.26 19.71
CA GLY G 212 -18.44 -38.42 19.03
C GLY G 212 -19.57 -38.10 18.06
N GLU G 213 -19.77 -36.82 17.79
CA GLU G 213 -20.84 -36.40 16.88
C GLU G 213 -20.34 -36.04 15.48
N TRP G 214 -21.21 -36.24 14.49
CA TRP G 214 -20.89 -35.96 13.09
C TRP G 214 -22.03 -35.19 12.43
N SER G 215 -21.75 -34.66 11.24
CA SER G 215 -22.74 -33.90 10.46
C SER G 215 -22.08 -33.30 9.22
N PRO G 216 -22.82 -33.25 8.10
CA PRO G 216 -22.29 -32.69 6.84
C PRO G 216 -21.68 -31.29 7.02
N HIS G 217 -20.45 -31.13 6.56
CA HIS G 217 -19.74 -29.85 6.69
C HIS G 217 -19.06 -29.49 5.36
N GLN G 218 -18.72 -28.23 5.21
CA GLN G 218 -18.08 -27.74 3.99
C GLN G 218 -16.56 -27.84 3.98
N ILE G 219 -15.97 -28.38 5.03
CA ILE G 219 -14.51 -28.52 5.11
C ILE G 219 -14.03 -29.80 4.42
N GLN G 220 -14.14 -29.82 3.09
CA GLN G 220 -13.75 -30.97 2.27
C GLN G 220 -12.43 -31.62 2.70
N GLY G 221 -12.43 -32.94 2.71
CA GLY G 221 -11.24 -33.68 3.09
C GLY G 221 -11.16 -34.08 4.56
N LEU G 222 -11.86 -33.36 5.42
CA LEU G 222 -11.81 -33.64 6.85
C LEU G 222 -12.98 -34.45 7.40
N ALA G 223 -12.81 -34.88 8.66
CA ALA G 223 -13.78 -35.65 9.42
C ALA G 223 -14.81 -36.53 8.72
N PRO G 224 -14.46 -37.80 8.46
CA PRO G 224 -15.40 -38.71 7.80
C PRO G 224 -16.40 -39.14 8.88
N ASN G 225 -17.59 -39.61 8.48
CA ASN G 225 -18.59 -40.00 9.48
C ASN G 225 -18.20 -41.18 10.38
N PHE G 226 -16.94 -41.59 10.32
CA PHE G 226 -16.48 -42.70 11.14
C PHE G 226 -15.02 -42.49 11.57
N VAL G 227 -14.49 -43.44 12.33
CA VAL G 227 -13.10 -43.34 12.80
C VAL G 227 -12.27 -44.40 12.08
N PRO G 228 -11.30 -43.95 11.26
CA PRO G 228 -10.40 -44.83 10.50
C PRO G 228 -9.62 -45.83 11.34
N GLY G 229 -9.32 -46.98 10.75
CA GLY G 229 -8.58 -48.01 11.44
C GLY G 229 -7.08 -47.80 11.35
N VAL G 230 -6.68 -46.66 10.78
CA VAL G 230 -5.27 -46.33 10.61
C VAL G 230 -4.84 -45.26 11.61
N LEU G 231 -5.82 -44.69 12.31
CA LEU G 231 -5.56 -43.64 13.29
C LEU G 231 -4.98 -44.13 14.62
N ASP G 232 -4.12 -43.30 15.21
CA ASP G 232 -3.50 -43.56 16.50
C ASP G 232 -3.75 -42.32 17.34
N ARG G 233 -4.83 -42.33 18.11
CA ARG G 233 -5.21 -41.19 18.95
C ARG G 233 -4.12 -40.75 19.92
N SER G 234 -3.38 -41.70 20.47
CA SER G 234 -2.35 -41.36 21.44
C SER G 234 -1.39 -40.29 20.95
N VAL G 235 -1.53 -39.92 19.67
CA VAL G 235 -0.67 -38.93 19.03
C VAL G 235 -1.12 -37.50 19.28
N ILE G 236 -2.43 -37.32 19.46
CA ILE G 236 -2.98 -35.99 19.67
C ILE G 236 -2.67 -35.41 21.05
N ASP G 237 -2.17 -34.19 21.06
CA ASP G 237 -1.86 -33.51 22.31
C ASP G 237 -3.06 -32.61 22.65
N ASP G 238 -3.65 -32.02 21.63
CA ASP G 238 -4.81 -31.15 21.80
C ASP G 238 -5.82 -31.38 20.68
N LEU G 239 -7.03 -31.74 21.05
CA LEU G 239 -8.10 -31.99 20.09
C LEU G 239 -9.02 -30.77 20.07
N VAL G 240 -8.97 -30.00 18.98
CA VAL G 240 -9.80 -28.81 18.89
C VAL G 240 -10.80 -28.87 17.76
N THR G 241 -11.61 -27.81 17.66
CA THR G 241 -12.63 -27.70 16.64
C THR G 241 -12.42 -26.43 15.85
N MET G 242 -12.98 -26.36 14.65
CA MET G 242 -12.83 -25.19 13.82
C MET G 242 -14.12 -24.88 13.07
N ASP G 243 -14.53 -23.62 13.14
CA ASP G 243 -15.73 -23.16 12.45
C ASP G 243 -15.45 -23.19 10.94
N GLU G 244 -16.27 -23.91 10.19
CA GLU G 244 -16.09 -24.02 8.75
C GLU G 244 -16.13 -22.70 7.98
N VAL G 245 -16.69 -21.66 8.60
CA VAL G 245 -16.76 -20.36 7.94
C VAL G 245 -15.46 -19.58 8.23
N THR G 246 -14.87 -19.84 9.39
CA THR G 246 -13.61 -19.18 9.74
C THR G 246 -12.53 -19.84 8.89
N ALA G 247 -12.65 -21.14 8.68
CA ALA G 247 -11.69 -21.88 7.88
C ALA G 247 -11.69 -21.25 6.50
N ARG G 248 -12.88 -21.08 5.94
CA ARG G 248 -13.07 -20.50 4.62
C ARG G 248 -12.57 -19.06 4.55
N ASP G 249 -12.92 -18.27 5.54
CA ASP G 249 -12.49 -16.88 5.55
C ASP G 249 -10.96 -16.82 5.63
N THR G 250 -10.38 -17.76 6.36
CA THR G 250 -8.94 -17.81 6.52
C THR G 250 -8.23 -18.22 5.23
N SER G 251 -8.77 -19.21 4.53
CA SER G 251 -8.18 -19.66 3.28
C SER G 251 -8.12 -18.50 2.31
N ARG G 252 -9.16 -17.67 2.33
CA ARG G 252 -9.26 -16.51 1.46
C ARG G 252 -8.24 -15.44 1.84
N ARG G 253 -7.87 -15.40 3.12
CA ARG G 253 -6.88 -14.44 3.61
C ARG G 253 -5.49 -14.84 3.15
N LEU G 254 -5.17 -16.11 3.33
CA LEU G 254 -3.88 -16.67 2.95
C LEU G 254 -3.59 -16.25 1.52
N ALA G 255 -4.60 -16.43 0.66
CA ALA G 255 -4.46 -16.07 -0.73
C ALA G 255 -4.25 -14.58 -0.91
N ALA G 256 -5.21 -13.78 -0.45
CA ALA G 256 -5.13 -12.33 -0.59
C ALA G 256 -4.01 -11.62 0.17
N GLU G 257 -3.64 -12.15 1.33
CA GLU G 257 -2.61 -11.50 2.13
C GLU G 257 -1.21 -12.11 2.05
N GLU G 258 -1.10 -13.39 1.66
CA GLU G 258 0.20 -14.04 1.57
C GLU G 258 0.51 -14.61 0.19
N GLY G 259 -0.47 -14.61 -0.71
CA GLY G 259 -0.24 -15.13 -2.04
C GLY G 259 -0.18 -16.65 -2.08
N ILE G 260 -0.76 -17.30 -1.07
CA ILE G 260 -0.78 -18.76 -0.99
C ILE G 260 -2.24 -19.24 -1.12
N PHE G 261 -2.57 -19.77 -2.30
CA PHE G 261 -3.91 -20.25 -2.63
C PHE G 261 -4.15 -21.72 -2.28
N ALA G 262 -4.64 -21.98 -1.07
CA ALA G 262 -4.89 -23.35 -0.63
C ALA G 262 -6.38 -23.64 -0.39
N GLY G 263 -6.69 -24.90 -0.13
CA GLY G 263 -8.06 -25.31 0.11
C GLY G 263 -8.65 -24.97 1.48
N ILE G 264 -9.96 -25.21 1.63
CA ILE G 264 -10.66 -24.92 2.87
C ILE G 264 -10.03 -25.50 4.13
N SER G 265 -9.63 -26.77 4.08
CA SER G 265 -9.02 -27.40 5.26
C SER G 265 -7.71 -26.69 5.56
N ALA G 266 -7.09 -26.13 4.51
CA ALA G 266 -5.85 -25.40 4.67
C ALA G 266 -6.15 -24.17 5.50
N GLY G 267 -7.30 -23.56 5.24
CA GLY G 267 -7.69 -22.38 6.00
C GLY G 267 -8.00 -22.78 7.42
N ALA G 268 -8.46 -24.02 7.59
CA ALA G 268 -8.81 -24.56 8.89
C ALA G 268 -7.59 -24.67 9.79
N THR G 269 -6.54 -25.32 9.29
CA THR G 269 -5.33 -25.49 10.08
C THR G 269 -4.71 -24.13 10.39
N VAL G 270 -4.60 -23.27 9.39
CA VAL G 270 -4.01 -21.95 9.59
C VAL G 270 -4.81 -21.14 10.62
N ALA G 271 -6.14 -21.27 10.59
CA ALA G 271 -6.98 -20.56 11.54
C ALA G 271 -6.63 -21.00 12.96
N THR G 272 -6.62 -22.32 13.17
CA THR G 272 -6.30 -22.88 14.48
C THR G 272 -4.91 -22.45 14.94
N ALA G 273 -3.95 -22.48 14.02
CA ALA G 273 -2.58 -22.08 14.34
C ALA G 273 -2.52 -20.60 14.71
N LEU G 274 -3.34 -19.79 14.05
CA LEU G 274 -3.37 -18.36 14.34
C LEU G 274 -4.05 -18.14 15.69
N SER G 275 -5.06 -18.94 15.97
CA SER G 275 -5.80 -18.85 17.22
C SER G 275 -4.87 -19.13 18.40
N ILE G 276 -3.98 -20.10 18.23
CA ILE G 276 -3.03 -20.44 19.28
C ILE G 276 -1.95 -19.36 19.37
N ALA G 277 -1.54 -18.85 18.22
CA ALA G 277 -0.52 -17.81 18.17
C ALA G 277 -0.93 -16.54 18.91
N GLU G 278 -2.21 -16.19 18.83
CA GLU G 278 -2.74 -14.99 19.47
C GLU G 278 -2.22 -14.88 20.90
N HIS G 279 -2.61 -15.83 21.73
CA HIS G 279 -2.18 -15.87 23.12
C HIS G 279 -1.13 -16.97 23.19
N ALA G 280 0.12 -16.59 23.08
CA ALA G 280 1.23 -17.54 23.12
C ALA G 280 2.54 -16.81 23.42
N PRO G 281 3.40 -17.44 24.22
CA PRO G 281 4.69 -16.86 24.59
C PRO G 281 5.45 -16.25 23.41
N GLU G 282 6.34 -15.33 23.73
CA GLU G 282 7.14 -14.69 22.70
C GLU G 282 8.09 -15.74 22.12
N GLY G 283 8.23 -15.73 20.80
CA GLY G 283 9.12 -16.68 20.14
C GLY G 283 8.49 -18.01 19.75
N THR G 284 7.19 -18.15 19.99
CA THR G 284 6.47 -19.36 19.66
C THR G 284 6.39 -19.59 18.15
N VAL G 285 6.74 -20.80 17.74
CA VAL G 285 6.74 -21.19 16.32
C VAL G 285 5.69 -22.27 16.06
N LEU G 286 4.88 -22.09 15.02
CA LEU G 286 3.84 -23.06 14.69
C LEU G 286 3.89 -23.49 13.22
N LEU G 287 3.57 -24.74 12.95
CA LEU G 287 3.55 -25.25 11.59
C LEU G 287 2.17 -25.78 11.29
N ALA G 288 1.55 -25.24 10.24
CA ALA G 288 0.22 -25.68 9.83
C ALA G 288 0.31 -26.42 8.49
N MET G 289 -0.48 -27.48 8.34
CA MET G 289 -0.46 -28.23 7.09
C MET G 289 -1.49 -27.65 6.13
N LEU G 290 -1.08 -27.44 4.87
CA LEU G 290 -1.95 -26.93 3.82
C LEU G 290 -2.11 -28.11 2.86
N PRO G 291 -3.16 -28.92 3.05
CA PRO G 291 -3.48 -30.11 2.26
C PRO G 291 -3.50 -30.04 0.74
N ASP G 292 -4.19 -29.05 0.18
CA ASP G 292 -4.25 -28.97 -1.28
C ASP G 292 -4.36 -27.57 -1.87
N THR G 293 -4.35 -27.51 -3.20
CA THR G 293 -4.44 -26.24 -3.91
C THR G 293 -5.88 -25.73 -3.89
N GLY G 294 -6.04 -24.43 -3.71
CA GLY G 294 -7.36 -23.84 -3.67
C GLY G 294 -7.99 -23.73 -5.04
N GLU G 295 -7.25 -24.10 -6.07
CA GLU G 295 -7.76 -24.02 -7.43
C GLU G 295 -8.93 -24.96 -7.71
N ARG G 296 -8.99 -26.10 -7.02
CA ARG G 296 -10.11 -27.02 -7.26
C ARG G 296 -11.30 -26.72 -6.36
N TYR G 297 -11.42 -25.46 -5.94
CA TYR G 297 -12.52 -25.03 -5.09
C TYR G 297 -13.23 -23.81 -5.66
N LEU G 298 -13.06 -23.60 -6.96
CA LEU G 298 -13.67 -22.47 -7.66
C LEU G 298 -15.20 -22.44 -7.54
N SER G 299 -15.86 -23.49 -8.00
CA SER G 299 -17.31 -23.57 -7.93
C SER G 299 -17.67 -24.18 -6.58
N THR G 300 -17.28 -23.49 -5.51
CA THR G 300 -17.52 -24.00 -4.16
C THR G 300 -17.86 -22.91 -3.14
N PHE G 301 -18.23 -23.36 -1.95
CA PHE G 301 -18.58 -22.50 -0.84
C PHE G 301 -17.46 -21.47 -0.59
N LEU G 302 -16.26 -21.80 -1.05
CA LEU G 302 -15.10 -20.92 -0.90
C LEU G 302 -15.25 -19.62 -1.69
N PHE G 303 -15.97 -19.68 -2.80
CA PHE G 303 -16.17 -18.52 -3.65
C PHE G 303 -17.59 -17.98 -3.60
N ASP G 304 -18.14 -17.85 -2.39
CA ASP G 304 -19.49 -17.33 -2.22
C ASP G 304 -19.43 -15.86 -1.83
N GLY G 305 -20.17 -15.03 -2.54
CA GLY G 305 -20.18 -13.61 -2.27
C GLY G 305 -19.08 -12.93 -3.05
N VAL G 306 -18.43 -13.70 -3.92
CA VAL G 306 -17.34 -13.21 -4.76
C VAL G 306 -17.88 -12.59 -6.05
N ASP G 307 -17.49 -11.36 -6.33
CA ASP G 307 -17.93 -10.67 -7.54
C ASP G 307 -17.37 -11.37 -8.78
N GLU G 308 -18.10 -11.27 -9.90
CA GLU G 308 -17.68 -11.89 -11.14
C GLU G 308 -17.41 -10.86 -12.23
N GLY G 309 -17.78 -9.62 -11.96
CA GLY G 309 -17.57 -8.56 -12.93
C GLY G 309 -16.68 -7.43 -12.44
N SER G 310 -16.57 -6.38 -13.25
CA SER G 310 -15.74 -5.23 -12.93
C SER G 310 -16.12 -4.64 -11.58
N ASP G 311 -15.13 -4.46 -10.70
CA ASP G 311 -15.38 -3.88 -9.39
C ASP G 311 -16.13 -2.58 -9.58
N ASP G 312 -15.76 -1.84 -10.63
CA ASP G 312 -16.37 -0.57 -11.00
C ASP G 312 -16.60 0.42 -9.86
N ALA G 313 -17.39 -0.01 -8.87
CA ALA G 313 -17.68 0.83 -7.72
C ALA G 313 -16.37 1.32 -7.12
N TRP G 314 -15.43 0.40 -6.94
CA TRP G 314 -14.13 0.72 -6.39
C TRP G 314 -13.36 1.64 -7.34
N LEU G 315 -13.80 1.69 -8.59
CA LEU G 315 -13.17 2.54 -9.59
C LEU G 315 -13.81 3.92 -9.56
N ALA G 316 -14.90 4.05 -8.82
CA ALA G 316 -15.61 5.31 -8.69
C ALA G 316 -14.90 6.29 -7.77
N SER G 317 -13.71 5.90 -7.32
CA SER G 317 -12.92 6.76 -6.43
C SER G 317 -12.00 7.68 -7.24
N LEU G 318 -12.53 8.19 -8.35
CA LEU G 318 -11.78 9.08 -9.23
C LEU G 318 -11.77 10.52 -8.72
N PRO H 2 19.90 -21.99 -4.17
CA PRO H 2 19.85 -20.66 -3.51
C PRO H 2 21.05 -20.40 -2.63
N LEU H 3 21.44 -19.12 -2.56
CA LEU H 3 22.55 -18.70 -1.74
C LEU H 3 22.38 -19.26 -0.33
N PHE H 4 23.49 -19.46 0.37
CA PHE H 4 23.46 -19.92 1.74
C PHE H 4 23.99 -18.75 2.53
N ASN H 5 23.44 -18.52 3.72
CA ASN H 5 23.90 -17.40 4.51
C ASN H 5 25.20 -17.71 5.24
N SER H 6 25.38 -18.96 5.62
CA SER H 6 26.59 -19.34 6.33
C SER H 6 27.05 -20.71 5.84
N ILE H 7 28.32 -21.00 6.09
CA ILE H 7 28.88 -22.28 5.69
C ILE H 7 28.21 -23.39 6.51
N LEU H 8 27.74 -23.05 7.71
CA LEU H 8 27.08 -24.04 8.56
C LEU H 8 25.73 -24.46 8.03
N ASP H 9 25.19 -23.72 7.06
CA ASP H 9 23.91 -24.09 6.45
C ASP H 9 24.15 -25.25 5.47
N THR H 10 25.41 -25.55 5.16
CA THR H 10 25.67 -26.65 4.23
C THR H 10 25.84 -27.99 4.94
N ILE H 11 25.70 -28.00 6.25
CA ILE H 11 25.85 -29.22 6.99
C ILE H 11 24.67 -30.17 6.79
N GLY H 12 24.98 -31.46 6.64
CA GLY H 12 23.93 -32.45 6.47
C GLY H 12 23.47 -32.64 5.05
N ARG H 13 22.33 -33.29 4.90
CA ARG H 13 21.78 -33.55 3.58
C ARG H 13 22.88 -34.13 2.70
N THR H 14 23.60 -35.13 3.23
CA THR H 14 24.68 -35.77 2.50
C THR H 14 24.09 -36.76 1.49
N PRO H 15 24.85 -37.07 0.44
CA PRO H 15 24.34 -38.00 -0.57
C PRO H 15 24.52 -39.48 -0.30
N ILE H 16 23.54 -40.24 -0.75
CA ILE H 16 23.62 -41.68 -0.64
C ILE H 16 23.79 -42.20 -2.08
N VAL H 17 24.97 -42.73 -2.38
CA VAL H 17 25.26 -43.28 -3.70
C VAL H 17 25.40 -44.80 -3.67
N ARG H 18 25.00 -45.43 -4.76
CA ARG H 18 25.04 -46.89 -4.92
C ARG H 18 26.42 -47.37 -5.34
N LEU H 19 26.87 -48.50 -4.80
CA LEU H 19 28.17 -49.07 -5.17
C LEU H 19 28.00 -49.73 -6.55
N GLN H 20 28.93 -49.46 -7.46
CA GLN H 20 28.83 -49.96 -8.82
C GLN H 20 29.39 -51.36 -9.12
N ARG H 21 30.50 -51.73 -8.50
CA ARG H 21 31.10 -53.03 -8.80
C ARG H 21 31.65 -53.81 -7.63
N MET H 22 31.40 -53.35 -6.41
CA MET H 22 31.92 -54.04 -5.22
C MET H 22 30.93 -54.98 -4.55
N ALA H 23 29.65 -54.85 -4.90
CA ALA H 23 28.63 -55.68 -4.27
C ALA H 23 28.14 -56.82 -5.13
N PRO H 24 27.76 -57.95 -4.50
CA PRO H 24 27.25 -59.09 -5.26
C PRO H 24 26.13 -58.57 -6.16
N GLU H 25 26.10 -59.03 -7.40
CA GLU H 25 25.10 -58.58 -8.38
C GLU H 25 23.65 -58.72 -7.91
N HIS H 26 23.32 -59.84 -7.26
CA HIS H 26 21.97 -60.08 -6.77
C HIS H 26 21.66 -59.22 -5.54
N THR H 27 22.57 -58.28 -5.26
CA THR H 27 22.47 -57.41 -4.10
C THR H 27 22.72 -55.92 -4.44
N SER H 28 22.20 -55.04 -3.60
CA SER H 28 22.39 -53.59 -3.77
C SER H 28 23.00 -53.01 -2.51
N VAL H 29 24.14 -52.34 -2.66
CA VAL H 29 24.82 -51.75 -1.51
C VAL H 29 25.04 -50.26 -1.67
N TYR H 30 24.34 -49.46 -0.86
CA TYR H 30 24.44 -48.00 -0.87
C TYR H 30 25.27 -47.49 0.30
N VAL H 31 25.91 -46.34 0.11
CA VAL H 31 26.71 -45.73 1.17
C VAL H 31 26.37 -44.26 1.34
N LYS H 32 26.30 -43.80 2.58
CA LYS H 32 25.99 -42.41 2.88
C LYS H 32 27.34 -41.73 3.07
N VAL H 33 27.63 -40.76 2.20
CA VAL H 33 28.92 -40.09 2.26
C VAL H 33 28.94 -38.82 3.10
N GLU H 34 29.29 -38.99 4.37
CA GLU H 34 29.36 -37.88 5.31
C GLU H 34 30.56 -36.97 5.11
N SER H 35 31.51 -37.38 4.29
CA SER H 35 32.68 -36.56 4.03
C SER H 35 32.23 -35.33 3.24
N PHE H 36 31.00 -35.34 2.75
CA PHE H 36 30.49 -34.21 2.01
C PHE H 36 30.25 -32.98 2.90
N ASN H 37 30.18 -33.20 4.21
CA ASN H 37 29.99 -32.12 5.15
C ASN H 37 31.22 -31.23 5.01
N PRO H 38 31.10 -29.93 5.29
CA PRO H 38 32.25 -29.02 5.17
C PRO H 38 33.40 -29.36 6.10
N GLY H 39 33.09 -30.01 7.21
CA GLY H 39 34.11 -30.39 8.15
C GLY H 39 34.81 -31.67 7.75
N GLY H 40 34.33 -32.31 6.69
CA GLY H 40 34.96 -33.53 6.23
C GLY H 40 34.52 -34.79 6.95
N SER H 41 33.62 -34.64 7.93
CA SER H 41 33.15 -35.81 8.67
C SER H 41 31.76 -35.67 9.22
N VAL H 42 31.22 -36.80 9.67
CA VAL H 42 29.88 -36.82 10.25
C VAL H 42 29.82 -35.95 11.52
N LYS H 43 30.98 -35.64 12.10
CA LYS H 43 31.04 -34.84 13.32
C LYS H 43 30.47 -33.43 13.23
N ASP H 44 30.40 -32.90 12.02
CA ASP H 44 29.86 -31.57 11.81
C ASP H 44 28.45 -31.53 12.35
N ARG H 45 27.78 -32.68 12.38
CA ARG H 45 26.42 -32.71 12.86
C ARG H 45 26.32 -32.48 14.36
N LEU H 46 26.93 -33.35 15.14
CA LEU H 46 26.87 -33.20 16.58
C LEU H 46 27.48 -31.86 17.00
N ALA H 47 28.54 -31.45 16.30
CA ALA H 47 29.18 -30.18 16.62
C ALA H 47 28.20 -29.00 16.48
N LEU H 48 27.49 -28.95 15.35
CA LEU H 48 26.53 -27.89 15.09
C LEU H 48 25.37 -28.01 16.06
N SER H 49 24.82 -29.22 16.16
CA SER H 49 23.68 -29.47 17.04
C SER H 49 23.97 -29.11 18.49
N VAL H 50 25.16 -29.48 18.95
CA VAL H 50 25.58 -29.20 20.31
C VAL H 50 25.65 -27.69 20.57
N VAL H 51 26.21 -26.95 19.63
CA VAL H 51 26.35 -25.51 19.81
C VAL H 51 25.00 -24.79 19.74
N LEU H 52 24.14 -25.18 18.82
CA LEU H 52 22.84 -24.54 18.70
C LEU H 52 22.05 -24.77 19.99
N ASP H 53 22.18 -25.98 20.52
CA ASP H 53 21.50 -26.37 21.76
C ASP H 53 22.01 -25.51 22.91
N ALA H 54 23.33 -25.38 23.00
CA ALA H 54 23.94 -24.58 24.05
C ALA H 54 23.46 -23.14 23.96
N GLU H 55 23.47 -22.58 22.76
CA GLU H 55 23.02 -21.21 22.56
C GLU H 55 21.58 -21.03 22.99
N ALA H 56 20.70 -21.89 22.49
CA ALA H 56 19.28 -21.82 22.82
C ALA H 56 19.03 -21.95 24.31
N LYS H 57 19.95 -22.61 25.01
CA LYS H 57 19.83 -22.84 26.45
C LYS H 57 20.63 -21.76 27.18
N GLY H 58 21.11 -20.77 26.44
CA GLY H 58 21.89 -19.70 27.04
C GLY H 58 23.24 -20.12 27.59
N LEU H 59 23.55 -21.41 27.52
CA LEU H 59 24.82 -21.93 28.02
C LEU H 59 26.03 -21.47 27.20
N LEU H 60 25.77 -20.83 26.06
CA LEU H 60 26.83 -20.33 25.20
C LEU H 60 26.44 -18.93 24.77
N LYS H 61 27.30 -17.95 25.05
CA LYS H 61 27.03 -16.56 24.70
C LYS H 61 28.01 -16.03 23.67
N PRO H 62 27.66 -14.92 23.01
CA PRO H 62 28.55 -14.35 22.00
C PRO H 62 29.94 -14.05 22.55
N GLY H 63 30.96 -14.57 21.90
CA GLY H 63 32.32 -14.33 22.34
C GLY H 63 32.78 -15.25 23.45
N ASP H 64 32.19 -16.43 23.51
CA ASP H 64 32.55 -17.43 24.52
C ASP H 64 33.65 -18.30 23.94
N THR H 65 34.05 -19.32 24.69
CA THR H 65 35.08 -20.24 24.21
C THR H 65 34.72 -21.67 24.58
N ILE H 66 35.04 -22.60 23.68
CA ILE H 66 34.72 -24.01 23.88
C ILE H 66 35.95 -24.89 24.06
N VAL H 67 35.89 -25.79 25.04
CA VAL H 67 36.98 -26.72 25.31
C VAL H 67 36.46 -28.14 25.05
N GLU H 68 37.37 -29.03 24.65
CA GLU H 68 36.97 -30.40 24.38
C GLU H 68 38.13 -31.33 24.09
N CYS H 69 37.87 -32.62 24.22
CA CYS H 69 38.87 -33.65 23.94
C CYS H 69 39.15 -33.53 22.44
N THR H 70 40.31 -34.00 22.00
CA THR H 70 40.64 -33.90 20.58
C THR H 70 40.98 -35.22 19.91
N SER H 71 42.06 -35.20 19.12
CA SER H 71 42.54 -36.36 18.39
C SER H 71 41.67 -36.58 17.14
N GLY H 72 40.38 -36.79 17.37
CA GLY H 72 39.46 -37.06 16.26
C GLY H 72 38.86 -35.93 15.47
N ASN H 73 37.81 -36.26 14.73
CA ASN H 73 37.10 -35.31 13.89
C ASN H 73 36.30 -34.29 14.69
N VAL H 74 35.84 -34.66 15.88
CA VAL H 74 35.06 -33.76 16.71
C VAL H 74 35.80 -32.44 16.93
N GLY H 75 37.09 -32.55 17.23
CA GLY H 75 37.89 -31.35 17.46
C GLY H 75 37.89 -30.49 16.22
N ILE H 76 38.01 -31.13 15.06
CA ILE H 76 38.01 -30.40 13.80
C ILE H 76 36.63 -29.81 13.52
N ALA H 77 35.57 -30.59 13.77
CA ALA H 77 34.23 -30.11 13.51
C ALA H 77 33.92 -28.94 14.43
N LEU H 78 34.33 -29.06 15.69
CA LEU H 78 34.07 -28.02 16.69
C LEU H 78 34.81 -26.72 16.37
N ALA H 79 36.07 -26.84 15.96
CA ALA H 79 36.86 -25.66 15.61
C ALA H 79 36.25 -24.92 14.41
N MET H 80 35.68 -25.68 13.47
CA MET H 80 35.08 -25.09 12.30
C MET H 80 33.81 -24.34 12.69
N VAL H 81 32.95 -25.00 13.45
CA VAL H 81 31.70 -24.38 13.87
C VAL H 81 32.01 -23.19 14.75
N ALA H 82 33.09 -23.31 15.52
CA ALA H 82 33.52 -22.23 16.39
C ALA H 82 33.96 -21.02 15.58
N ALA H 83 34.78 -21.26 14.56
CA ALA H 83 35.28 -20.19 13.70
C ALA H 83 34.14 -19.51 12.91
N ALA H 84 33.16 -20.29 12.51
CA ALA H 84 32.04 -19.77 11.75
C ALA H 84 31.04 -19.03 12.63
N ARG H 85 31.06 -19.32 13.92
CA ARG H 85 30.12 -18.70 14.86
C ARG H 85 30.74 -17.60 15.71
N GLY H 86 32.03 -17.35 15.54
CA GLY H 86 32.69 -16.34 16.33
C GLY H 86 32.97 -16.80 17.74
N TYR H 87 33.37 -18.06 17.90
CA TYR H 87 33.70 -18.62 19.20
C TYR H 87 35.17 -18.98 19.23
N ARG H 88 35.74 -18.95 20.44
CA ARG H 88 37.13 -19.30 20.63
C ARG H 88 37.15 -20.81 20.87
N PHE H 89 38.11 -21.51 20.30
CA PHE H 89 38.18 -22.96 20.49
C PHE H 89 39.54 -23.43 20.99
N VAL H 90 39.53 -24.06 22.16
CA VAL H 90 40.75 -24.59 22.76
C VAL H 90 40.64 -26.11 22.73
N ALA H 91 41.68 -26.74 22.17
CA ALA H 91 41.69 -28.20 22.07
C ALA H 91 42.82 -28.81 22.88
N VAL H 92 42.47 -29.76 23.74
CA VAL H 92 43.45 -30.45 24.57
C VAL H 92 43.87 -31.72 23.86
N MET H 93 45.08 -31.73 23.31
CA MET H 93 45.58 -32.90 22.59
C MET H 93 46.97 -33.34 23.06
N GLY H 94 47.26 -34.62 22.84
CA GLY H 94 48.55 -35.16 23.24
C GLY H 94 49.71 -34.51 22.50
N ASP H 95 50.85 -34.39 23.17
CA ASP H 95 52.04 -33.79 22.59
C ASP H 95 52.70 -34.77 21.64
N THR H 96 52.56 -36.06 21.95
CA THR H 96 53.12 -37.11 21.12
C THR H 96 52.37 -37.16 19.79
N TYR H 97 51.07 -36.90 19.87
CA TYR H 97 50.18 -36.91 18.71
C TYR H 97 50.72 -36.19 17.47
N SER H 98 50.30 -36.68 16.31
CA SER H 98 50.71 -36.15 15.02
C SER H 98 50.46 -34.65 14.83
N VAL H 99 51.37 -34.01 14.10
CA VAL H 99 51.29 -32.57 13.82
C VAL H 99 50.27 -32.37 12.69
N GLU H 100 49.80 -33.47 12.13
CA GLU H 100 48.82 -33.45 11.05
C GLU H 100 47.53 -32.80 11.53
N ARG H 101 46.83 -33.48 12.42
CA ARG H 101 45.57 -32.97 12.97
C ARG H 101 45.81 -31.71 13.77
N ARG H 102 47.02 -31.55 14.30
CA ARG H 102 47.38 -30.38 15.09
C ARG H 102 47.27 -29.12 14.24
N LYS H 103 47.73 -29.21 12.99
CA LYS H 103 47.67 -28.09 12.07
C LYS H 103 46.22 -27.83 11.68
N LEU H 104 45.46 -28.90 11.57
CA LEU H 104 44.04 -28.79 11.22
C LEU H 104 43.34 -27.83 12.17
N ILE H 105 43.40 -28.12 13.47
CA ILE H 105 42.76 -27.27 14.47
C ILE H 105 43.29 -25.84 14.36
N ARG H 106 44.56 -25.70 14.02
CA ARG H 106 45.17 -24.38 13.87
C ARG H 106 44.61 -23.67 12.65
N ALA H 107 44.27 -24.45 11.62
CA ALA H 107 43.71 -23.89 10.39
C ALA H 107 42.45 -23.09 10.71
N TYR H 108 41.53 -23.74 11.42
CA TYR H 108 40.27 -23.14 11.81
C TYR H 108 40.41 -22.13 12.95
N GLY H 109 41.65 -21.74 13.25
CA GLY H 109 41.88 -20.77 14.31
C GLY H 109 41.84 -21.35 15.71
N GLY H 110 41.72 -22.67 15.81
CA GLY H 110 41.69 -23.31 17.11
C GLY H 110 42.99 -23.11 17.88
N LYS H 111 42.88 -23.06 19.20
CA LYS H 111 44.05 -22.90 20.07
C LYS H 111 44.34 -24.29 20.62
N LEU H 112 45.60 -24.56 20.88
CA LEU H 112 45.96 -25.88 21.40
C LEU H 112 46.85 -25.85 22.63
N VAL H 113 46.61 -26.83 23.50
CA VAL H 113 47.36 -27.00 24.73
C VAL H 113 47.70 -28.48 24.77
N LEU H 114 48.91 -28.82 24.33
CA LEU H 114 49.37 -30.19 24.27
C LEU H 114 49.74 -30.82 25.62
N PHE H 115 49.18 -32.00 25.87
CA PHE H 115 49.46 -32.74 27.10
C PHE H 115 50.08 -34.09 26.73
N PRO H 116 51.36 -34.29 27.09
CA PRO H 116 52.05 -35.55 26.77
C PRO H 116 51.24 -36.78 27.19
N GLY H 117 50.31 -36.56 28.13
CA GLY H 117 49.42 -37.58 28.67
C GLY H 117 49.46 -39.02 28.17
N HIS H 118 49.47 -39.94 29.12
CA HIS H 118 49.50 -41.37 28.82
C HIS H 118 48.11 -41.98 28.98
N LEU H 119 47.17 -41.23 29.54
CA LEU H 119 45.81 -41.72 29.76
C LEU H 119 44.86 -41.38 28.60
N GLY H 120 44.87 -40.12 28.17
CA GLY H 120 44.02 -39.71 27.06
C GLY H 120 42.54 -39.56 27.36
N SER H 121 41.74 -40.53 26.92
CA SER H 121 40.27 -40.54 27.09
C SER H 121 39.72 -39.56 28.11
N LYS H 122 39.27 -40.07 29.26
CA LYS H 122 38.72 -39.23 30.31
C LYS H 122 39.83 -38.63 31.17
N GLY H 123 41.01 -39.23 31.09
CA GLY H 123 42.15 -38.75 31.86
C GLY H 123 42.74 -37.47 31.30
N GLY H 124 43.17 -37.53 30.04
CA GLY H 124 43.74 -36.35 29.41
C GLY H 124 42.73 -35.22 29.34
N ASN H 125 41.45 -35.59 29.23
CA ASN H 125 40.37 -34.60 29.16
C ASN H 125 40.26 -33.84 30.47
N LEU H 126 40.85 -34.40 31.53
CA LEU H 126 40.84 -33.77 32.85
C LEU H 126 41.27 -32.31 32.69
N ILE H 127 42.39 -32.12 32.01
CA ILE H 127 42.92 -30.78 31.77
C ILE H 127 41.79 -29.89 31.27
N ALA H 128 41.12 -30.33 30.21
CA ALA H 128 40.02 -29.58 29.63
C ALA H 128 38.96 -29.33 30.69
N ASP H 129 38.57 -30.40 31.40
CA ASP H 129 37.57 -30.30 32.44
C ASP H 129 37.97 -29.22 33.45
N GLU H 130 39.24 -29.19 33.79
CA GLU H 130 39.76 -28.21 34.75
C GLU H 130 39.58 -26.78 34.25
N LEU H 131 40.01 -26.53 33.01
CA LEU H 131 39.89 -25.20 32.42
C LEU H 131 38.43 -24.79 32.30
N ALA H 132 37.53 -25.77 32.30
CA ALA H 132 36.11 -25.49 32.21
C ALA H 132 35.68 -24.60 33.36
N GLU H 133 35.65 -25.17 34.56
CA GLU H 133 35.27 -24.41 35.77
C GLU H 133 36.21 -23.23 35.98
N LYS H 134 37.50 -23.49 35.83
CA LYS H 134 38.53 -22.46 36.02
C LYS H 134 38.24 -21.15 35.28
N TYR H 135 37.87 -21.25 34.00
CA TYR H 135 37.58 -20.06 33.19
C TYR H 135 36.13 -19.92 32.75
N GLY H 136 35.30 -20.90 33.09
CA GLY H 136 33.90 -20.86 32.71
C GLY H 136 33.67 -21.24 31.26
N TRP H 137 34.56 -22.09 30.74
CA TRP H 137 34.50 -22.56 29.36
C TRP H 137 33.47 -23.69 29.17
N PHE H 138 32.86 -23.74 27.98
CA PHE H 138 31.85 -24.75 27.67
C PHE H 138 32.41 -26.11 27.21
N ARG H 139 31.79 -27.18 27.69
CA ARG H 139 32.19 -28.54 27.34
C ARG H 139 31.10 -29.17 26.49
N ALA H 140 31.49 -29.84 25.41
CA ALA H 140 30.52 -30.46 24.51
C ALA H 140 29.96 -31.76 25.09
N ARG H 141 30.84 -32.56 25.70
CA ARG H 141 30.41 -33.83 26.29
C ARG H 141 29.72 -34.66 25.22
N GLN H 142 30.44 -34.89 24.13
CA GLN H 142 29.90 -35.64 22.99
C GLN H 142 29.32 -36.99 23.37
N PHE H 143 29.91 -37.63 24.36
CA PHE H 143 29.45 -38.95 24.77
C PHE H 143 28.18 -38.92 25.63
N ASP H 144 27.81 -37.74 26.12
CA ASP H 144 26.64 -37.62 26.98
C ASP H 144 25.58 -36.61 26.54
N ASN H 145 25.98 -35.64 25.73
CA ASN H 145 25.05 -34.63 25.27
C ASN H 145 23.94 -35.20 24.38
N PRO H 146 22.68 -35.08 24.79
CA PRO H 146 21.55 -35.60 24.00
C PRO H 146 21.34 -34.91 22.65
N ALA H 147 22.01 -33.77 22.44
CA ALA H 147 21.89 -33.04 21.19
C ALA H 147 22.62 -33.80 20.09
N ASN H 148 23.51 -34.72 20.50
CA ASN H 148 24.26 -35.54 19.57
C ASN H 148 23.26 -36.44 18.82
N PRO H 149 22.63 -37.40 19.52
CA PRO H 149 21.67 -38.24 18.79
C PRO H 149 20.41 -37.53 18.26
N SER H 150 19.99 -36.47 18.94
CA SER H 150 18.77 -35.78 18.51
C SER H 150 18.89 -35.21 17.09
N TYR H 151 20.09 -34.76 16.73
CA TYR H 151 20.28 -34.20 15.41
C TYR H 151 20.29 -35.33 14.38
N HIS H 152 20.75 -36.50 14.80
CA HIS H 152 20.78 -37.64 13.90
C HIS H 152 19.34 -38.07 13.66
N ARG H 153 18.50 -37.91 14.67
CA ARG H 153 17.10 -38.28 14.52
C ARG H 153 16.39 -37.29 13.61
N GLU H 154 16.88 -36.06 13.60
CA GLU H 154 16.22 -35.03 12.80
C GLU H 154 16.77 -34.80 11.41
N THR H 155 18.03 -35.13 11.18
CA THR H 155 18.60 -34.91 9.85
C THR H 155 19.06 -36.22 9.19
N THR H 156 20.09 -36.84 9.74
CA THR H 156 20.59 -38.09 9.18
C THR H 156 19.47 -39.09 8.90
N ALA H 157 18.72 -39.45 9.94
CA ALA H 157 17.64 -40.41 9.79
C ALA H 157 16.61 -39.89 8.80
N SER H 158 16.45 -38.57 8.73
CA SER H 158 15.48 -37.97 7.82
C SER H 158 15.90 -38.08 6.35
N GLU H 159 17.19 -37.94 6.10
CA GLU H 159 17.72 -38.02 4.74
C GLU H 159 17.71 -39.46 4.22
N ILE H 160 17.94 -40.40 5.13
CA ILE H 160 17.93 -41.81 4.82
C ILE H 160 16.49 -42.24 4.51
N LEU H 161 15.56 -41.95 5.41
CA LEU H 161 14.17 -42.32 5.23
C LEU H 161 13.50 -41.77 3.97
N ALA H 162 13.84 -40.52 3.62
CA ALA H 162 13.27 -39.88 2.44
C ALA H 162 13.81 -40.53 1.16
N ASP H 163 15.10 -40.79 1.13
CA ASP H 163 15.73 -41.43 -0.03
C ASP H 163 15.19 -42.83 -0.28
N PHE H 164 14.85 -43.56 0.77
CA PHE H 164 14.35 -44.93 0.61
C PHE H 164 12.85 -45.09 0.73
N ALA H 165 12.13 -43.99 0.77
CA ALA H 165 10.68 -44.04 0.88
C ALA H 165 10.12 -44.72 -0.39
N GLY H 166 9.22 -45.68 -0.20
CA GLY H 166 8.63 -46.39 -1.32
C GLY H 166 9.56 -47.38 -1.98
N LYS H 167 10.80 -47.43 -1.49
CA LYS H 167 11.82 -48.34 -2.02
C LYS H 167 12.18 -49.40 -0.97
N ARG H 168 13.04 -50.34 -1.36
CA ARG H 168 13.43 -51.42 -0.46
C ARG H 168 14.71 -51.15 0.32
N LEU H 169 14.67 -51.51 1.60
CA LEU H 169 15.80 -51.37 2.49
C LEU H 169 15.73 -52.52 3.50
N ASP H 170 16.81 -53.30 3.57
CA ASP H 170 16.85 -54.45 4.47
C ASP H 170 17.84 -54.35 5.64
N HIS H 171 18.91 -53.59 5.47
CA HIS H 171 19.92 -53.47 6.52
C HIS H 171 20.58 -52.11 6.58
N PHE H 172 20.66 -51.54 7.77
CA PHE H 172 21.34 -50.26 7.98
C PHE H 172 22.60 -50.66 8.75
N VAL H 173 23.76 -50.32 8.23
CA VAL H 173 25.02 -50.69 8.87
C VAL H 173 25.85 -49.51 9.35
N THR H 174 26.43 -49.65 10.55
CA THR H 174 27.24 -48.59 11.14
C THR H 174 28.05 -49.04 12.35
N GLY H 175 29.16 -48.36 12.59
CA GLY H 175 29.99 -48.66 13.74
C GLY H 175 29.57 -47.61 14.75
N PHE H 176 30.30 -47.45 15.84
CA PHE H 176 29.92 -46.44 16.81
C PHE H 176 31.07 -45.97 17.67
N GLY H 177 31.09 -44.66 17.90
CA GLY H 177 32.11 -44.05 18.73
C GLY H 177 31.31 -43.48 19.87
N THR H 178 30.69 -42.33 19.62
CA THR H 178 29.86 -41.69 20.62
C THR H 178 28.51 -42.40 20.61
N THR H 179 28.24 -43.13 19.54
CA THR H 179 27.00 -43.88 19.34
C THR H 179 25.84 -43.01 18.90
N GLY H 180 26.12 -41.73 18.72
CA GLY H 180 25.09 -40.81 18.29
C GLY H 180 24.43 -41.19 16.98
N THR H 181 25.23 -41.57 16.00
CA THR H 181 24.66 -41.95 14.71
C THR H 181 23.73 -43.13 14.86
N LEU H 182 24.27 -44.23 15.37
CA LEU H 182 23.51 -45.46 15.56
C LEU H 182 22.24 -45.27 16.38
N THR H 183 22.33 -44.46 17.43
CA THR H 183 21.18 -44.23 18.29
C THR H 183 20.07 -43.41 17.65
N GLY H 184 20.43 -42.27 17.06
CA GLY H 184 19.44 -41.42 16.42
C GLY H 184 18.77 -42.10 15.25
N VAL H 185 19.58 -42.60 14.31
CA VAL H 185 19.03 -43.27 13.16
C VAL H 185 18.22 -44.49 13.58
N GLY H 186 18.80 -45.31 14.45
CA GLY H 186 18.15 -46.51 14.94
C GLY H 186 16.78 -46.25 15.53
N GLN H 187 16.68 -45.23 16.37
CA GLN H 187 15.41 -44.91 16.99
C GLN H 187 14.36 -44.60 15.92
N MET H 188 14.73 -43.82 14.92
CA MET H 188 13.76 -43.48 13.87
C MET H 188 13.40 -44.69 12.99
N LEU H 189 14.41 -45.49 12.64
CA LEU H 189 14.17 -46.68 11.81
C LEU H 189 13.21 -47.61 12.53
N ARG H 190 13.48 -47.84 13.82
CA ARG H 190 12.64 -48.70 14.63
C ARG H 190 11.17 -48.33 14.52
N VAL H 191 10.86 -47.05 14.31
CA VAL H 191 9.47 -46.64 14.19
C VAL H 191 8.99 -46.45 12.75
N ALA H 192 9.87 -46.00 11.86
CA ALA H 192 9.50 -45.78 10.47
C ALA H 192 9.60 -47.06 9.64
N ARG H 193 10.72 -47.77 9.79
CA ARG H 193 10.97 -49.02 9.07
C ARG H 193 11.26 -50.13 10.07
N PRO H 194 10.23 -50.62 10.77
CA PRO H 194 10.43 -51.67 11.78
C PRO H 194 11.03 -52.96 11.21
N GLU H 195 11.07 -53.08 9.89
CA GLU H 195 11.61 -54.27 9.26
C GLU H 195 13.07 -54.16 8.82
N VAL H 196 13.66 -52.97 8.98
CA VAL H 196 15.05 -52.79 8.59
C VAL H 196 15.90 -53.23 9.77
N ARG H 197 16.86 -54.11 9.53
CA ARG H 197 17.72 -54.60 10.59
C ARG H 197 18.89 -53.65 10.83
N VAL H 198 19.09 -53.29 12.10
CA VAL H 198 20.17 -52.39 12.46
C VAL H 198 21.41 -53.18 12.84
N VAL H 199 22.45 -52.99 12.05
CA VAL H 199 23.69 -53.69 12.27
C VAL H 199 24.76 -52.78 12.86
N ALA H 200 25.15 -53.07 14.09
CA ALA H 200 26.18 -52.30 14.75
C ALA H 200 27.41 -53.18 14.82
N LEU H 201 28.55 -52.62 14.44
CA LEU H 201 29.78 -53.39 14.48
C LEU H 201 30.80 -52.70 15.37
N GLU H 202 31.72 -53.51 15.89
CA GLU H 202 32.78 -53.03 16.76
C GLU H 202 34.06 -53.70 16.25
N PRO H 203 35.23 -53.06 16.48
CA PRO H 203 36.45 -53.73 15.99
C PRO H 203 36.59 -55.10 16.71
N SER H 204 37.01 -56.11 15.96
CA SER H 204 37.14 -57.47 16.49
C SER H 204 37.85 -57.64 17.83
N ASN H 205 38.99 -56.98 18.00
CA ASN H 205 39.72 -57.10 19.25
C ASN H 205 39.24 -56.09 20.28
N ALA H 206 38.04 -55.54 20.09
CA ALA H 206 37.50 -54.56 21.01
C ALA H 206 35.97 -54.54 21.02
N ALA H 207 35.37 -55.73 21.03
CA ALA H 207 33.93 -55.86 21.03
C ALA H 207 33.37 -55.72 22.44
N MET H 208 33.37 -54.48 22.93
CA MET H 208 32.89 -54.16 24.28
C MET H 208 31.48 -54.67 24.58
N LEU H 209 30.57 -54.46 23.64
CA LEU H 209 29.19 -54.88 23.83
C LEU H 209 28.98 -56.37 23.67
N ALA H 210 29.42 -56.90 22.54
CA ALA H 210 29.26 -58.32 22.23
C ALA H 210 30.09 -59.28 23.09
N ARG H 211 31.33 -58.92 23.38
CA ARG H 211 32.20 -59.79 24.17
C ARG H 211 32.56 -59.30 25.58
N GLY H 212 32.19 -58.07 25.90
CA GLY H 212 32.50 -57.55 27.22
C GLY H 212 33.99 -57.37 27.44
N GLU H 213 34.74 -57.12 26.37
CA GLU H 213 36.18 -56.91 26.50
C GLU H 213 36.62 -55.77 25.58
N TRP H 214 37.78 -55.18 25.87
CA TRP H 214 38.29 -54.08 25.06
C TRP H 214 39.81 -53.92 25.07
N SER H 215 40.37 -53.69 23.89
CA SER H 215 41.79 -53.48 23.73
C SER H 215 42.00 -52.47 22.59
N PRO H 216 43.10 -51.67 22.67
CA PRO H 216 43.37 -50.68 21.63
C PRO H 216 43.27 -51.21 20.20
N HIS H 217 42.75 -50.38 19.30
CA HIS H 217 42.58 -50.76 17.89
C HIS H 217 42.93 -49.59 16.96
N GLN H 218 42.95 -49.88 15.66
CA GLN H 218 43.30 -48.87 14.65
C GLN H 218 42.14 -48.34 13.79
N ILE H 219 40.90 -48.72 14.13
CA ILE H 219 39.74 -48.22 13.39
C ILE H 219 39.32 -46.89 14.05
N GLN H 220 39.96 -45.80 13.64
CA GLN H 220 39.70 -44.48 14.20
C GLN H 220 38.23 -44.05 14.21
N GLY H 221 37.84 -43.40 15.30
CA GLY H 221 36.49 -42.92 15.45
C GLY H 221 35.54 -43.95 16.05
N LEU H 222 35.99 -45.20 16.14
CA LEU H 222 35.16 -46.27 16.66
C LEU H 222 35.44 -46.68 18.10
N ALA H 223 34.55 -47.52 18.60
CA ALA H 223 34.60 -48.12 19.93
C ALA H 223 35.56 -47.61 20.98
N PRO H 224 35.09 -46.70 21.87
CA PRO H 224 35.95 -46.19 22.93
C PRO H 224 35.99 -47.26 24.04
N ASN H 225 36.87 -47.11 25.02
CA ASN H 225 36.97 -48.10 26.09
C ASN H 225 35.88 -47.95 27.16
N PHE H 226 34.64 -47.69 26.72
CA PHE H 226 33.50 -47.55 27.62
C PHE H 226 32.21 -47.35 26.83
N VAL H 227 31.07 -47.64 27.45
CA VAL H 227 29.78 -47.49 26.80
C VAL H 227 29.22 -46.09 27.07
N PRO H 228 29.16 -45.24 26.01
CA PRO H 228 28.65 -43.87 26.08
C PRO H 228 27.25 -43.78 26.66
N GLY H 229 26.98 -42.72 27.42
CA GLY H 229 25.68 -42.57 28.02
C GLY H 229 24.57 -42.39 27.00
N VAL H 230 24.94 -41.89 25.83
CA VAL H 230 23.97 -41.64 24.77
C VAL H 230 23.41 -42.92 24.11
N LEU H 231 24.11 -44.04 24.26
CA LEU H 231 23.69 -45.29 23.64
C LEU H 231 22.36 -45.88 24.10
N ASP H 232 21.48 -46.17 23.14
CA ASP H 232 20.20 -46.80 23.42
C ASP H 232 20.36 -48.18 22.79
N ARG H 233 20.59 -49.17 23.63
CA ARG H 233 20.78 -50.53 23.18
C ARG H 233 19.57 -51.15 22.49
N SER H 234 18.39 -50.63 22.77
CA SER H 234 17.16 -51.15 22.17
C SER H 234 17.13 -50.95 20.65
N VAL H 235 18.11 -50.21 20.15
CA VAL H 235 18.21 -49.90 18.74
C VAL H 235 18.94 -50.95 17.92
N ILE H 236 19.84 -51.70 18.56
CA ILE H 236 20.62 -52.72 17.86
C ILE H 236 19.89 -54.04 17.58
N ASP H 237 20.03 -54.53 16.36
CA ASP H 237 19.44 -55.79 15.97
C ASP H 237 20.54 -56.83 16.00
N ASP H 238 21.60 -56.58 15.23
CA ASP H 238 22.74 -57.49 15.14
C ASP H 238 24.09 -56.84 15.49
N LEU H 239 24.83 -57.50 16.38
CA LEU H 239 26.14 -57.03 16.80
C LEU H 239 27.19 -57.95 16.16
N VAL H 240 27.98 -57.41 15.23
CA VAL H 240 28.98 -58.22 14.57
C VAL H 240 30.36 -57.61 14.77
N THR H 241 31.39 -58.27 14.27
CA THR H 241 32.75 -57.78 14.41
C THR H 241 33.42 -57.53 13.07
N MET H 242 34.49 -56.74 13.10
CA MET H 242 35.21 -56.39 11.90
C MET H 242 36.71 -56.23 12.19
N ASP H 243 37.53 -56.94 11.43
CA ASP H 243 38.97 -56.88 11.61
C ASP H 243 39.52 -55.55 11.07
N GLU H 244 40.37 -54.91 11.85
CA GLU H 244 40.95 -53.63 11.45
C GLU H 244 41.80 -53.68 10.18
N VAL H 245 42.19 -54.89 9.78
CA VAL H 245 42.99 -55.06 8.57
C VAL H 245 42.04 -55.15 7.39
N THR H 246 40.95 -55.91 7.56
CA THR H 246 39.94 -56.09 6.53
C THR H 246 39.34 -54.71 6.26
N ALA H 247 39.13 -53.96 7.32
CA ALA H 247 38.57 -52.62 7.21
C ALA H 247 39.52 -51.74 6.41
N ARG H 248 40.80 -51.83 6.73
CA ARG H 248 41.82 -51.04 6.06
C ARG H 248 41.83 -51.25 4.55
N ASP H 249 41.90 -52.50 4.12
CA ASP H 249 41.93 -52.79 2.70
C ASP H 249 40.64 -52.43 1.99
N THR H 250 39.51 -52.60 2.67
CA THR H 250 38.21 -52.30 2.07
C THR H 250 37.98 -50.81 1.84
N SER H 251 38.67 -49.98 2.60
CA SER H 251 38.54 -48.54 2.44
C SER H 251 39.36 -48.20 1.20
N ARG H 252 40.51 -48.84 1.08
CA ARG H 252 41.41 -48.65 -0.06
C ARG H 252 40.72 -49.13 -1.33
N ARG H 253 39.93 -50.19 -1.19
CA ARG H 253 39.19 -50.77 -2.31
C ARG H 253 38.11 -49.78 -2.75
N LEU H 254 37.45 -49.17 -1.77
CA LEU H 254 36.37 -48.21 -2.05
C LEU H 254 36.84 -47.10 -2.97
N ALA H 255 38.00 -46.55 -2.66
CA ALA H 255 38.57 -45.48 -3.46
C ALA H 255 38.91 -45.94 -4.87
N ALA H 256 39.93 -46.80 -4.97
CA ALA H 256 40.39 -47.32 -6.24
C ALA H 256 39.36 -48.05 -7.09
N GLU H 257 38.39 -48.68 -6.45
CA GLU H 257 37.38 -49.42 -7.21
C GLU H 257 36.06 -48.71 -7.40
N GLU H 258 35.85 -47.62 -6.66
CA GLU H 258 34.59 -46.89 -6.75
C GLU H 258 34.73 -45.37 -6.86
N GLY H 259 35.89 -44.85 -6.50
CA GLY H 259 36.09 -43.41 -6.56
C GLY H 259 35.61 -42.70 -5.31
N ILE H 260 35.31 -43.51 -4.29
CA ILE H 260 34.85 -43.02 -3.00
C ILE H 260 35.95 -43.19 -1.94
N PHE H 261 36.68 -42.10 -1.69
CA PHE H 261 37.79 -42.05 -0.75
C PHE H 261 37.38 -41.75 0.70
N ALA H 262 37.18 -42.80 1.51
CA ALA H 262 36.78 -42.63 2.90
C ALA H 262 37.83 -43.09 3.92
N GLY H 263 37.44 -43.17 5.19
CA GLY H 263 38.37 -43.58 6.24
C GLY H 263 38.28 -45.05 6.58
N ILE H 264 39.03 -45.47 7.59
CA ILE H 264 39.04 -46.86 8.03
C ILE H 264 37.65 -47.32 8.47
N SER H 265 37.00 -46.49 9.28
CA SER H 265 35.67 -46.81 9.78
C SER H 265 34.70 -47.06 8.62
N ALA H 266 34.83 -46.26 7.56
CA ALA H 266 33.96 -46.43 6.40
C ALA H 266 34.26 -47.78 5.79
N GLY H 267 35.54 -48.14 5.78
CA GLY H 267 35.94 -49.43 5.25
C GLY H 267 35.29 -50.52 6.09
N ALA H 268 35.37 -50.34 7.40
CA ALA H 268 34.80 -51.29 8.33
C ALA H 268 33.34 -51.54 8.01
N THR H 269 32.54 -50.49 7.91
CA THR H 269 31.12 -50.65 7.63
C THR H 269 30.85 -51.24 6.23
N VAL H 270 31.62 -50.80 5.25
CA VAL H 270 31.44 -51.32 3.90
C VAL H 270 31.78 -52.81 3.96
N ALA H 271 32.94 -53.11 4.55
CA ALA H 271 33.38 -54.50 4.69
C ALA H 271 32.25 -55.35 5.29
N THR H 272 31.57 -54.81 6.30
CA THR H 272 30.47 -55.54 6.94
C THR H 272 29.26 -55.67 6.02
N ALA H 273 28.97 -54.61 5.27
CA ALA H 273 27.84 -54.64 4.35
C ALA H 273 28.01 -55.74 3.31
N LEU H 274 29.22 -55.82 2.77
CA LEU H 274 29.53 -56.84 1.77
C LEU H 274 29.36 -58.24 2.37
N SER H 275 29.95 -58.45 3.55
CA SER H 275 29.87 -59.74 4.22
C SER H 275 28.43 -60.21 4.36
N ILE H 276 27.52 -59.27 4.64
CA ILE H 276 26.11 -59.63 4.78
C ILE H 276 25.50 -59.84 3.41
N ALA H 277 26.05 -59.14 2.42
CA ALA H 277 25.56 -59.21 1.05
C ALA H 277 25.87 -60.53 0.35
N GLU H 278 27.13 -60.94 0.41
CA GLU H 278 27.58 -62.19 -0.21
C GLU H 278 26.57 -63.34 -0.09
N HIS H 279 26.08 -63.58 1.12
CA HIS H 279 25.13 -64.66 1.36
C HIS H 279 23.73 -64.20 1.74
N ALA H 280 23.33 -63.05 1.20
CA ALA H 280 22.00 -62.49 1.48
C ALA H 280 21.04 -62.87 0.36
N PRO H 281 19.74 -62.96 0.66
CA PRO H 281 18.77 -63.32 -0.38
C PRO H 281 18.80 -62.34 -1.56
N GLU H 282 18.43 -62.82 -2.73
CA GLU H 282 18.41 -62.00 -3.94
C GLU H 282 17.59 -60.73 -3.75
N GLY H 283 18.15 -59.60 -4.18
CA GLY H 283 17.47 -58.34 -4.07
C GLY H 283 17.57 -57.60 -2.74
N THR H 284 18.36 -58.11 -1.81
CA THR H 284 18.50 -57.46 -0.51
C THR H 284 19.21 -56.12 -0.71
N VAL H 285 18.74 -55.10 0.00
CA VAL H 285 19.32 -53.75 -0.08
C VAL H 285 19.94 -53.36 1.26
N LEU H 286 21.19 -52.92 1.22
CA LEU H 286 21.90 -52.51 2.44
C LEU H 286 22.46 -51.09 2.32
N LEU H 287 22.56 -50.40 3.45
CA LEU H 287 23.07 -49.04 3.50
C LEU H 287 24.12 -48.93 4.58
N ALA H 288 25.30 -48.46 4.22
CA ALA H 288 26.41 -48.30 5.15
C ALA H 288 26.84 -46.83 5.26
N MET H 289 27.17 -46.40 6.47
CA MET H 289 27.59 -45.01 6.71
C MET H 289 29.08 -44.83 6.53
N LEU H 290 29.46 -43.78 5.78
CA LEU H 290 30.87 -43.46 5.54
C LEU H 290 31.18 -42.22 6.36
N PRO H 291 31.64 -42.41 7.60
CA PRO H 291 31.98 -41.35 8.54
C PRO H 291 32.76 -40.12 8.06
N ASP H 292 33.87 -40.32 7.34
CA ASP H 292 34.65 -39.18 6.91
C ASP H 292 35.50 -39.38 5.67
N THR H 293 36.27 -38.35 5.32
CA THR H 293 37.14 -38.37 4.16
C THR H 293 38.43 -39.10 4.48
N GLY H 294 38.97 -39.82 3.48
CA GLY H 294 40.21 -40.54 3.69
C GLY H 294 41.39 -39.59 3.65
N GLU H 295 41.13 -38.34 3.27
CA GLU H 295 42.20 -37.34 3.17
C GLU H 295 42.95 -37.08 4.49
N ARG H 296 42.41 -37.58 5.60
CA ARG H 296 43.06 -37.38 6.90
C ARG H 296 43.87 -38.59 7.33
N TYR H 297 43.75 -39.68 6.59
CA TYR H 297 44.45 -40.90 6.92
C TYR H 297 45.72 -41.08 6.10
N LEU H 298 46.36 -39.96 5.80
CA LEU H 298 47.59 -39.94 5.01
C LEU H 298 48.75 -40.58 5.78
N SER H 299 48.94 -40.14 7.01
CA SER H 299 50.01 -40.67 7.86
C SER H 299 49.46 -41.75 8.77
N THR H 300 48.67 -42.66 8.20
CA THR H 300 48.07 -43.74 8.96
C THR H 300 48.33 -45.08 8.28
N PHE H 301 47.78 -46.15 8.85
CA PHE H 301 47.98 -47.48 8.28
C PHE H 301 47.05 -47.79 7.13
N LEU H 302 46.39 -46.74 6.61
CA LEU H 302 45.50 -46.88 5.47
C LEU H 302 46.43 -46.86 4.27
N PHE H 303 47.48 -46.04 4.38
CA PHE H 303 48.49 -45.91 3.34
C PHE H 303 49.73 -46.63 3.83
N ASP H 304 49.55 -47.85 4.31
CA ASP H 304 50.64 -48.67 4.82
C ASP H 304 51.35 -49.40 3.70
N GLY H 305 52.65 -49.13 3.54
CA GLY H 305 53.40 -49.77 2.48
C GLY H 305 52.82 -49.45 1.12
N VAL H 306 52.72 -48.16 0.82
CA VAL H 306 52.18 -47.72 -0.46
C VAL H 306 53.29 -47.01 -1.23
N ASP H 307 53.50 -47.41 -2.49
CA ASP H 307 54.53 -46.83 -3.33
C ASP H 307 54.61 -45.31 -3.15
N GLU H 308 55.62 -44.86 -2.43
CA GLU H 308 55.82 -43.44 -2.19
C GLU H 308 56.65 -42.79 -3.29
N GLY H 309 56.90 -43.55 -4.35
CA GLY H 309 57.69 -43.01 -5.46
C GLY H 309 57.04 -43.20 -6.82
N SER H 310 57.82 -43.68 -7.79
CA SER H 310 57.34 -43.91 -9.14
C SER H 310 57.12 -45.39 -9.42
N ASP H 311 56.29 -45.69 -10.42
CA ASP H 311 55.99 -47.07 -10.78
C ASP H 311 56.85 -47.52 -11.96
N ASP H 312 58.14 -47.20 -11.89
CA ASP H 312 59.09 -47.56 -12.95
C ASP H 312 58.89 -48.99 -13.45
N ALA H 313 58.82 -49.94 -12.51
CA ALA H 313 58.65 -51.35 -12.83
C ALA H 313 57.39 -51.62 -13.65
N TRP H 314 56.28 -51.03 -13.22
CA TRP H 314 55.01 -51.20 -13.91
C TRP H 314 55.10 -50.86 -15.39
N LEU H 315 55.75 -49.74 -15.71
CA LEU H 315 55.89 -49.29 -17.10
C LEU H 315 56.46 -50.36 -18.03
N ALA H 316 57.28 -51.24 -17.47
CA ALA H 316 57.92 -52.30 -18.24
C ALA H 316 56.94 -53.06 -19.14
N SER H 317 55.98 -53.74 -18.52
CA SER H 317 54.98 -54.51 -19.25
C SER H 317 54.25 -53.72 -20.34
#